data_5FEC
#
_entry.id   5FEC
#
_cell.length_a   103.070
_cell.length_b   134.103
_cell.length_c   194.955
_cell.angle_alpha   90.00
_cell.angle_beta   90.00
_cell.angle_gamma   90.00
#
_symmetry.space_group_name_H-M   'P 21 21 21'
#
loop_
_entity.id
_entity.type
_entity.pdbx_description
1 polymer 'germline 3BNC60 heavy chain'
2 polymer 'germline 3BNC60 light chain'
3 polymer '426c.TM4deltaV1-3 gp120'
4 branched alpha-D-mannopyranose-(1-2)-alpha-D-mannopyranose-(1-3)-beta-D-mannopyranose-(1-4)-2-acetamido-2-deoxy-beta-D-glucopyranose-(1-4)-2-acetamido-2-deoxy-beta-D-glucopyranose
5 branched alpha-D-mannopyranose-(1-3)-beta-D-mannopyranose-(1-4)-2-acetamido-2-deoxy-beta-D-glucopyranose-(1-4)-2-acetamido-2-deoxy-beta-D-glucopyranose
6 branched alpha-D-mannopyranose-(1-2)-alpha-D-mannopyranose-(1-2)-alpha-D-mannopyranose-(1-3)-[alpha-D-mannopyranose-(1-6)-alpha-D-mannopyranose-(1-6)]beta-D-mannopyranose-(1-4)-2-acetamido-2-deoxy-beta-D-glucopyranose-(1-4)-2-acetamido-2-deoxy-beta-D-glucopyranose
7 branched 2-acetamido-2-deoxy-beta-D-glucopyranose-(1-4)-2-acetamido-2-deoxy-beta-D-glucopyranose
8 non-polymer 2-acetamido-2-deoxy-beta-D-glucopyranose
#
loop_
_entity_poly.entity_id
_entity_poly.type
_entity_poly.pdbx_seq_one_letter_code
_entity_poly.pdbx_strand_id
1 'polypeptide(L)'
;QVQLVQSGAEVKKPGASVKVSCKASGYTFTGYYMHWVRQAPGQGLEWMGWINPNSGGTNYAQKFQGRVTMTRDTSISTAY
MELSRLRSDDTAVYYCARERSDFWDFDLWGRGTLVTVSSASTKGPSVFPLAPSSKSTSGGTAALGCLVKDYFPEPVTVSW
NSGALTSGVHTFPAVLQSSGLYSLSSVVTVPSSSLGTQTYICNVNHKPSNTKVDKRVEPKSCDKHHHHHH
;
H,A
2 'polypeptide(L)'
;DIQMTQSPSSLSASVGDRVTITCQASQDISNYLNWYQQKPGKAPKLLIYDASNLETGVPSRFSGSGSGTDFTFTISSLQP
EDIATYYCQQYEFIGPGTKVDIKRTVAAPSVFIFPPSDEQLKSGTASVVCLLNNFYPREAKVQWKVDNALQSGNSQESVT
EQDSKDSTYSLSSTLTLSKADYEKHKVYACEVTHQGLSSPVTKSFNRGEC
;
L,B
3 'polypeptide(L)'
;VWKEAKTTLFCASDAKAYEKECHNVWATHACVPTDPNPQEVVLENVTENFNMWKNDMVDQMQEDVISIWDQCLKPCVKLT
GGSTLTQACPKVTFDPIPIHYCAPAGYAILKCNQKTFNGKGPCNNVSTVQCTHGIKPVVSTQLLLNGSLAEEEIVIRSKN
LRDNAKIIIVQLNKSVEIVCTRPNNGGSGSGGDIRQAYCQISGRQWSEAVNQVKKKLKEHFPHKQISFQSSSGGDLEITT
HSFNCGGEFFYCNTSGLFNDTISNATIMLPCRIKQIINMWQEVGKAIYAPPIKGQITCKSDITGLLLLRDGGDTTDNTEI
FRPSGGDMRDNWRSELYKYKVVEIKPLHHHHHH
;
C,D,G,I
#
# COMPACT_ATOMS: atom_id res chain seq x y z
N GLN A 1 -1.90 3.35 0.94
CA GLN A 1 -1.54 4.73 1.40
C GLN A 1 -1.11 4.58 2.85
N VAL A 2 -2.07 4.51 3.77
CA VAL A 2 -1.79 4.13 5.15
C VAL A 2 -2.22 2.69 5.30
N GLN A 3 -1.26 1.79 5.47
CA GLN A 3 -1.48 0.40 5.14
C GLN A 3 -0.60 -0.52 6.00
N LEU A 4 -1.09 -1.75 6.22
CA LEU A 4 -0.31 -2.85 6.80
C LEU A 4 -0.47 -4.10 5.93
N VAL A 5 0.63 -4.60 5.40
CA VAL A 5 0.60 -5.68 4.44
C VAL A 5 1.17 -6.88 5.09
N GLN A 6 0.42 -7.95 5.14
CA GLN A 6 0.96 -9.11 5.82
C GLN A 6 1.42 -10.18 4.84
N SER A 7 2.08 -11.20 5.37
CA SER A 7 2.54 -12.30 4.55
C SER A 7 1.36 -13.18 4.16
N GLY A 8 1.65 -14.15 3.27
CA GLY A 8 0.60 -14.99 2.71
C GLY A 8 0.21 -16.15 3.59
N ALA A 9 -0.88 -16.79 3.22
CA ALA A 9 -1.37 -17.90 4.01
C ALA A 9 -0.38 -19.06 4.04
N GLU A 10 -0.37 -19.79 5.16
CA GLU A 10 0.61 -20.81 5.53
C GLU A 10 -0.08 -22.12 5.94
N VAL A 11 0.69 -23.20 5.81
CA VAL A 11 0.37 -24.49 6.39
C VAL A 11 1.64 -25.05 7.05
N LYS A 12 1.51 -25.53 8.28
CA LYS A 12 2.62 -25.99 9.08
C LYS A 12 2.23 -27.21 9.89
N LYS A 13 3.16 -28.15 9.99
CA LYS A 13 2.85 -29.38 10.68
C LYS A 13 2.69 -29.07 12.18
N PRO A 14 1.86 -29.82 12.91
CA PRO A 14 1.75 -29.61 14.34
C PRO A 14 3.11 -29.72 14.97
N GLY A 15 3.31 -28.92 15.99
CA GLY A 15 4.58 -28.86 16.69
C GLY A 15 5.61 -27.96 16.06
N ALA A 16 5.37 -27.48 14.83
CA ALA A 16 6.26 -26.57 14.10
C ALA A 16 6.11 -25.09 14.54
N SER A 17 6.82 -24.20 13.85
CA SER A 17 6.65 -22.76 13.99
C SER A 17 5.94 -22.19 12.75
N VAL A 18 5.25 -21.08 12.95
CA VAL A 18 4.89 -20.22 11.83
C VAL A 18 5.38 -18.80 12.14
N LYS A 19 5.79 -18.05 11.10
CA LYS A 19 6.15 -16.64 11.28
C LYS A 19 5.24 -15.83 10.38
N VAL A 20 4.58 -14.84 10.95
CA VAL A 20 3.82 -13.92 10.15
C VAL A 20 4.48 -12.58 10.25
N SER A 21 4.61 -11.96 9.11
CA SER A 21 5.22 -10.65 8.97
C SER A 21 4.15 -9.61 8.63
N CYS A 22 4.37 -8.37 9.09
CA CYS A 22 3.44 -7.25 8.89
C CYS A 22 4.21 -6.00 8.56
N LYS A 23 3.99 -5.44 7.37
CA LYS A 23 4.76 -4.30 6.91
C LYS A 23 3.92 -3.04 6.74
N ALA A 24 4.35 -2.00 7.41
CA ALA A 24 3.53 -0.84 7.61
C ALA A 24 4.07 0.24 6.71
N SER A 25 3.16 0.94 6.04
CA SER A 25 3.53 1.97 5.09
C SER A 25 2.59 3.15 5.25
N GLY A 26 3.14 4.35 5.13
CA GLY A 26 2.37 5.54 5.21
C GLY A 26 2.22 6.10 6.60
N TYR A 27 3.06 5.70 7.54
CA TYR A 27 3.14 6.38 8.84
C TYR A 27 4.46 6.04 9.50
N THR A 28 4.76 6.73 10.61
CA THR A 28 6.00 6.44 11.33
C THR A 28 5.86 5.18 12.17
N PHE A 29 6.50 4.11 11.71
CA PHE A 29 6.40 2.80 12.35
C PHE A 29 6.71 2.88 13.84
N THR A 30 7.74 3.66 14.21
CA THR A 30 8.20 3.71 15.59
C THR A 30 7.16 4.35 16.50
N GLY A 31 6.20 5.07 15.90
CA GLY A 31 5.26 5.86 16.70
C GLY A 31 4.15 5.08 17.43
N TYR A 32 3.78 3.93 16.93
CA TYR A 32 2.61 3.27 17.48
C TYR A 32 2.92 1.82 17.84
N TYR A 33 2.25 1.32 18.86
CA TYR A 33 2.39 -0.07 19.24
C TYR A 33 1.65 -0.96 18.24
N MET A 34 2.25 -2.08 17.88
CA MET A 34 1.62 -3.01 16.97
C MET A 34 1.12 -4.24 17.71
N HIS A 35 -0.11 -4.61 17.44
CA HIS A 35 -0.71 -5.73 18.12
C HIS A 35 -1.01 -6.82 17.12
N TRP A 36 -1.13 -8.04 17.62
CA TRP A 36 -1.48 -9.18 16.82
C TRP A 36 -2.76 -9.74 17.42
N VAL A 37 -3.74 -10.01 16.56
CA VAL A 37 -5.00 -10.60 16.94
C VAL A 37 -5.29 -11.72 15.96
N ARG A 38 -5.76 -12.85 16.49
CA ARG A 38 -6.07 -14.03 15.70
C ARG A 38 -7.56 -14.29 15.82
N GLN A 39 -8.06 -15.11 14.89
CA GLN A 39 -9.48 -15.40 14.79
C GLN A 39 -9.61 -16.79 14.19
N ALA A 40 -10.04 -17.76 15.00
CA ALA A 40 -10.27 -19.10 14.50
C ALA A 40 -11.45 -19.09 13.54
N PRO A 41 -11.55 -20.07 12.62
CA PRO A 41 -12.66 -20.08 11.66
C PRO A 41 -14.06 -20.06 12.29
N GLY A 42 -14.81 -19.00 12.00
CA GLY A 42 -16.14 -18.91 12.54
C GLY A 42 -16.24 -18.39 13.95
N GLN A 43 -15.19 -17.85 14.50
CA GLN A 43 -15.15 -17.50 15.91
C GLN A 43 -14.84 -16.02 16.07
N GLY A 44 -14.71 -15.61 17.32
CA GLY A 44 -14.46 -14.23 17.62
C GLY A 44 -12.98 -13.98 17.68
N LEU A 45 -12.64 -12.74 18.03
CA LEU A 45 -11.28 -12.24 17.98
C LEU A 45 -10.55 -12.43 19.31
N GLU A 46 -9.29 -12.86 19.23
CA GLU A 46 -8.46 -13.15 20.40
C GLU A 46 -7.16 -12.35 20.30
N TRP A 47 -6.92 -11.50 21.28
CA TRP A 47 -5.71 -10.69 21.33
C TRP A 47 -4.51 -11.55 21.77
N MET A 48 -3.38 -11.37 21.08
CA MET A 48 -2.15 -12.14 21.30
C MET A 48 -1.07 -11.32 21.98
N GLY A 49 -0.97 -10.04 21.71
CA GLY A 49 0.04 -9.26 22.39
C GLY A 49 0.34 -8.02 21.57
N TRP A 50 1.23 -7.18 22.11
CA TRP A 50 1.73 -6.02 21.39
C TRP A 50 3.24 -5.92 21.45
N ILE A 51 3.80 -5.14 20.52
CA ILE A 51 5.23 -4.88 20.47
C ILE A 51 5.45 -3.38 20.32
N ASN A 52 6.49 -2.89 20.98
CA ASN A 52 6.90 -1.50 20.89
C ASN A 52 8.07 -1.51 19.93
N PRO A 53 7.98 -0.83 18.79
CA PRO A 53 9.09 -0.76 17.85
C PRO A 53 10.26 0.06 18.36
N ASN A 54 10.03 1.04 19.23
CA ASN A 54 11.17 1.73 19.84
C ASN A 54 12.00 0.76 20.66
N SER A 55 11.34 -0.02 21.51
CA SER A 55 11.99 -0.92 22.44
C SER A 55 12.30 -2.26 21.82
N GLY A 56 11.48 -2.66 20.88
CA GLY A 56 11.36 -4.06 20.59
C GLY A 56 10.69 -4.80 21.74
N GLY A 57 10.18 -4.03 22.70
CA GLY A 57 9.72 -4.62 23.91
C GLY A 57 8.35 -5.19 23.69
N THR A 58 8.05 -6.26 24.39
CA THR A 58 6.85 -7.02 24.06
C THR A 58 5.98 -7.21 25.30
N ASN A 59 4.71 -7.51 25.03
CA ASN A 59 3.78 -7.97 26.04
C ASN A 59 2.87 -9.03 25.42
N TYR A 60 2.87 -10.21 25.97
CA TYR A 60 2.12 -11.32 25.42
C TYR A 60 1.05 -11.75 26.39
N ALA A 61 -0.08 -12.13 25.82
CA ALA A 61 -1.17 -12.68 26.60
C ALA A 61 -0.70 -13.94 27.33
N GLN A 62 -1.24 -14.18 28.52
CA GLN A 62 -0.80 -15.31 29.30
C GLN A 62 -1.05 -16.62 28.56
N LYS A 63 -2.20 -16.72 27.87
CA LYS A 63 -2.55 -17.94 27.16
C LYS A 63 -1.42 -18.41 26.26
N PHE A 64 -0.71 -17.48 25.61
CA PHE A 64 0.35 -17.77 24.65
C PHE A 64 1.75 -17.55 25.20
N GLN A 65 1.88 -17.25 26.48
CA GLN A 65 3.20 -16.99 27.02
C GLN A 65 4.10 -18.17 26.71
N GLY A 66 5.32 -17.87 26.27
CA GLY A 66 6.32 -18.87 25.97
C GLY A 66 6.16 -19.56 24.64
N ARG A 67 5.06 -19.32 23.93
CA ARG A 67 4.87 -19.87 22.61
C ARG A 67 4.94 -18.80 21.54
N VAL A 68 4.79 -17.53 21.90
CA VAL A 68 4.71 -16.47 20.91
C VAL A 68 5.96 -15.58 20.99
N THR A 69 6.44 -15.12 19.81
CA THR A 69 7.57 -14.20 19.78
C THR A 69 7.36 -13.03 18.83
N MET A 70 7.38 -11.82 19.37
CA MET A 70 7.16 -10.64 18.55
C MET A 70 8.44 -9.82 18.44
N THR A 71 8.92 -9.68 17.23
CA THR A 71 10.13 -8.96 16.96
C THR A 71 9.80 -7.94 15.90
N ARG A 72 10.77 -7.10 15.58
CA ARG A 72 10.52 -6.10 14.58
C ARG A 72 11.83 -5.68 13.94
N ASP A 73 11.72 -5.09 12.76
CA ASP A 73 12.89 -4.62 12.02
C ASP A 73 12.64 -3.18 11.60
N THR A 74 12.84 -2.26 12.53
CA THR A 74 12.42 -0.89 12.25
C THR A 74 13.05 -0.37 10.98
N SER A 75 14.14 -1.00 10.51
CA SER A 75 14.81 -0.56 9.29
C SER A 75 13.91 -0.69 8.07
N ILE A 76 13.07 -1.72 8.01
CA ILE A 76 12.16 -1.92 6.91
C ILE A 76 10.73 -1.89 7.38
N SER A 77 10.49 -1.34 8.55
CA SER A 77 9.12 -1.10 9.01
C SER A 77 8.31 -2.37 9.11
N THR A 78 8.95 -3.45 9.53
CA THR A 78 8.31 -4.76 9.55
C THR A 78 8.26 -5.33 10.97
N ALA A 79 7.09 -5.84 11.33
CA ALA A 79 6.87 -6.53 12.57
C ALA A 79 6.70 -8.00 12.24
N TYR A 80 7.20 -8.89 13.10
CA TYR A 80 7.10 -10.33 12.87
C TYR A 80 6.40 -10.93 14.06
N MET A 81 5.61 -11.97 13.81
CA MET A 81 4.96 -12.75 14.85
C MET A 81 5.30 -14.19 14.60
N GLU A 82 5.84 -14.85 15.60
CA GLU A 82 6.18 -16.26 15.52
C GLU A 82 5.53 -17.07 16.61
N LEU A 83 4.76 -18.06 16.20
CA LEU A 83 4.07 -18.96 17.09
C LEU A 83 4.68 -20.33 16.91
N SER A 84 5.05 -20.92 18.02
CA SER A 84 5.77 -22.17 18.06
C SER A 84 4.87 -23.20 18.71
N ARG A 85 5.21 -24.46 18.47
CA ARG A 85 4.56 -25.61 19.08
C ARG A 85 3.09 -25.62 18.69
N LEU A 86 2.84 -25.32 17.42
CA LEU A 86 1.46 -25.17 16.95
C LEU A 86 0.60 -26.40 17.24
N ARG A 87 -0.64 -26.14 17.62
CA ARG A 87 -1.58 -27.20 17.77
C ARG A 87 -2.79 -26.89 16.92
N SER A 88 -3.54 -27.94 16.58
CA SER A 88 -4.57 -27.80 15.57
C SER A 88 -5.53 -26.66 15.90
N ASP A 89 -5.82 -26.39 17.18
CA ASP A 89 -6.71 -25.29 17.50
C ASP A 89 -6.07 -23.92 17.27
N ASP A 90 -4.81 -23.88 16.86
CA ASP A 90 -4.17 -22.64 16.44
C ASP A 90 -4.48 -22.27 15.00
N THR A 91 -5.10 -23.17 14.21
CA THR A 91 -5.60 -22.77 12.89
C THR A 91 -6.50 -21.55 13.05
N ALA A 92 -6.18 -20.46 12.36
CA ALA A 92 -6.91 -19.21 12.47
C ALA A 92 -6.36 -18.20 11.47
N VAL A 93 -7.04 -17.05 11.36
CA VAL A 93 -6.51 -15.91 10.63
C VAL A 93 -5.80 -14.96 11.59
N TYR A 94 -4.58 -14.60 11.24
CA TYR A 94 -3.78 -13.73 12.07
C TYR A 94 -3.75 -12.34 11.48
N TYR A 95 -4.00 -11.35 12.34
CA TYR A 95 -4.04 -9.96 11.98
C TYR A 95 -2.98 -9.20 12.78
N CYS A 96 -2.33 -8.22 12.11
CA CYS A 96 -1.55 -7.18 12.77
C CYS A 96 -2.45 -5.96 12.73
N ALA A 97 -2.36 -5.13 13.77
CA ALA A 97 -3.17 -3.93 13.89
C ALA A 97 -2.44 -2.83 14.66
N ARG A 98 -2.68 -1.57 14.29
CA ARG A 98 -2.04 -0.45 14.93
C ARG A 98 -2.96 0.06 16.03
N GLU A 99 -2.40 0.23 17.25
CA GLU A 99 -3.05 0.98 18.34
C GLU A 99 -2.87 2.45 18.07
N ARG A 100 -3.96 3.17 17.83
CA ARG A 100 -3.82 4.59 17.47
C ARG A 100 -3.52 5.47 18.66
N SER A 101 -4.18 5.20 19.78
CA SER A 101 -4.03 6.00 20.97
C SER A 101 -4.21 5.05 22.13
N ASP A 102 -4.00 5.57 23.35
CA ASP A 102 -4.17 4.73 24.52
C ASP A 102 -5.66 4.51 24.84
N PHE A 103 -6.53 4.67 23.83
CA PHE A 103 -7.87 4.10 23.80
C PHE A 103 -7.93 2.65 23.35
N TRP A 104 -6.81 2.12 22.85
CA TRP A 104 -6.74 0.79 22.24
C TRP A 104 -7.69 0.71 21.05
N ASP A 105 -7.83 1.82 20.35
CA ASP A 105 -8.60 1.88 19.12
C ASP A 105 -7.70 1.41 17.99
N PHE A 106 -8.06 0.29 17.40
CA PHE A 106 -7.27 -0.25 16.30
C PHE A 106 -7.83 0.27 14.98
N ASP A 107 -7.38 1.44 14.57
CA ASP A 107 -7.98 2.03 13.40
C ASP A 107 -7.52 1.37 12.12
N LEU A 108 -6.38 0.67 12.15
CA LEU A 108 -5.73 0.12 10.96
C LEU A 108 -5.47 -1.37 11.13
N TRP A 109 -5.92 -2.17 10.15
CA TRP A 109 -5.71 -3.62 10.14
C TRP A 109 -5.10 -4.09 8.82
N GLY A 110 -4.34 -5.11 8.94
CA GLY A 110 -3.84 -5.81 7.80
C GLY A 110 -4.93 -6.64 7.29
N ARG A 111 -4.75 -7.18 6.06
CA ARG A 111 -5.85 -7.91 5.48
C ARG A 111 -5.94 -9.30 6.16
N GLY A 112 -4.93 -9.69 6.96
CA GLY A 112 -4.95 -10.92 7.77
C GLY A 112 -4.46 -12.19 7.08
N THR A 113 -3.73 -13.10 7.75
CA THR A 113 -3.16 -14.27 7.07
C THR A 113 -3.64 -15.59 7.68
N LEU A 114 -4.07 -16.52 6.83
CA LEU A 114 -4.60 -17.77 7.31
C LEU A 114 -3.47 -18.76 7.54
N VAL A 115 -3.48 -19.38 8.71
CA VAL A 115 -2.49 -20.37 9.12
C VAL A 115 -3.20 -21.65 9.45
N THR A 116 -2.98 -22.66 8.64
CA THR A 116 -3.61 -23.94 8.88
C THR A 116 -2.57 -24.84 9.49
N VAL A 117 -2.80 -25.30 10.72
CA VAL A 117 -1.93 -26.23 11.39
C VAL A 117 -2.43 -27.60 11.02
N SER A 118 -1.61 -28.35 10.28
CA SER A 118 -2.01 -29.63 9.70
C SER A 118 -0.81 -30.43 9.25
N SER A 119 -0.88 -31.74 9.49
CA SER A 119 0.27 -32.63 9.35
C SER A 119 0.68 -32.77 7.89
N ALA A 120 -0.26 -32.71 6.98
CA ALA A 120 0.08 -32.87 5.58
C ALA A 120 -1.19 -32.60 4.84
N SER A 121 -1.12 -32.29 3.54
CA SER A 121 0.07 -31.86 2.74
C SER A 121 -0.45 -31.03 1.55
N THR A 122 0.29 -30.04 1.03
CA THR A 122 -0.35 -29.15 0.08
C THR A 122 -0.66 -29.84 -1.24
N LYS A 123 -1.78 -29.46 -1.83
CA LYS A 123 -2.21 -29.96 -3.12
C LYS A 123 -2.76 -28.80 -3.94
N GLY A 124 -2.33 -28.74 -5.19
CA GLY A 124 -2.86 -27.75 -6.07
C GLY A 124 -4.24 -28.15 -6.52
N PRO A 125 -5.02 -27.17 -6.90
CA PRO A 125 -6.38 -27.43 -7.34
C PRO A 125 -6.39 -27.86 -8.78
N SER A 126 -7.31 -28.74 -9.07
CA SER A 126 -7.74 -28.98 -10.43
C SER A 126 -8.83 -27.95 -10.69
N VAL A 127 -8.82 -27.36 -11.89
CA VAL A 127 -9.79 -26.33 -12.27
C VAL A 127 -10.56 -26.78 -13.49
N PHE A 128 -11.82 -27.08 -13.31
CA PHE A 128 -12.70 -27.56 -14.35
C PHE A 128 -13.76 -26.55 -14.74
N PRO A 129 -14.08 -26.45 -16.04
CA PRO A 129 -15.08 -25.49 -16.50
C PRO A 129 -16.51 -25.93 -16.27
N LEU A 130 -17.33 -24.97 -15.87
CA LEU A 130 -18.76 -25.20 -15.69
C LEU A 130 -19.38 -24.50 -16.88
N ALA A 131 -19.39 -25.17 -18.02
CA ALA A 131 -19.92 -24.61 -19.26
C ALA A 131 -21.40 -24.30 -19.22
N PRO A 132 -21.81 -23.23 -20.01
CA PRO A 132 -23.23 -22.95 -19.97
C PRO A 132 -23.90 -23.10 -21.32
N SER A 133 -24.96 -23.89 -21.43
CA SER A 133 -25.67 -24.02 -22.70
C SER A 133 -27.10 -23.53 -22.60
N SER A 134 -27.60 -23.45 -21.37
CA SER A 134 -28.96 -22.99 -21.13
C SER A 134 -29.08 -21.49 -21.31
N LYS A 135 -30.32 -21.03 -21.54
CA LYS A 135 -30.59 -19.62 -21.73
C LYS A 135 -31.37 -19.07 -20.55
N GLY A 140 -32.52 -14.78 -21.29
CA GLY A 140 -31.61 -13.76 -21.73
C GLY A 140 -30.44 -13.57 -20.78
N THR A 141 -30.29 -14.43 -19.76
CA THR A 141 -29.13 -14.41 -18.88
C THR A 141 -28.57 -15.81 -18.77
N ALA A 142 -27.29 -15.97 -19.08
CA ALA A 142 -26.63 -17.27 -19.02
C ALA A 142 -25.67 -17.32 -17.85
N ALA A 143 -25.49 -18.51 -17.29
CA ALA A 143 -24.56 -18.70 -16.19
C ALA A 143 -23.39 -19.58 -16.61
N LEU A 144 -22.18 -19.17 -16.23
CA LEU A 144 -20.98 -19.97 -16.42
C LEU A 144 -20.15 -19.89 -15.15
N GLY A 145 -19.08 -20.70 -15.09
CA GLY A 145 -18.24 -20.74 -13.91
C GLY A 145 -17.02 -21.63 -14.02
N CYS A 146 -16.43 -21.88 -12.83
CA CYS A 146 -15.21 -22.67 -12.61
C CYS A 146 -15.40 -23.54 -11.39
N LEU A 147 -15.09 -24.82 -11.55
CA LEU A 147 -15.01 -25.74 -10.42
C LEU A 147 -13.54 -25.84 -10.04
N VAL A 148 -13.22 -25.44 -8.83
CA VAL A 148 -11.85 -25.51 -8.34
C VAL A 148 -11.83 -26.64 -7.33
N LYS A 149 -11.36 -27.82 -7.75
CA LYS A 149 -11.58 -29.06 -7.03
C LYS A 149 -10.27 -29.61 -6.45
N ASP A 150 -10.36 -30.22 -5.25
CA ASP A 150 -9.34 -31.11 -4.66
C ASP A 150 -8.02 -30.39 -4.37
N TYR A 151 -8.08 -29.32 -3.58
CA TYR A 151 -6.88 -28.56 -3.24
C TYR A 151 -6.70 -28.51 -1.73
N PHE A 152 -5.48 -28.25 -1.30
CA PHE A 152 -5.23 -28.11 0.12
C PHE A 152 -3.99 -27.32 0.36
N PRO A 153 -3.97 -26.46 1.38
CA PRO A 153 -5.09 -26.05 2.22
C PRO A 153 -5.86 -24.89 1.66
N GLU A 154 -6.70 -24.31 2.50
CA GLU A 154 -7.27 -23.03 2.18
C GLU A 154 -6.13 -22.04 2.23
N PRO A 155 -6.25 -20.89 1.50
CA PRO A 155 -7.35 -20.50 0.61
C PRO A 155 -7.00 -20.47 -0.83
N VAL A 156 -8.00 -20.43 -1.72
CA VAL A 156 -7.79 -20.06 -3.12
C VAL A 156 -8.62 -18.82 -3.37
N THR A 157 -8.11 -17.93 -4.23
CA THR A 157 -8.85 -16.74 -4.69
C THR A 157 -9.14 -16.92 -6.17
N VAL A 158 -10.35 -16.54 -6.54
CA VAL A 158 -10.78 -16.65 -7.92
C VAL A 158 -11.29 -15.29 -8.34
N SER A 159 -10.90 -14.88 -9.53
CA SER A 159 -11.38 -13.68 -10.20
C SER A 159 -11.79 -14.06 -11.61
N TRP A 160 -12.38 -13.11 -12.34
CA TRP A 160 -12.78 -13.34 -13.71
C TRP A 160 -12.24 -12.25 -14.63
N ASN A 161 -11.63 -12.67 -15.73
CA ASN A 161 -11.02 -11.76 -16.71
C ASN A 161 -10.00 -10.86 -16.02
N SER A 162 -9.18 -11.48 -15.19
CA SER A 162 -8.13 -10.76 -14.50
C SER A 162 -8.67 -9.55 -13.74
N GLY A 163 -9.93 -9.64 -13.29
CA GLY A 163 -10.52 -8.63 -12.43
C GLY A 163 -11.41 -7.66 -13.13
N ALA A 164 -11.38 -7.66 -14.46
CA ALA A 164 -12.26 -6.80 -15.23
C ALA A 164 -13.72 -7.11 -14.96
N LEU A 165 -14.06 -8.39 -14.77
CA LEU A 165 -15.45 -8.82 -14.64
C LEU A 165 -15.82 -9.12 -13.19
N THR A 166 -16.73 -8.34 -12.66
CA THR A 166 -17.05 -8.42 -11.24
C THR A 166 -18.55 -8.52 -11.02
N SER A 167 -19.34 -7.93 -11.89
CA SER A 167 -20.78 -7.90 -11.69
C SER A 167 -21.37 -9.28 -11.92
N GLY A 168 -22.05 -9.79 -10.90
CA GLY A 168 -22.72 -11.06 -11.00
C GLY A 168 -21.86 -12.25 -10.74
N VAL A 169 -20.77 -12.05 -10.07
CA VAL A 169 -19.87 -13.11 -9.68
C VAL A 169 -20.22 -13.57 -8.28
N HIS A 170 -20.21 -14.87 -8.10
CA HIS A 170 -20.42 -15.50 -6.81
C HIS A 170 -19.35 -16.54 -6.69
N THR A 171 -18.42 -16.31 -5.79
CA THR A 171 -17.46 -17.34 -5.43
C THR A 171 -17.98 -17.95 -4.15
N PHE A 172 -18.24 -19.23 -4.19
CA PHE A 172 -18.81 -19.80 -2.98
C PHE A 172 -17.72 -20.09 -1.97
N PRO A 173 -18.10 -20.21 -0.70
CA PRO A 173 -17.19 -20.81 0.27
C PRO A 173 -16.86 -22.23 -0.15
N ALA A 174 -15.63 -22.62 0.16
CA ALA A 174 -15.20 -23.98 -0.07
C ALA A 174 -15.90 -24.92 0.89
N VAL A 175 -16.22 -26.07 0.38
CA VAL A 175 -16.70 -27.17 1.20
C VAL A 175 -15.58 -28.16 1.33
N LEU A 176 -15.45 -28.73 2.52
CA LEU A 176 -14.41 -29.70 2.83
C LEU A 176 -14.93 -31.10 2.49
N GLN A 177 -14.31 -31.75 1.53
CA GLN A 177 -14.83 -33.02 1.07
C GLN A 177 -14.60 -34.11 2.16
N SER A 178 -15.18 -35.29 1.92
CA SER A 178 -14.89 -36.48 2.69
C SER A 178 -13.43 -36.93 2.55
N SER A 179 -12.70 -36.39 1.55
CA SER A 179 -11.30 -36.68 1.33
C SER A 179 -10.39 -35.77 2.13
N GLY A 180 -10.98 -34.83 2.86
CA GLY A 180 -10.18 -33.85 3.56
C GLY A 180 -9.72 -32.70 2.69
N LEU A 181 -9.93 -32.80 1.37
CA LEU A 181 -9.56 -31.76 0.42
C LEU A 181 -10.71 -30.80 0.21
N TYR A 182 -10.35 -29.54 0.03
CA TYR A 182 -11.37 -28.53 -0.15
C TYR A 182 -11.84 -28.52 -1.62
N SER A 183 -12.96 -27.86 -1.84
CA SER A 183 -13.49 -27.70 -3.19
C SER A 183 -14.45 -26.50 -3.12
N LEU A 184 -14.42 -25.68 -4.18
CA LEU A 184 -15.34 -24.55 -4.33
C LEU A 184 -15.60 -24.34 -5.81
N SER A 185 -16.63 -23.53 -6.05
CA SER A 185 -17.09 -23.05 -7.33
C SER A 185 -17.16 -21.52 -7.35
N SER A 186 -16.82 -20.95 -8.50
CA SER A 186 -17.07 -19.54 -8.77
C SER A 186 -17.92 -19.51 -10.01
N VAL A 187 -19.04 -18.79 -9.94
CA VAL A 187 -19.96 -18.65 -11.06
C VAL A 187 -20.13 -17.18 -11.37
N VAL A 188 -20.63 -16.92 -12.57
CA VAL A 188 -21.03 -15.58 -12.94
C VAL A 188 -22.20 -15.69 -13.88
N THR A 189 -23.19 -14.80 -13.72
CA THR A 189 -24.29 -14.68 -14.68
C THR A 189 -23.93 -13.55 -15.64
N VAL A 190 -24.11 -13.80 -16.93
CA VAL A 190 -23.73 -12.88 -17.99
C VAL A 190 -24.91 -12.74 -18.93
N PRO A 191 -24.91 -11.70 -19.76
CA PRO A 191 -25.89 -11.63 -20.84
C PRO A 191 -25.73 -12.84 -21.74
N SER A 192 -26.85 -13.48 -22.09
CA SER A 192 -26.78 -14.61 -23.02
C SER A 192 -26.17 -14.18 -24.33
N SER A 193 -26.42 -12.95 -24.74
CA SER A 193 -25.87 -12.49 -25.99
C SER A 193 -24.35 -12.59 -25.99
N SER A 194 -23.74 -12.53 -24.80
CA SER A 194 -22.30 -12.42 -24.71
C SER A 194 -21.60 -13.70 -25.16
N LEU A 195 -22.25 -14.86 -25.05
CA LEU A 195 -21.54 -16.14 -25.04
C LEU A 195 -20.68 -16.37 -26.29
N GLY A 196 -21.20 -16.09 -27.48
CA GLY A 196 -20.32 -16.08 -28.64
C GLY A 196 -19.35 -14.90 -28.64
N THR A 197 -19.83 -13.71 -28.21
CA THR A 197 -19.13 -12.44 -28.40
C THR A 197 -17.81 -12.39 -27.62
N GLN A 198 -17.81 -12.77 -26.32
CA GLN A 198 -16.78 -12.41 -25.35
C GLN A 198 -16.14 -13.63 -24.70
N THR A 199 -14.81 -13.58 -24.55
CA THR A 199 -14.01 -14.53 -23.76
C THR A 199 -14.22 -14.41 -22.26
N TYR A 200 -14.32 -15.56 -21.62
CA TYR A 200 -14.43 -15.65 -20.16
C TYR A 200 -13.33 -16.55 -19.62
N ILE A 201 -12.45 -15.97 -18.81
CA ILE A 201 -11.37 -16.71 -18.18
C ILE A 201 -11.49 -16.57 -16.67
N CYS A 202 -11.44 -17.69 -15.96
CA CYS A 202 -11.34 -17.56 -14.51
C CYS A 202 -9.90 -17.74 -14.08
N ASN A 203 -9.49 -16.91 -13.13
CA ASN A 203 -8.13 -16.88 -12.65
C ASN A 203 -8.11 -17.42 -11.23
N VAL A 204 -7.57 -18.63 -11.09
CA VAL A 204 -7.50 -19.36 -9.83
C VAL A 204 -6.07 -19.31 -9.33
N ASN A 205 -5.90 -18.78 -8.12
CA ASN A 205 -4.60 -18.66 -7.46
C ASN A 205 -4.64 -19.36 -6.12
N HIS A 206 -3.73 -20.31 -5.93
CA HIS A 206 -3.56 -21.06 -4.69
C HIS A 206 -2.11 -20.93 -4.21
N LYS A 207 -1.79 -19.86 -3.49
CA LYS A 207 -0.39 -19.60 -3.15
C LYS A 207 0.26 -20.73 -2.34
N PRO A 208 -0.42 -21.39 -1.40
CA PRO A 208 0.23 -22.46 -0.63
C PRO A 208 0.94 -23.55 -1.49
N SER A 209 0.52 -23.76 -2.74
CA SER A 209 1.18 -24.67 -3.67
C SER A 209 1.81 -23.94 -4.85
N ASN A 210 1.75 -22.62 -4.83
CA ASN A 210 2.17 -21.76 -5.94
C ASN A 210 1.55 -22.19 -7.26
N THR A 211 0.31 -22.67 -7.19
CA THR A 211 -0.45 -23.02 -8.37
C THR A 211 -1.24 -21.80 -8.83
N LYS A 212 -1.09 -21.43 -10.10
CA LYS A 212 -1.88 -20.35 -10.70
C LYS A 212 -2.41 -20.79 -12.06
N VAL A 213 -3.69 -20.55 -12.27
CA VAL A 213 -4.38 -21.07 -13.45
C VAL A 213 -5.13 -19.95 -14.15
N ASP A 214 -5.10 -19.98 -15.48
CA ASP A 214 -6.06 -19.23 -16.28
C ASP A 214 -6.84 -20.26 -17.07
N LYS A 215 -8.17 -20.27 -16.91
CA LYS A 215 -9.04 -21.24 -17.54
C LYS A 215 -10.12 -20.51 -18.30
N ARG A 216 -10.09 -20.63 -19.65
CA ARG A 216 -11.14 -20.12 -20.54
C ARG A 216 -12.37 -21.03 -20.43
N VAL A 217 -13.52 -20.43 -20.17
CA VAL A 217 -14.76 -21.19 -20.00
C VAL A 217 -15.59 -21.04 -21.26
N GLU A 218 -15.67 -22.13 -22.07
CA GLU A 218 -16.16 -22.18 -23.43
C GLU A 218 -17.57 -22.78 -23.46
N PRO A 219 -18.40 -22.42 -24.45
CA PRO A 219 -19.76 -22.98 -24.53
C PRO A 219 -19.80 -24.53 -24.60
N GLN B 3 -13.63 -9.46 31.05
CA GLN B 3 -14.85 -10.23 30.72
C GLN B 3 -15.95 -9.34 30.11
N MET B 4 -16.50 -9.78 28.98
CA MET B 4 -17.29 -8.96 28.07
C MET B 4 -18.57 -9.69 27.67
N THR B 5 -19.69 -9.00 27.77
CA THR B 5 -20.98 -9.54 27.35
C THR B 5 -21.49 -8.79 26.13
N GLN B 6 -22.28 -9.47 25.32
CA GLN B 6 -22.87 -8.76 24.19
C GLN B 6 -24.23 -9.35 23.88
N SER B 7 -25.19 -8.48 23.55
CA SER B 7 -26.55 -8.91 23.31
C SER B 7 -27.19 -8.03 22.24
N PRO B 8 -28.00 -8.61 21.37
CA PRO B 8 -28.26 -10.05 21.26
C PRO B 8 -27.15 -10.72 20.51
N SER B 9 -27.22 -12.02 20.34
CA SER B 9 -26.25 -12.70 19.52
C SER B 9 -26.42 -12.32 18.06
N SER B 10 -27.65 -12.35 17.59
CA SER B 10 -27.97 -12.01 16.21
C SER B 10 -29.34 -11.37 16.15
N LEU B 11 -29.59 -10.68 15.06
CA LEU B 11 -30.89 -10.06 14.93
C LEU B 11 -31.13 -9.86 13.45
N SER B 12 -32.39 -9.96 13.04
CA SER B 12 -32.79 -9.61 11.68
C SER B 12 -33.53 -8.28 11.75
N ALA B 13 -33.37 -7.47 10.70
CA ALA B 13 -33.93 -6.14 10.67
C ALA B 13 -34.20 -5.71 9.24
N SER B 14 -35.24 -4.90 9.07
CA SER B 14 -35.59 -4.39 7.76
C SER B 14 -34.74 -3.17 7.46
N VAL B 15 -34.54 -2.92 6.17
CA VAL B 15 -33.83 -1.70 5.79
C VAL B 15 -34.55 -0.48 6.35
N GLY B 16 -33.77 0.47 6.90
CA GLY B 16 -34.28 1.63 7.59
C GLY B 16 -34.54 1.42 9.08
N ASP B 17 -34.64 0.19 9.56
CA ASP B 17 -34.98 0.02 10.96
C ASP B 17 -33.96 0.68 11.88
N ARG B 18 -34.38 0.87 13.12
CA ARG B 18 -33.47 1.25 14.18
C ARG B 18 -32.96 -0.05 14.79
N VAL B 19 -31.65 -0.23 14.76
CA VAL B 19 -30.98 -1.39 15.31
C VAL B 19 -30.17 -0.92 16.50
N THR B 20 -30.29 -1.63 17.61
CA THR B 20 -29.57 -1.32 18.83
C THR B 20 -28.92 -2.59 19.33
N ILE B 21 -27.67 -2.46 19.73
CA ILE B 21 -26.86 -3.54 20.28
C ILE B 21 -26.43 -3.07 21.65
N THR B 22 -26.24 -4.02 22.55
CA THR B 22 -25.77 -3.72 23.89
C THR B 22 -24.49 -4.51 24.21
N CYS B 23 -23.57 -3.86 24.92
CA CYS B 23 -22.36 -4.47 25.45
C CYS B 23 -22.33 -4.23 26.94
N GLN B 24 -21.98 -5.25 27.71
CA GLN B 24 -21.91 -5.12 29.17
C GLN B 24 -20.50 -5.51 29.58
N ALA B 25 -19.82 -4.61 30.31
CA ALA B 25 -18.47 -4.88 30.85
C ALA B 25 -18.45 -5.46 32.28
N ILE B 29 -15.95 -1.36 35.10
CA ILE B 29 -15.57 0.05 35.18
C ILE B 29 -15.23 0.56 33.77
N SER B 30 -15.23 1.90 33.59
CA SER B 30 -14.85 2.55 32.34
C SER B 30 -13.67 3.46 32.67
N ASN B 31 -12.87 3.84 31.68
CA ASN B 31 -13.14 3.58 30.27
C ASN B 31 -11.98 2.66 29.80
N TYR B 32 -11.83 2.27 28.51
CA TYR B 32 -12.47 2.81 27.32
C TYR B 32 -13.07 1.74 26.43
N LEU B 33 -14.02 2.13 25.59
CA LEU B 33 -14.85 1.19 24.83
C LEU B 33 -14.92 1.52 23.34
N ASN B 34 -14.58 0.56 22.51
CA ASN B 34 -14.59 0.76 21.07
C ASN B 34 -15.42 -0.33 20.40
N TRP B 35 -16.09 0.08 19.32
CA TRP B 35 -17.00 -0.72 18.53
C TRP B 35 -16.41 -0.97 17.14
N TYR B 36 -16.50 -2.23 16.69
CA TYR B 36 -15.98 -2.62 15.39
C TYR B 36 -17.06 -3.28 14.55
N GLN B 37 -16.96 -3.06 13.25
CA GLN B 37 -17.78 -3.79 12.30
C GLN B 37 -16.90 -4.73 11.48
N GLN B 38 -17.25 -6.00 11.43
CA GLN B 38 -16.44 -6.95 10.68
C GLN B 38 -17.34 -7.63 9.69
N LYS B 39 -17.08 -7.35 8.39
CA LYS B 39 -17.85 -8.01 7.35
C LYS B 39 -17.20 -9.33 6.96
N PRO B 40 -17.92 -10.17 6.23
CA PRO B 40 -17.41 -11.52 5.95
C PRO B 40 -16.14 -11.46 5.10
N GLY B 41 -15.12 -12.18 5.56
CA GLY B 41 -13.89 -12.29 4.82
C GLY B 41 -12.94 -11.13 4.99
N LYS B 42 -13.34 -10.08 5.70
CA LYS B 42 -12.53 -8.89 5.81
C LYS B 42 -12.04 -8.76 7.24
N ALA B 43 -11.13 -7.81 7.45
CA ALA B 43 -10.68 -7.42 8.76
C ALA B 43 -11.71 -6.52 9.43
N PRO B 44 -11.67 -6.44 10.73
CA PRO B 44 -12.49 -5.46 11.44
C PRO B 44 -12.24 -4.03 10.97
N LYS B 45 -13.29 -3.22 11.09
CA LYS B 45 -13.28 -1.80 10.79
C LYS B 45 -13.78 -1.08 12.03
N LEU B 46 -12.96 -0.19 12.55
CA LEU B 46 -13.34 0.60 13.73
C LEU B 46 -14.39 1.65 13.38
N LEU B 47 -15.49 1.63 14.14
CA LEU B 47 -16.59 2.58 13.99
C LEU B 47 -16.67 3.59 15.13
N ILE B 48 -16.62 3.14 16.37
CA ILE B 48 -16.89 3.99 17.52
C ILE B 48 -15.75 3.86 18.52
N TYR B 49 -15.20 4.98 18.96
CA TYR B 49 -14.13 4.90 19.92
C TYR B 49 -14.43 5.75 21.15
N ASP B 50 -13.86 5.36 22.28
CA ASP B 50 -14.15 5.99 23.57
C ASP B 50 -15.65 6.02 23.86
N ALA B 51 -16.33 4.94 23.47
CA ALA B 51 -17.76 4.73 23.69
C ALA B 51 -18.65 5.53 22.73
N SER B 52 -18.45 6.83 22.58
CA SER B 52 -19.44 7.63 21.90
C SER B 52 -18.94 8.32 20.64
N ASN B 53 -17.64 8.26 20.32
CA ASN B 53 -17.02 9.12 19.30
C ASN B 53 -17.04 8.43 17.94
N LEU B 54 -17.51 9.14 16.93
CA LEU B 54 -17.67 8.51 15.62
C LEU B 54 -16.40 8.69 14.79
N GLU B 55 -15.90 7.59 14.23
CA GLU B 55 -14.64 7.61 13.53
C GLU B 55 -14.82 8.40 12.26
N THR B 56 -13.74 9.04 11.81
CA THR B 56 -13.85 9.85 10.61
C THR B 56 -14.21 9.01 9.41
N GLY B 57 -15.01 9.58 8.51
CA GLY B 57 -15.30 8.94 7.26
C GLY B 57 -16.31 7.82 7.33
N VAL B 58 -16.88 7.60 8.51
CA VAL B 58 -17.86 6.55 8.76
C VAL B 58 -19.23 7.22 8.65
N PRO B 59 -20.26 6.59 8.06
CA PRO B 59 -21.56 7.23 7.98
C PRO B 59 -22.07 7.66 9.35
N SER B 60 -22.79 8.78 9.35
CA SER B 60 -23.40 9.33 10.53
C SER B 60 -24.50 8.43 11.13
N ARG B 61 -24.97 7.41 10.39
CA ARG B 61 -26.06 6.56 10.86
C ARG B 61 -25.66 5.67 12.06
N PHE B 62 -24.36 5.42 12.24
CA PHE B 62 -23.88 4.62 13.37
C PHE B 62 -23.57 5.53 14.55
N SER B 63 -23.84 5.06 15.77
CA SER B 63 -23.57 5.85 16.95
C SER B 63 -23.40 4.93 18.15
N GLY B 64 -22.84 5.47 19.21
CA GLY B 64 -22.65 4.69 20.41
C GLY B 64 -22.91 5.54 21.65
N SER B 65 -23.33 4.85 22.67
CA SER B 65 -23.63 5.50 23.92
C SER B 65 -23.09 4.66 25.07
N GLY B 66 -22.74 5.35 26.15
CA GLY B 66 -22.35 4.64 27.35
C GLY B 66 -22.79 5.29 28.64
N SER B 67 -23.13 4.48 29.63
CA SER B 67 -23.23 4.88 31.03
C SER B 67 -22.51 3.83 31.87
N GLY B 68 -21.56 4.28 32.68
CA GLY B 68 -20.82 3.40 33.59
C GLY B 68 -20.11 2.22 32.90
N THR B 69 -20.62 1.02 33.19
CA THR B 69 -20.19 -0.21 32.55
C THR B 69 -21.25 -0.80 31.61
N ASP B 70 -22.24 -0.01 31.20
CA ASP B 70 -23.25 -0.44 30.25
C ASP B 70 -23.13 0.43 29.01
N PHE B 71 -23.06 -0.19 27.84
CA PHE B 71 -22.86 0.52 26.58
C PHE B 71 -23.84 0.05 25.53
N THR B 72 -24.09 0.90 24.53
CA THR B 72 -24.94 0.52 23.42
C THR B 72 -24.45 1.14 22.12
N PHE B 73 -24.66 0.39 21.05
CA PHE B 73 -24.27 0.80 19.71
C PHE B 73 -25.53 0.79 18.85
N THR B 74 -25.76 1.86 18.09
CA THR B 74 -27.00 1.99 17.34
C THR B 74 -26.74 2.28 15.89
N ILE B 75 -27.47 1.57 15.04
CA ILE B 75 -27.71 1.96 13.65
C ILE B 75 -29.10 2.58 13.62
N SER B 76 -29.18 3.88 13.29
CA SER B 76 -30.46 4.58 13.28
C SER B 76 -31.35 4.07 12.15
N SER B 77 -30.77 3.82 10.98
CA SER B 77 -31.49 3.41 9.77
C SER B 77 -30.70 2.32 9.03
N LEU B 78 -31.04 1.06 9.30
CA LEU B 78 -30.23 -0.04 8.77
C LEU B 78 -30.16 -0.07 7.24
N GLN B 79 -28.97 -0.03 6.72
CA GLN B 79 -28.82 -0.07 5.29
C GLN B 79 -28.37 -1.44 4.85
N PRO B 80 -28.43 -1.72 3.56
CA PRO B 80 -28.11 -3.08 3.09
C PRO B 80 -26.66 -3.48 3.30
N GLU B 81 -25.72 -2.56 3.13
CA GLU B 81 -24.31 -2.82 3.33
C GLU B 81 -23.92 -2.95 4.80
N ASP B 82 -24.87 -2.96 5.75
CA ASP B 82 -24.55 -3.01 7.17
C ASP B 82 -24.55 -4.44 7.73
N ILE B 83 -24.80 -5.44 6.88
CA ILE B 83 -24.62 -6.85 7.25
C ILE B 83 -23.20 -7.10 7.73
N ALA B 84 -23.04 -7.37 9.00
CA ALA B 84 -21.71 -7.58 9.54
C ALA B 84 -21.85 -8.10 10.96
N THR B 85 -20.72 -8.38 11.57
CA THR B 85 -20.71 -8.63 13.00
C THR B 85 -20.17 -7.39 13.72
N TYR B 86 -20.70 -7.13 14.89
CA TYR B 86 -20.31 -5.93 15.62
C TYR B 86 -19.73 -6.33 16.97
N TYR B 87 -18.56 -5.79 17.27
CA TYR B 87 -17.79 -6.19 18.44
C TYR B 87 -17.53 -4.98 19.30
N CYS B 88 -17.81 -5.13 20.57
CA CYS B 88 -17.31 -4.15 21.49
C CYS B 88 -15.98 -4.65 22.04
N GLN B 89 -15.18 -3.73 22.53
CA GLN B 89 -13.88 -4.07 23.07
C GLN B 89 -13.40 -3.09 24.10
N GLN B 90 -12.72 -3.61 25.11
CA GLN B 90 -12.12 -2.78 26.13
C GLN B 90 -10.73 -3.34 26.27
N TYR B 91 -9.74 -2.56 25.88
CA TYR B 91 -8.37 -3.02 25.96
C TYR B 91 -8.28 -4.35 25.20
N GLU B 92 -7.66 -5.35 25.79
CA GLU B 92 -7.49 -6.67 25.15
C GLU B 92 -8.77 -7.43 24.88
N PHE B 93 -9.71 -7.30 25.79
CA PHE B 93 -10.96 -8.04 25.74
C PHE B 93 -11.96 -7.55 24.71
N ILE B 94 -12.59 -8.52 24.06
CA ILE B 94 -13.54 -8.30 22.98
C ILE B 94 -14.79 -9.12 23.22
N GLY B 95 -15.94 -8.49 22.98
CA GLY B 95 -17.19 -9.17 23.13
C GLY B 95 -17.38 -10.26 22.10
N PRO B 96 -18.20 -11.23 22.42
CA PRO B 96 -18.45 -12.30 21.48
C PRO B 96 -19.02 -11.83 20.19
N GLY B 97 -19.52 -10.62 20.09
CA GLY B 97 -20.00 -10.15 18.81
C GLY B 97 -21.49 -10.41 18.56
N THR B 98 -22.07 -9.52 17.73
CA THR B 98 -23.48 -9.51 17.36
C THR B 98 -23.64 -9.54 15.83
N LYS B 99 -24.20 -10.63 15.30
CA LYS B 99 -24.39 -10.80 13.86
C LYS B 99 -25.71 -10.15 13.38
N VAL B 100 -25.60 -9.19 12.45
CA VAL B 100 -26.71 -8.39 11.99
C VAL B 100 -26.95 -8.71 10.54
N ASP B 101 -28.12 -9.21 10.21
CA ASP B 101 -28.42 -9.56 8.83
C ASP B 101 -29.75 -8.91 8.47
N ILE B 102 -30.00 -8.80 7.17
CA ILE B 102 -31.15 -8.08 6.65
C ILE B 102 -32.33 -9.03 6.42
N LYS B 103 -33.54 -8.50 6.66
CA LYS B 103 -34.83 -9.08 6.33
C LYS B 103 -35.43 -8.40 5.09
N ARG B 104 -35.91 -9.20 4.13
CA ARG B 104 -36.35 -8.63 2.86
C ARG B 104 -37.50 -9.45 2.26
N THR B 105 -38.07 -8.89 1.19
CA THR B 105 -39.16 -9.54 0.49
C THR B 105 -38.69 -10.79 -0.22
N VAL B 106 -39.53 -11.82 -0.17
CA VAL B 106 -39.17 -13.11 -0.75
C VAL B 106 -38.72 -12.89 -2.18
N ALA B 107 -37.64 -13.56 -2.53
CA ALA B 107 -37.09 -13.50 -3.87
C ALA B 107 -36.88 -14.93 -4.36
N ALA B 108 -37.32 -15.16 -5.59
CA ALA B 108 -37.18 -16.46 -6.17
C ALA B 108 -35.75 -16.64 -6.66
N PRO B 109 -35.25 -17.87 -6.64
CA PRO B 109 -33.94 -18.16 -7.23
C PRO B 109 -34.04 -18.47 -8.72
N SER B 110 -33.11 -17.90 -9.47
CA SER B 110 -32.75 -18.42 -10.79
C SER B 110 -32.03 -19.75 -10.64
N VAL B 111 -32.26 -20.66 -11.58
CA VAL B 111 -31.69 -21.99 -11.49
C VAL B 111 -30.95 -22.37 -12.78
N PHE B 112 -29.76 -22.93 -12.58
CA PHE B 112 -28.90 -23.35 -13.67
C PHE B 112 -28.23 -24.65 -13.26
N ILE B 113 -27.96 -25.51 -14.25
CA ILE B 113 -27.33 -26.80 -14.00
C ILE B 113 -26.19 -27.00 -14.97
N PHE B 114 -25.13 -27.65 -14.50
CA PHE B 114 -23.88 -27.76 -15.23
C PHE B 114 -23.45 -29.23 -15.36
N PRO B 115 -23.27 -29.71 -16.58
CA PRO B 115 -22.76 -31.07 -16.79
C PRO B 115 -21.30 -31.16 -16.44
N PRO B 116 -20.82 -32.34 -16.10
CA PRO B 116 -19.39 -32.52 -15.86
C PRO B 116 -18.61 -32.29 -17.12
N SER B 117 -17.40 -31.78 -16.96
CA SER B 117 -16.59 -31.41 -18.12
C SER B 117 -15.91 -32.63 -18.75
N ASP B 118 -15.64 -32.53 -20.05
CA ASP B 118 -14.83 -33.56 -20.69
C ASP B 118 -13.43 -33.60 -20.07
N GLU B 119 -12.91 -32.46 -19.59
CA GLU B 119 -11.67 -32.51 -18.83
C GLU B 119 -11.80 -33.45 -17.65
N GLN B 120 -12.85 -33.29 -16.86
CA GLN B 120 -12.91 -34.03 -15.61
C GLN B 120 -13.16 -35.51 -15.90
N LEU B 121 -13.88 -35.79 -16.98
CA LEU B 121 -14.23 -37.16 -17.29
C LEU B 121 -12.99 -37.99 -17.56
N LYS B 122 -12.06 -37.44 -18.34
CA LYS B 122 -10.85 -38.14 -18.72
C LYS B 122 -10.05 -38.56 -17.51
N SER B 123 -10.26 -37.92 -16.36
CA SER B 123 -9.63 -38.28 -15.09
C SER B 123 -10.47 -39.24 -14.24
N GLY B 124 -11.72 -39.50 -14.59
CA GLY B 124 -12.43 -40.59 -13.97
C GLY B 124 -13.41 -40.22 -12.89
N THR B 125 -13.69 -38.96 -12.71
CA THR B 125 -14.75 -38.55 -11.79
C THR B 125 -15.68 -37.56 -12.51
N ALA B 126 -16.91 -37.46 -11.99
CA ALA B 126 -17.98 -36.64 -12.57
C ALA B 126 -18.66 -35.84 -11.50
N SER B 127 -18.55 -34.52 -11.59
CA SER B 127 -19.19 -33.59 -10.69
C SER B 127 -20.26 -32.87 -11.48
N VAL B 128 -21.47 -32.91 -10.96
CA VAL B 128 -22.59 -32.19 -11.53
C VAL B 128 -22.98 -31.14 -10.51
N VAL B 129 -23.33 -29.96 -11.01
CA VAL B 129 -23.48 -28.77 -10.19
C VAL B 129 -24.78 -28.07 -10.53
N CYS B 130 -25.56 -27.78 -9.49
CA CYS B 130 -26.81 -27.03 -9.58
C CYS B 130 -26.62 -25.70 -8.86
N LEU B 131 -27.11 -24.63 -9.48
CA LEU B 131 -26.94 -23.27 -8.95
C LEU B 131 -28.29 -22.66 -8.65
N LEU B 132 -28.41 -22.12 -7.44
CA LEU B 132 -29.53 -21.30 -7.01
C LEU B 132 -29.03 -19.88 -6.80
N ASN B 133 -29.58 -18.95 -7.56
CA ASN B 133 -29.00 -17.63 -7.73
C ASN B 133 -29.92 -16.53 -7.21
N ASN B 134 -29.44 -15.80 -6.20
CA ASN B 134 -30.09 -14.57 -5.77
C ASN B 134 -31.53 -14.82 -5.33
N PHE B 135 -31.65 -15.36 -4.14
CA PHE B 135 -32.96 -15.67 -3.59
C PHE B 135 -33.06 -15.29 -2.11
N TYR B 136 -34.28 -15.25 -1.61
CA TYR B 136 -34.50 -14.95 -0.20
C TYR B 136 -35.83 -15.52 0.10
N PRO B 137 -36.07 -16.01 1.34
CA PRO B 137 -35.10 -16.15 2.42
C PRO B 137 -34.06 -17.20 2.12
N ARG B 138 -33.20 -17.40 3.14
CA ARG B 138 -32.03 -18.29 3.06
C ARG B 138 -32.44 -19.74 2.91
N GLU B 139 -33.54 -20.12 3.58
CA GLU B 139 -34.08 -21.47 3.55
C GLU B 139 -34.32 -21.89 2.11
N ALA B 140 -33.85 -23.08 1.77
CA ALA B 140 -33.99 -23.61 0.42
C ALA B 140 -33.76 -25.11 0.46
N LYS B 141 -34.31 -25.82 -0.53
CA LYS B 141 -34.25 -27.27 -0.56
C LYS B 141 -34.00 -27.73 -1.99
N VAL B 142 -32.82 -28.31 -2.21
CA VAL B 142 -32.43 -28.91 -3.48
C VAL B 142 -32.26 -30.39 -3.20
N GLN B 143 -32.85 -31.21 -4.07
CA GLN B 143 -32.70 -32.67 -4.06
C GLN B 143 -32.41 -33.10 -5.50
N TRP B 144 -31.54 -34.11 -5.64
CA TRP B 144 -30.99 -34.56 -6.92
C TRP B 144 -31.80 -35.75 -7.42
N LYS B 145 -32.12 -35.74 -8.70
CA LYS B 145 -32.75 -36.86 -9.37
C LYS B 145 -31.87 -37.29 -10.53
N VAL B 146 -31.61 -38.59 -10.60
CA VAL B 146 -31.00 -39.22 -11.76
C VAL B 146 -32.00 -40.22 -12.32
N ASP B 147 -32.43 -40.00 -13.57
CA ASP B 147 -33.34 -40.95 -14.19
C ASP B 147 -34.49 -41.25 -13.24
N ASN B 148 -35.03 -40.19 -12.64
CA ASN B 148 -36.18 -40.23 -11.72
C ASN B 148 -35.78 -40.85 -10.37
N ALA B 149 -34.49 -41.05 -10.12
CA ALA B 149 -34.03 -41.69 -8.90
C ALA B 149 -33.40 -40.68 -7.95
N LEU B 150 -33.98 -40.56 -6.76
CA LEU B 150 -33.44 -39.70 -5.71
C LEU B 150 -32.06 -40.21 -5.28
N GLN B 151 -31.25 -39.30 -4.72
CA GLN B 151 -29.93 -39.63 -4.23
C GLN B 151 -29.78 -39.08 -2.83
N SER B 152 -28.90 -39.71 -2.05
CA SER B 152 -28.60 -39.29 -0.69
C SER B 152 -27.13 -39.53 -0.44
N GLY B 153 -26.53 -38.64 0.36
CA GLY B 153 -25.10 -38.65 0.64
C GLY B 153 -24.22 -38.43 -0.58
N ASN B 154 -24.80 -38.22 -1.75
CA ASN B 154 -24.08 -38.06 -3.02
C ASN B 154 -23.47 -36.68 -3.23
N SER B 155 -24.04 -35.66 -2.56
CA SER B 155 -23.84 -34.28 -2.89
C SER B 155 -23.49 -33.52 -1.62
N GLN B 156 -22.80 -32.38 -1.82
CA GLN B 156 -22.53 -31.31 -0.85
C GLN B 156 -23.03 -29.97 -1.38
N GLU B 157 -23.39 -29.06 -0.47
CA GLU B 157 -23.86 -27.75 -0.87
C GLU B 157 -23.22 -26.66 -0.01
N SER B 158 -23.21 -25.45 -0.57
CA SER B 158 -22.53 -24.30 0.02
C SER B 158 -23.30 -23.03 -0.29
N VAL B 159 -23.36 -22.13 0.68
CA VAL B 159 -24.15 -20.92 0.58
C VAL B 159 -23.27 -19.68 0.69
N THR B 160 -23.54 -18.68 -0.14
CA THR B 160 -22.83 -17.43 0.06
C THR B 160 -23.30 -16.72 1.32
N GLU B 161 -22.52 -15.71 1.71
CA GLU B 161 -22.95 -14.72 2.68
C GLU B 161 -24.00 -13.84 2.03
N GLN B 162 -24.79 -13.21 2.87
CA GLN B 162 -25.86 -12.35 2.40
C GLN B 162 -25.31 -11.18 1.59
N ASP B 163 -25.93 -10.91 0.45
CA ASP B 163 -25.42 -9.94 -0.49
C ASP B 163 -25.60 -8.50 -0.02
N SER B 164 -24.55 -7.72 -0.17
CA SER B 164 -24.53 -6.41 0.45
C SER B 164 -25.35 -5.38 -0.30
N LYS B 165 -25.65 -5.64 -1.58
CA LYS B 165 -26.41 -4.68 -2.38
C LYS B 165 -27.88 -5.04 -2.36
N ASP B 166 -28.19 -6.29 -2.71
CA ASP B 166 -29.57 -6.73 -2.88
C ASP B 166 -30.01 -7.76 -1.85
N SER B 167 -29.20 -8.01 -0.85
CA SER B 167 -29.60 -8.78 0.34
C SER B 167 -30.04 -10.21 0.04
N THR B 168 -29.74 -10.75 -1.16
CA THR B 168 -30.10 -12.13 -1.48
C THR B 168 -29.02 -13.13 -1.05
N TYR B 169 -29.33 -14.40 -1.24
CA TYR B 169 -28.36 -15.46 -1.12
C TYR B 169 -28.21 -16.20 -2.44
N SER B 170 -27.11 -16.93 -2.53
CA SER B 170 -26.91 -17.88 -3.59
C SER B 170 -26.46 -19.19 -2.98
N LEU B 171 -26.72 -20.29 -3.68
CA LEU B 171 -26.51 -21.62 -3.13
C LEU B 171 -26.02 -22.50 -4.25
N SER B 172 -25.02 -23.31 -3.93
CA SER B 172 -24.45 -24.30 -4.82
C SER B 172 -24.62 -25.67 -4.21
N SER B 173 -25.12 -26.63 -4.98
CA SER B 173 -25.24 -28.04 -4.59
C SER B 173 -24.48 -28.87 -5.61
N THR B 174 -23.60 -29.77 -5.15
CA THR B 174 -22.68 -30.45 -6.04
C THR B 174 -22.80 -31.97 -5.99
N LEU B 175 -23.06 -32.57 -7.14
CA LEU B 175 -23.23 -34.01 -7.24
C LEU B 175 -21.94 -34.63 -7.75
N THR B 176 -21.40 -35.57 -6.98
CA THR B 176 -20.15 -36.20 -7.33
C THR B 176 -20.40 -37.70 -7.41
N LEU B 177 -19.87 -38.30 -8.45
CA LEU B 177 -19.88 -39.74 -8.55
C LEU B 177 -18.90 -40.15 -9.65
N SER B 178 -18.48 -41.42 -9.60
CA SER B 178 -17.41 -41.92 -10.45
C SER B 178 -17.84 -41.90 -11.90
N LYS B 179 -16.86 -41.84 -12.79
CA LYS B 179 -17.21 -41.87 -14.21
C LYS B 179 -17.99 -43.12 -14.57
N ALA B 180 -17.69 -44.25 -13.92
CA ALA B 180 -18.43 -45.48 -14.11
C ALA B 180 -19.92 -45.28 -13.84
N ASP B 181 -20.27 -44.95 -12.59
CA ASP B 181 -21.66 -44.66 -12.30
C ASP B 181 -22.23 -43.65 -13.29
N TYR B 182 -21.47 -42.59 -13.58
CA TYR B 182 -22.03 -41.50 -14.37
C TYR B 182 -22.57 -42.04 -15.68
N GLU B 183 -21.78 -42.85 -16.38
CA GLU B 183 -22.20 -43.32 -17.70
C GLU B 183 -23.22 -44.46 -17.62
N LYS B 184 -23.47 -45.00 -16.43
CA LYS B 184 -24.55 -45.98 -16.30
C LYS B 184 -25.95 -45.34 -16.34
N HIS B 185 -26.08 -44.04 -16.63
CA HIS B 185 -27.38 -43.35 -16.64
C HIS B 185 -27.34 -42.29 -17.74
N LYS B 186 -28.51 -41.68 -17.97
CA LYS B 186 -28.70 -40.77 -19.11
C LYS B 186 -29.20 -39.39 -18.69
N VAL B 187 -30.28 -39.28 -17.90
CA VAL B 187 -30.93 -38.01 -17.57
C VAL B 187 -30.58 -37.60 -16.14
N TYR B 188 -30.00 -36.40 -16.00
CA TYR B 188 -29.55 -35.86 -14.71
C TYR B 188 -30.30 -34.57 -14.42
N ALA B 189 -30.91 -34.50 -13.24
CA ALA B 189 -31.84 -33.42 -12.89
C ALA B 189 -31.64 -33.03 -11.45
N CYS B 190 -31.86 -31.73 -11.16
CA CYS B 190 -31.95 -31.19 -9.80
C CYS B 190 -33.28 -30.43 -9.61
N GLU B 191 -33.94 -30.63 -8.43
CA GLU B 191 -35.28 -30.07 -8.14
C GLU B 191 -35.23 -29.09 -6.97
N VAL B 192 -35.47 -27.81 -7.27
CA VAL B 192 -35.34 -26.70 -6.34
C VAL B 192 -36.71 -26.35 -5.81
N THR B 193 -36.82 -26.28 -4.50
CA THR B 193 -38.05 -25.87 -3.83
C THR B 193 -37.77 -24.61 -3.01
N HIS B 194 -38.48 -23.53 -3.33
CA HIS B 194 -38.35 -22.28 -2.59
C HIS B 194 -39.70 -21.57 -2.49
N GLN B 195 -39.89 -20.82 -1.39
CA GLN B 195 -41.12 -20.02 -1.21
C GLN B 195 -41.40 -19.10 -2.39
N GLY B 196 -40.38 -18.55 -3.03
CA GLY B 196 -40.61 -17.74 -4.20
C GLY B 196 -41.20 -18.52 -5.37
N LEU B 197 -40.84 -19.79 -5.50
CA LEU B 197 -41.31 -20.60 -6.63
C LEU B 197 -42.62 -21.26 -6.24
N SER B 198 -43.71 -20.95 -6.97
CA SER B 198 -45.04 -21.49 -6.65
C SER B 198 -45.12 -23.01 -6.84
N SER B 199 -44.48 -23.52 -7.89
CA SER B 199 -44.28 -24.94 -8.07
C SER B 199 -42.77 -25.16 -8.09
N PRO B 200 -42.26 -26.23 -7.49
CA PRO B 200 -40.82 -26.44 -7.46
C PRO B 200 -40.26 -26.64 -8.85
N VAL B 201 -39.17 -25.91 -9.15
CA VAL B 201 -38.58 -25.90 -10.48
C VAL B 201 -37.63 -27.08 -10.59
N THR B 202 -37.44 -27.56 -11.82
CA THR B 202 -36.53 -28.65 -12.10
C THR B 202 -35.70 -28.33 -13.33
N LYS B 203 -34.39 -28.52 -13.21
CA LYS B 203 -33.49 -28.30 -14.34
C LYS B 203 -32.75 -29.61 -14.60
N SER B 204 -32.49 -29.91 -15.87
CA SER B 204 -31.84 -31.18 -16.18
C SER B 204 -31.30 -31.19 -17.61
N PHE B 205 -30.59 -32.29 -17.91
CA PHE B 205 -29.92 -32.50 -19.19
C PHE B 205 -29.67 -33.99 -19.40
N ASN B 206 -29.33 -34.33 -20.65
CA ASN B 206 -29.05 -35.70 -21.12
C ASN B 206 -27.54 -35.94 -21.17
N ARG B 207 -27.09 -37.09 -20.67
CA ARG B 207 -25.64 -37.40 -20.67
C ARG B 207 -24.98 -37.22 -22.04
N VAL C 2 -29.64 40.51 -11.52
CA VAL C 2 -29.11 39.13 -11.61
C VAL C 2 -29.39 38.31 -10.34
N GLN C 3 -30.51 37.60 -10.35
CA GLN C 3 -31.10 37.09 -9.14
C GLN C 3 -31.63 35.68 -9.36
N LEU C 4 -31.57 34.91 -8.29
CA LEU C 4 -32.23 33.62 -8.25
C LEU C 4 -33.11 33.59 -7.01
N VAL C 5 -34.41 33.31 -7.18
CA VAL C 5 -35.34 33.44 -6.09
C VAL C 5 -36.06 32.15 -5.87
N GLN C 6 -36.00 31.65 -4.63
CA GLN C 6 -36.52 30.33 -4.36
C GLN C 6 -37.77 30.47 -3.51
N SER C 7 -38.55 29.40 -3.43
CA SER C 7 -39.71 29.42 -2.58
C SER C 7 -39.37 29.40 -1.10
N GLY C 8 -40.42 29.51 -0.29
CA GLY C 8 -40.27 29.57 1.15
C GLY C 8 -40.10 28.25 1.77
N ALA C 9 -39.70 28.31 3.04
CA ALA C 9 -39.43 27.09 3.79
C ALA C 9 -40.68 26.22 3.85
N GLU C 10 -40.44 24.93 4.02
CA GLU C 10 -41.46 23.91 3.96
C GLU C 10 -41.24 22.93 5.09
N VAL C 11 -42.33 22.35 5.55
CA VAL C 11 -42.28 21.31 6.56
C VAL C 11 -43.19 20.17 6.12
N LYS C 12 -42.69 18.92 6.18
CA LYS C 12 -43.34 17.79 5.52
C LYS C 12 -43.27 16.52 6.35
N LYS C 13 -44.32 15.71 6.24
CA LYS C 13 -44.32 14.45 6.96
C LYS C 13 -43.54 13.40 6.15
N PRO C 14 -42.95 12.41 6.82
CA PRO C 14 -42.23 11.35 6.08
C PRO C 14 -43.14 10.67 5.08
N GLY C 15 -42.55 10.31 3.95
CA GLY C 15 -43.28 9.69 2.86
C GLY C 15 -43.86 10.68 1.87
N ALA C 16 -43.96 11.97 2.22
CA ALA C 16 -44.53 12.98 1.35
C ALA C 16 -43.53 13.41 0.29
N SER C 17 -43.96 14.36 -0.54
CA SER C 17 -43.10 14.94 -1.55
C SER C 17 -42.99 16.43 -1.32
N VAL C 18 -41.85 16.99 -1.69
CA VAL C 18 -41.61 18.41 -1.59
C VAL C 18 -41.23 18.89 -3.00
N LYS C 19 -41.61 20.14 -3.32
CA LYS C 19 -41.25 20.84 -4.56
C LYS C 19 -40.75 22.24 -4.19
N VAL C 20 -39.50 22.53 -4.53
CA VAL C 20 -38.85 23.82 -4.36
C VAL C 20 -38.72 24.49 -5.71
N SER C 21 -39.06 25.76 -5.78
CA SER C 21 -39.01 26.47 -7.04
C SER C 21 -37.82 27.41 -7.04
N CYS C 22 -37.43 27.81 -8.23
CA CYS C 22 -36.26 28.65 -8.34
C CYS C 22 -36.45 29.51 -9.59
N LYS C 23 -36.81 30.78 -9.40
CA LYS C 23 -37.08 31.69 -10.51
C LYS C 23 -35.86 32.57 -10.72
N ALA C 24 -35.45 32.70 -11.98
CA ALA C 24 -34.25 33.42 -12.40
C ALA C 24 -34.64 34.79 -12.94
N SER C 25 -33.73 35.73 -12.82
CA SER C 25 -33.92 37.06 -13.37
C SER C 25 -32.57 37.66 -13.73
N GLY C 26 -32.60 38.61 -14.66
CA GLY C 26 -31.42 39.39 -14.98
C GLY C 26 -30.39 38.70 -15.87
N TYR C 27 -30.69 37.53 -16.41
CA TYR C 27 -29.78 36.90 -17.33
C TYR C 27 -30.60 35.93 -18.17
N THR C 28 -30.00 35.34 -19.20
CA THR C 28 -30.79 34.49 -20.10
C THR C 28 -30.94 33.07 -19.59
N PHE C 29 -32.16 32.75 -19.19
CA PHE C 29 -32.46 31.38 -18.91
C PHE C 29 -32.14 30.58 -20.15
N THR C 30 -32.07 29.27 -20.02
CA THR C 30 -31.85 28.49 -21.25
C THR C 30 -30.53 28.95 -21.84
N GLY C 31 -29.44 28.55 -21.23
CA GLY C 31 -28.17 29.07 -21.64
C GLY C 31 -27.13 28.95 -20.56
N TYR C 32 -27.62 28.59 -19.39
CA TYR C 32 -26.79 28.12 -18.31
C TYR C 32 -27.50 26.94 -17.63
N TYR C 33 -26.71 25.93 -17.31
CA TYR C 33 -27.21 24.76 -16.62
C TYR C 33 -27.55 25.08 -15.17
N MET C 34 -28.72 24.65 -14.75
CA MET C 34 -29.21 24.91 -13.40
C MET C 34 -29.03 23.65 -12.56
N HIS C 35 -28.28 23.79 -11.48
CA HIS C 35 -27.93 22.70 -10.59
C HIS C 35 -28.63 22.89 -9.26
N TRP C 36 -28.86 21.80 -8.56
CA TRP C 36 -29.42 21.87 -7.23
C TRP C 36 -28.39 21.30 -6.27
N VAL C 37 -28.22 21.95 -5.14
CA VAL C 37 -27.31 21.54 -4.07
C VAL C 37 -28.08 21.71 -2.79
N ARG C 38 -28.01 20.70 -1.92
CA ARG C 38 -28.63 20.72 -0.61
C ARG C 38 -27.58 20.62 0.47
N GLN C 39 -27.95 21.07 1.67
CA GLN C 39 -27.02 21.10 2.79
C GLN C 39 -27.83 20.84 4.05
N ALA C 40 -27.59 19.69 4.71
CA ALA C 40 -28.25 19.38 5.97
C ALA C 40 -27.66 20.19 7.11
N PRO C 41 -28.38 20.36 8.21
CA PRO C 41 -27.92 21.26 9.29
C PRO C 41 -26.57 20.86 9.86
N GLY C 42 -25.68 21.84 9.94
CA GLY C 42 -24.36 21.55 10.47
C GLY C 42 -23.47 20.69 9.59
N GLN C 43 -23.82 20.51 8.34
CA GLN C 43 -23.15 19.59 7.47
C GLN C 43 -22.63 20.35 6.27
N GLY C 44 -22.01 19.61 5.35
CA GLY C 44 -21.47 20.17 4.14
C GLY C 44 -22.45 20.12 2.98
N LEU C 45 -21.95 20.55 1.83
CA LEU C 45 -22.76 20.65 0.62
C LEU C 45 -22.81 19.32 -0.12
N GLU C 46 -23.97 19.05 -0.71
CA GLU C 46 -24.21 17.80 -1.43
C GLU C 46 -24.91 18.15 -2.73
N TRP C 47 -24.25 17.85 -3.84
CA TRP C 47 -24.80 18.08 -5.17
C TRP C 47 -25.89 17.03 -5.43
N MET C 48 -26.99 17.46 -6.04
CA MET C 48 -28.16 16.61 -6.34
C MET C 48 -28.35 16.34 -7.81
N GLY C 49 -28.03 17.31 -8.67
CA GLY C 49 -28.15 17.14 -10.12
C GLY C 49 -28.09 18.46 -10.85
N TRP C 50 -28.19 18.38 -12.19
CA TRP C 50 -28.43 19.56 -13.02
C TRP C 50 -29.58 19.35 -14.01
N ILE C 51 -30.18 20.48 -14.43
CA ILE C 51 -31.19 20.48 -15.50
C ILE C 51 -30.73 21.40 -16.62
N ASN C 52 -31.02 21.01 -17.84
CA ASN C 52 -30.78 21.86 -18.97
C ASN C 52 -32.07 22.56 -19.34
N PRO C 53 -32.14 23.89 -19.26
CA PRO C 53 -33.42 24.56 -19.52
C PRO C 53 -33.92 24.36 -20.94
N ASN C 54 -33.04 24.22 -21.94
CA ASN C 54 -33.56 24.01 -23.28
C ASN C 54 -34.28 22.68 -23.42
N SER C 55 -33.64 21.60 -23.02
CA SER C 55 -34.22 20.26 -23.16
C SER C 55 -34.91 19.77 -21.89
N GLY C 56 -34.26 19.95 -20.74
CA GLY C 56 -34.76 19.56 -19.45
C GLY C 56 -35.00 18.09 -19.24
N GLY C 57 -34.08 17.25 -19.70
CA GLY C 57 -32.69 17.59 -19.91
C GLY C 57 -32.04 17.41 -18.56
N THR C 58 -32.05 16.21 -17.95
CA THR C 58 -31.58 16.08 -16.56
C THR C 58 -30.48 15.04 -16.42
N ASN C 59 -29.73 15.21 -15.35
CA ASN C 59 -28.74 14.25 -14.87
C ASN C 59 -28.76 14.28 -13.36
N TYR C 60 -29.19 13.17 -12.73
CA TYR C 60 -29.29 13.11 -11.27
C TYR C 60 -28.15 12.27 -10.74
N ALA C 61 -27.62 12.67 -9.59
CA ALA C 61 -26.69 11.79 -8.88
C ALA C 61 -27.36 10.45 -8.55
N GLN C 62 -26.55 9.41 -8.50
CA GLN C 62 -27.09 8.08 -8.21
C GLN C 62 -27.91 8.08 -6.91
N LYS C 63 -27.40 8.72 -5.84
CA LYS C 63 -28.05 8.66 -4.53
C LYS C 63 -29.52 9.04 -4.64
N PHE C 64 -29.84 10.04 -5.45
CA PHE C 64 -31.21 10.53 -5.53
C PHE C 64 -32.00 9.93 -6.70
N GLN C 65 -31.40 9.02 -7.46
CA GLN C 65 -32.05 8.49 -8.63
C GLN C 65 -33.34 7.80 -8.26
N GLY C 66 -34.39 8.10 -9.01
CA GLY C 66 -35.70 7.54 -8.79
C GLY C 66 -36.53 8.32 -7.83
N ARG C 67 -35.95 9.29 -7.11
CA ARG C 67 -36.62 10.10 -6.09
C ARG C 67 -36.65 11.59 -6.34
N VAL C 68 -35.79 12.12 -7.18
CA VAL C 68 -35.77 13.54 -7.44
C VAL C 68 -36.23 13.72 -8.88
N THR C 69 -36.92 14.83 -9.15
CA THR C 69 -37.44 15.20 -10.47
C THR C 69 -37.20 16.68 -10.74
N MET C 70 -36.26 16.99 -11.60
CA MET C 70 -36.00 18.39 -11.94
C MET C 70 -36.71 18.78 -13.24
N THR C 71 -37.62 19.74 -13.13
CA THR C 71 -38.35 20.22 -14.30
C THR C 71 -38.11 21.73 -14.50
N ARG C 72 -38.61 22.28 -15.61
CA ARG C 72 -38.48 23.72 -15.77
C ARG C 72 -39.62 24.31 -16.61
N ASP C 73 -39.85 25.62 -16.42
CA ASP C 73 -40.86 26.39 -17.18
C ASP C 73 -40.20 27.63 -17.79
N THR C 74 -39.69 27.47 -19.01
CA THR C 74 -38.94 28.53 -19.68
C THR C 74 -39.76 29.81 -19.83
N SER C 75 -41.07 29.69 -19.88
CA SER C 75 -41.90 30.86 -20.10
C SER C 75 -41.76 31.85 -18.95
N ILE C 76 -41.58 31.37 -17.73
CA ILE C 76 -41.47 32.24 -16.55
C ILE C 76 -40.10 32.11 -15.88
N SER C 77 -39.14 31.45 -16.51
CA SER C 77 -37.78 31.35 -16.02
C SER C 77 -37.68 30.75 -14.61
N THR C 78 -38.57 29.82 -14.31
CA THR C 78 -38.56 29.08 -13.06
C THR C 78 -38.08 27.64 -13.24
N ALA C 79 -37.30 27.14 -12.28
CA ALA C 79 -36.81 25.77 -12.27
C ALA C 79 -37.31 25.05 -11.03
N TYR C 80 -37.67 23.77 -11.20
CA TYR C 80 -38.32 23.02 -10.13
C TYR C 80 -37.46 21.82 -9.74
N MET C 81 -37.36 21.60 -8.44
CA MET C 81 -36.74 20.41 -7.89
C MET C 81 -37.79 19.78 -6.99
N GLU C 82 -38.18 18.55 -7.32
CA GLU C 82 -39.12 17.76 -6.54
C GLU C 82 -38.37 16.57 -5.99
N LEU C 83 -38.39 16.43 -4.67
CA LEU C 83 -37.92 15.25 -3.96
C LEU C 83 -39.10 14.55 -3.30
N SER C 84 -39.17 13.23 -3.48
CA SER C 84 -40.30 12.40 -3.07
C SER C 84 -39.86 11.32 -2.07
N ARG C 85 -40.84 10.66 -1.45
CA ARG C 85 -40.54 9.63 -0.47
C ARG C 85 -39.55 10.17 0.57
N LEU C 86 -39.94 11.25 1.20
CA LEU C 86 -39.03 11.93 2.09
C LEU C 86 -38.76 11.09 3.34
N ARG C 87 -37.50 11.10 3.75
CA ARG C 87 -37.05 10.52 5.00
C ARG C 87 -36.70 11.67 5.92
N SER C 88 -36.57 11.40 7.20
CA SER C 88 -36.22 12.48 8.10
C SER C 88 -34.83 13.05 7.79
N ASP C 89 -33.90 12.26 7.25
CA ASP C 89 -32.56 12.78 6.96
C ASP C 89 -32.49 13.61 5.69
N ASP C 90 -33.60 13.80 4.97
CA ASP C 90 -33.68 14.69 3.83
C ASP C 90 -33.92 16.13 4.25
N THR C 91 -34.12 16.36 5.56
CA THR C 91 -34.22 17.71 6.08
C THR C 91 -32.94 18.47 5.79
N ALA C 92 -33.04 19.50 4.95
CA ALA C 92 -31.87 20.30 4.61
C ALA C 92 -32.36 21.63 4.02
N VAL C 93 -31.39 22.50 3.69
CA VAL C 93 -31.57 23.71 2.90
C VAL C 93 -31.18 23.44 1.45
N TYR C 94 -32.15 23.62 0.56
CA TYR C 94 -31.97 23.30 -0.84
C TYR C 94 -31.69 24.55 -1.66
N TYR C 95 -30.51 24.59 -2.24
CA TYR C 95 -30.02 25.68 -3.07
C TYR C 95 -30.21 25.31 -4.53
N CYS C 96 -30.66 26.27 -5.32
CA CYS C 96 -30.45 26.22 -6.76
C CYS C 96 -29.33 27.19 -7.09
N ALA C 97 -28.55 26.83 -8.12
CA ALA C 97 -27.36 27.58 -8.49
C ALA C 97 -27.15 27.49 -10.01
N ARG C 98 -26.56 28.53 -10.59
CA ARG C 98 -26.27 28.56 -12.02
C ARG C 98 -24.83 28.14 -12.32
N GLU C 99 -24.69 27.12 -13.18
CA GLU C 99 -23.38 26.79 -13.75
C GLU C 99 -22.99 27.86 -14.75
N ARG C 100 -22.06 28.73 -14.33
CA ARG C 100 -21.67 29.87 -15.16
C ARG C 100 -20.97 29.45 -16.43
N SER C 101 -20.05 28.49 -16.34
CA SER C 101 -19.24 28.02 -17.45
C SER C 101 -18.99 26.55 -17.25
N ASP C 102 -18.34 25.94 -18.23
CA ASP C 102 -18.01 24.52 -18.13
C ASP C 102 -16.81 24.29 -17.22
N PHE C 103 -16.45 25.31 -16.44
CA PHE C 103 -15.65 25.13 -15.21
C PHE C 103 -16.47 24.59 -14.04
N TRP C 104 -17.79 24.49 -14.18
CA TRP C 104 -18.71 24.23 -13.07
C TRP C 104 -18.56 25.28 -11.96
N ASP C 105 -18.31 26.54 -12.35
CA ASP C 105 -18.26 27.67 -11.41
C ASP C 105 -19.66 28.24 -11.18
N PHE C 106 -20.25 27.87 -10.05
CA PHE C 106 -21.55 28.33 -9.60
C PHE C 106 -21.38 29.71 -9.06
N ASP C 107 -21.40 30.69 -9.96
CA ASP C 107 -21.25 32.08 -9.56
C ASP C 107 -22.50 32.60 -8.89
N LEU C 108 -23.66 32.05 -9.23
CA LEU C 108 -24.94 32.62 -8.85
C LEU C 108 -25.75 31.60 -8.07
N TRP C 109 -26.13 31.96 -6.85
CA TRP C 109 -26.87 31.05 -6.00
C TRP C 109 -28.17 31.66 -5.56
N GLY C 110 -29.16 30.81 -5.35
CA GLY C 110 -30.33 31.21 -4.61
C GLY C 110 -30.09 31.28 -3.11
N ARG C 111 -31.00 32.01 -2.45
CA ARG C 111 -30.94 32.15 -1.01
C ARG C 111 -31.08 30.81 -0.27
N GLY C 112 -31.66 29.78 -0.88
CA GLY C 112 -31.95 28.51 -0.24
C GLY C 112 -33.35 28.47 0.36
N THR C 113 -33.95 27.27 0.33
CA THR C 113 -35.22 27.00 1.02
C THR C 113 -35.07 25.83 2.00
N LEU C 114 -35.46 26.08 3.25
CA LEU C 114 -35.35 25.06 4.28
C LEU C 114 -36.53 24.11 4.18
N VAL C 115 -36.22 22.82 4.14
CA VAL C 115 -37.22 21.76 4.13
C VAL C 115 -36.98 20.91 5.35
N THR C 116 -38.00 20.78 6.20
CA THR C 116 -37.97 19.96 7.39
C THR C 116 -38.90 18.78 7.23
N VAL C 117 -38.36 17.60 7.32
CA VAL C 117 -39.13 16.37 7.25
C VAL C 117 -39.30 15.85 8.66
N SER C 118 -40.55 15.71 9.14
CA SER C 118 -40.78 15.27 10.51
C SER C 118 -42.19 14.73 10.64
N SER C 119 -42.32 13.69 11.46
CA SER C 119 -43.61 13.12 11.83
C SER C 119 -44.31 13.89 12.94
N ALA C 120 -43.60 14.82 13.57
CA ALA C 120 -44.20 15.66 14.60
C ALA C 120 -45.19 16.64 13.99
N SER C 121 -46.18 17.02 14.79
CA SER C 121 -47.14 18.06 14.46
C SER C 121 -46.81 19.34 15.24
N THR C 122 -47.39 20.45 14.80
CA THR C 122 -47.09 21.75 15.40
C THR C 122 -47.37 21.76 16.91
N LYS C 123 -46.44 22.34 17.65
CA LYS C 123 -46.52 22.39 19.10
C LYS C 123 -45.92 23.71 19.55
N GLY C 124 -46.56 24.29 20.56
CA GLY C 124 -46.02 25.42 21.25
C GLY C 124 -45.00 24.95 22.27
N PRO C 125 -44.10 25.84 22.64
CA PRO C 125 -43.03 25.45 23.55
C PRO C 125 -43.48 25.42 24.99
N SER C 126 -42.87 24.53 25.74
CA SER C 126 -42.92 24.61 27.20
C SER C 126 -41.69 25.35 27.70
N VAL C 127 -41.91 26.44 28.41
CA VAL C 127 -40.86 27.33 28.86
C VAL C 127 -40.67 27.12 30.34
N PHE C 128 -39.47 26.60 30.76
CA PHE C 128 -39.08 26.31 32.10
C PHE C 128 -37.92 27.22 32.55
N PRO C 129 -37.87 27.57 33.84
CA PRO C 129 -36.85 28.51 34.30
C PRO C 129 -35.53 27.84 34.65
N LEU C 130 -34.45 28.52 34.29
CA LEU C 130 -33.09 28.09 34.65
C LEU C 130 -32.60 28.95 35.80
N ALA C 131 -33.06 28.58 37.00
CA ALA C 131 -32.94 29.47 38.16
C ALA C 131 -31.49 29.47 38.64
N PRO C 132 -30.95 30.64 39.10
CA PRO C 132 -29.54 30.70 39.48
C PRO C 132 -29.34 30.49 40.97
N SER C 133 -28.44 29.57 41.33
CA SER C 133 -28.15 29.36 42.76
C SER C 133 -27.05 30.29 43.29
N SER C 138 -21.07 32.62 40.80
CA SER C 138 -19.61 32.54 40.86
C SER C 138 -18.87 33.86 40.53
N GLY C 139 -17.89 34.21 41.35
CA GLY C 139 -17.05 35.38 41.09
C GLY C 139 -17.85 36.65 41.05
N GLY C 140 -18.88 36.76 41.90
CA GLY C 140 -19.75 37.90 41.85
C GLY C 140 -20.63 37.90 40.64
N THR C 141 -20.62 36.81 39.86
CA THR C 141 -21.44 36.60 38.66
C THR C 141 -22.24 35.30 38.75
N ALA C 142 -23.51 35.37 38.38
CA ALA C 142 -24.41 34.21 38.39
C ALA C 142 -25.19 34.14 37.08
N ALA C 143 -25.56 32.92 36.73
CA ALA C 143 -26.14 32.63 35.43
C ALA C 143 -27.52 32.05 35.64
N LEU C 144 -28.49 32.65 34.97
CA LEU C 144 -29.85 32.18 34.91
C LEU C 144 -30.18 32.01 33.44
N GLY C 145 -31.35 31.44 33.17
CA GLY C 145 -31.81 31.33 31.79
C GLY C 145 -33.22 30.79 31.73
N CYS C 146 -33.59 30.37 30.51
CA CYS C 146 -34.90 29.83 30.18
C CYS C 146 -34.71 28.64 29.28
N LEU C 147 -35.31 27.51 29.65
CA LEU C 147 -35.33 26.33 28.80
C LEU C 147 -36.63 26.35 28.02
N VAL C 148 -36.52 26.43 26.69
CA VAL C 148 -37.66 26.45 25.78
C VAL C 148 -37.67 25.08 25.12
N LYS C 149 -38.60 24.24 25.56
CA LYS C 149 -38.52 22.82 25.30
C LYS C 149 -39.77 22.35 24.54
N ASP C 150 -39.56 21.36 23.66
CA ASP C 150 -40.64 20.61 23.01
C ASP C 150 -41.58 21.50 22.19
N TYR C 151 -41.04 22.16 21.17
CA TYR C 151 -41.85 22.92 20.25
C TYR C 151 -41.67 22.38 18.84
N PHE C 152 -42.52 22.85 17.95
CA PHE C 152 -42.37 22.53 16.55
C PHE C 152 -43.17 23.43 15.72
N PRO C 153 -42.62 23.88 14.59
CA PRO C 153 -41.25 23.67 14.11
C PRO C 153 -40.34 24.85 14.48
N GLU C 154 -39.12 24.90 13.97
CA GLU C 154 -38.34 26.11 14.08
C GLU C 154 -39.10 27.23 13.42
N PRO C 155 -38.83 28.48 13.81
CA PRO C 155 -37.96 28.97 14.88
C PRO C 155 -38.72 29.54 16.10
N VAL C 156 -37.98 29.74 17.21
CA VAL C 156 -38.42 30.58 18.33
C VAL C 156 -37.41 31.68 18.51
N THR C 157 -37.91 32.87 18.83
CA THR C 157 -37.13 34.03 19.21
C THR C 157 -37.36 34.21 20.70
N VAL C 158 -36.31 34.61 21.41
CA VAL C 158 -36.36 34.88 22.84
C VAL C 158 -35.65 36.19 23.10
N SER C 159 -36.26 37.05 23.92
CA SER C 159 -35.60 38.25 24.43
C SER C 159 -35.74 38.24 25.95
N TRP C 160 -35.08 39.18 26.61
CA TRP C 160 -35.10 39.24 28.07
C TRP C 160 -35.59 40.63 28.44
N ASN C 161 -36.53 40.67 29.39
CA ASN C 161 -37.08 41.92 29.95
C ASN C 161 -37.53 42.83 28.82
N SER C 162 -38.29 42.25 27.91
CA SER C 162 -38.92 43.02 26.83
C SER C 162 -37.91 43.82 26.01
N GLY C 163 -36.74 43.23 25.83
CA GLY C 163 -35.74 43.74 24.93
C GLY C 163 -34.73 44.69 25.56
N ALA C 164 -34.92 45.04 26.84
CA ALA C 164 -34.03 45.99 27.50
C ALA C 164 -32.69 45.34 27.85
N LEU C 165 -32.71 44.07 28.18
CA LEU C 165 -31.52 43.37 28.61
C LEU C 165 -30.95 42.59 27.43
N THR C 166 -29.73 42.95 26.99
CA THR C 166 -29.10 42.28 25.87
C THR C 166 -27.71 41.78 26.26
N SER C 167 -27.00 42.53 27.10
CA SER C 167 -25.60 42.23 27.41
C SER C 167 -25.42 40.93 28.20
N GLY C 168 -24.56 40.04 27.69
CA GLY C 168 -24.35 38.77 28.35
C GLY C 168 -25.41 37.74 28.08
N VAL C 169 -26.28 38.00 27.13
CA VAL C 169 -27.34 37.09 26.73
C VAL C 169 -26.78 36.12 25.69
N HIS C 170 -27.16 34.86 25.82
CA HIS C 170 -26.74 33.85 24.87
C HIS C 170 -27.93 32.97 24.61
N THR C 171 -28.48 33.04 23.40
CA THR C 171 -29.50 32.09 22.96
C THR C 171 -28.87 31.10 22.01
N PHE C 172 -28.97 29.82 22.37
CA PHE C 172 -28.32 28.71 21.73
C PHE C 172 -29.15 28.25 20.52
N PRO C 173 -28.48 27.63 19.55
CA PRO C 173 -29.20 26.94 18.49
C PRO C 173 -30.05 25.81 19.04
N ALA C 174 -31.21 25.59 18.40
CA ALA C 174 -32.06 24.48 18.81
C ALA C 174 -31.39 23.16 18.47
N VAL C 175 -31.58 22.18 19.35
CA VAL C 175 -31.20 20.80 19.08
C VAL C 175 -32.48 20.08 18.83
N LEU C 176 -32.41 19.06 17.99
CA LEU C 176 -33.58 18.27 17.65
C LEU C 176 -33.59 17.01 18.52
N GLN C 177 -34.50 16.96 19.47
CA GLN C 177 -34.57 15.82 20.38
C GLN C 177 -35.10 14.57 19.65
N SER C 178 -34.82 13.41 20.25
CA SER C 178 -35.23 12.14 19.63
C SER C 178 -36.73 12.05 19.37
N SER C 179 -37.53 12.92 19.99
CA SER C 179 -38.98 13.01 19.86
C SER C 179 -39.41 13.82 18.66
N GLY C 180 -38.46 14.27 17.87
CA GLY C 180 -38.79 15.11 16.75
C GLY C 180 -39.19 16.52 17.11
N LEU C 181 -39.21 16.86 18.39
CA LEU C 181 -39.52 18.22 18.81
C LEU C 181 -38.25 18.95 19.22
N TYR C 182 -38.24 20.23 18.94
CA TYR C 182 -37.07 21.05 19.16
C TYR C 182 -36.98 21.54 20.61
N SER C 183 -35.75 21.89 21.00
CA SER C 183 -35.55 22.39 22.35
C SER C 183 -34.32 23.30 22.38
N LEU C 184 -34.45 24.52 22.93
CA LEU C 184 -33.31 25.40 23.02
C LEU C 184 -33.36 26.12 24.37
N SER C 185 -32.23 26.66 24.79
CA SER C 185 -32.07 27.43 26.01
C SER C 185 -31.60 28.84 25.72
N SER C 186 -32.02 29.78 26.54
CA SER C 186 -31.41 31.10 26.53
C SER C 186 -30.88 31.43 27.93
N VAL C 187 -29.63 31.88 27.99
CA VAL C 187 -28.99 32.12 29.28
C VAL C 187 -28.50 33.54 29.36
N VAL C 188 -28.27 33.97 30.57
CA VAL C 188 -27.74 35.33 30.73
C VAL C 188 -26.94 35.36 32.03
N THR C 189 -25.83 36.07 31.98
CA THR C 189 -25.00 36.32 33.15
C THR C 189 -25.34 37.71 33.66
N VAL C 190 -25.49 37.82 34.98
CA VAL C 190 -25.79 39.10 35.59
C VAL C 190 -24.87 39.27 36.78
N PRO C 191 -24.64 40.52 37.21
CA PRO C 191 -24.03 40.75 38.54
C PRO C 191 -24.89 40.11 39.63
N SER C 192 -24.30 39.18 40.39
CA SER C 192 -25.05 38.49 41.43
C SER C 192 -25.61 39.45 42.48
N SER C 193 -25.10 40.69 42.51
CA SER C 193 -25.65 41.73 43.40
C SER C 193 -27.07 42.11 43.05
N SER C 194 -27.49 41.84 41.83
CA SER C 194 -28.83 42.20 41.37
C SER C 194 -29.87 41.12 41.61
N LEU C 195 -29.46 39.90 41.98
CA LEU C 195 -30.40 38.79 41.97
C LEU C 195 -31.62 39.01 42.85
N GLY C 196 -31.46 39.73 43.97
CA GLY C 196 -32.58 40.01 44.83
C GLY C 196 -33.32 41.26 44.50
N THR C 197 -32.68 42.15 43.74
CA THR C 197 -33.15 43.50 43.52
C THR C 197 -33.73 43.68 42.12
N GLN C 198 -33.39 42.80 41.19
CA GLN C 198 -33.73 42.92 39.78
C GLN C 198 -34.56 41.72 39.33
N THR C 199 -35.65 42.03 38.63
CA THR C 199 -36.59 41.08 38.06
C THR C 199 -36.14 40.67 36.67
N TYR C 200 -36.05 39.35 36.44
CA TYR C 200 -35.57 38.78 35.18
C TYR C 200 -36.66 37.91 34.57
N ILE C 201 -37.15 38.34 33.41
CA ILE C 201 -38.20 37.66 32.66
C ILE C 201 -37.68 37.38 31.26
N CYS C 202 -37.89 36.16 30.76
CA CYS C 202 -37.54 35.88 29.38
C CYS C 202 -38.81 35.84 28.54
N ASN C 203 -38.75 36.51 27.40
CA ASN C 203 -39.86 36.68 26.48
C ASN C 203 -39.61 35.72 25.33
N VAL C 204 -40.45 34.69 25.24
CA VAL C 204 -40.32 33.63 24.25
C VAL C 204 -41.49 33.76 23.25
N ASN C 205 -41.13 33.75 21.97
CA ASN C 205 -42.08 33.89 20.87
C ASN C 205 -41.91 32.69 19.96
N HIS C 206 -43.03 32.11 19.58
CA HIS C 206 -43.07 31.01 18.63
C HIS C 206 -44.17 31.24 17.62
N LYS C 207 -43.89 32.02 16.56
CA LYS C 207 -44.91 32.34 15.57
C LYS C 207 -45.62 31.13 14.96
N PRO C 208 -44.96 30.04 14.59
CA PRO C 208 -45.70 28.89 14.04
C PRO C 208 -46.93 28.48 14.82
N SER C 209 -46.93 28.58 16.13
CA SER C 209 -48.15 28.22 16.86
C SER C 209 -48.89 29.45 17.36
N ASN C 210 -48.38 30.64 17.00
CA ASN C 210 -48.90 31.91 17.48
C ASN C 210 -48.83 31.99 19.01
N THR C 211 -47.74 31.46 19.58
CA THR C 211 -47.53 31.37 21.02
C THR C 211 -46.53 32.43 21.47
N LYS C 212 -46.90 33.24 22.45
CA LYS C 212 -45.93 34.09 23.11
C LYS C 212 -45.97 33.73 24.60
N VAL C 213 -44.80 33.72 25.27
CA VAL C 213 -44.68 33.37 26.70
C VAL C 213 -43.67 34.32 27.35
N ASP C 214 -43.94 34.72 28.59
CA ASP C 214 -43.06 35.58 29.38
C ASP C 214 -42.84 34.89 30.74
N LYS C 215 -41.61 34.41 31.04
CA LYS C 215 -41.35 33.53 32.20
C LYS C 215 -40.39 34.23 33.14
N ARG C 216 -40.84 34.51 34.37
CA ARG C 216 -40.00 35.13 35.39
C ARG C 216 -39.06 34.07 35.93
N VAL C 217 -37.78 34.43 35.98
CA VAL C 217 -36.73 33.55 36.45
C VAL C 217 -36.37 33.95 37.89
N GLU C 218 -36.79 33.14 38.87
CA GLU C 218 -36.57 33.58 40.23
C GLU C 218 -35.58 32.64 40.92
N PRO C 219 -34.73 33.15 41.86
CA PRO C 219 -33.63 32.41 42.52
C PRO C 219 -33.96 31.08 43.23
N ASP D 1 -16.85 8.26 -7.26
CA ASP D 1 -15.94 8.59 -8.38
C ASP D 1 -14.76 9.63 -8.10
N ILE D 2 -14.90 10.56 -7.17
CA ILE D 2 -13.82 11.44 -6.74
C ILE D 2 -14.00 11.75 -5.25
N GLN D 3 -12.88 11.84 -4.52
CA GLN D 3 -12.86 12.09 -3.08
C GLN D 3 -12.09 13.38 -2.86
N MET D 4 -12.70 14.30 -2.10
CA MET D 4 -12.15 15.62 -1.85
C MET D 4 -11.80 15.71 -0.38
N THR D 5 -10.60 16.19 -0.10
CA THR D 5 -10.05 16.31 1.25
C THR D 5 -9.73 17.76 1.49
N GLN D 6 -9.98 18.21 2.69
CA GLN D 6 -9.67 19.56 3.06
C GLN D 6 -8.96 19.61 4.42
N SER D 7 -7.93 20.44 4.49
CA SER D 7 -7.09 20.47 5.65
C SER D 7 -6.62 21.88 5.98
N PRO D 8 -6.79 22.32 7.26
CA PRO D 8 -7.36 21.59 8.38
C PRO D 8 -8.90 21.65 8.46
N SER D 9 -9.46 20.94 9.44
CA SER D 9 -10.88 21.05 9.74
C SER D 9 -11.21 22.49 10.11
N SER D 10 -10.47 23.04 11.06
CA SER D 10 -10.70 24.41 11.49
C SER D 10 -9.38 25.06 11.81
N LEU D 11 -9.36 26.37 11.69
CA LEU D 11 -8.17 27.11 12.03
C LEU D 11 -8.64 28.46 12.53
N SER D 12 -7.87 28.97 13.48
CA SER D 12 -8.09 30.29 14.04
C SER D 12 -6.96 31.17 13.60
N ALA D 13 -7.23 32.47 13.45
CA ALA D 13 -6.20 33.41 13.04
C ALA D 13 -6.57 34.84 13.46
N SER D 14 -5.53 35.63 13.82
CA SER D 14 -5.72 37.01 14.26
C SER D 14 -5.87 37.92 13.06
N VAL D 15 -6.60 39.01 13.23
CA VAL D 15 -6.79 39.94 12.11
C VAL D 15 -5.45 40.39 11.57
N GLY D 16 -5.33 40.39 10.23
CA GLY D 16 -4.10 40.75 9.57
C GLY D 16 -3.18 39.59 9.33
N ASP D 17 -3.39 38.46 9.99
CA ASP D 17 -2.61 37.25 9.83
C ASP D 17 -2.87 36.61 8.47
N ARG D 18 -1.88 35.83 8.02
CA ARG D 18 -1.94 35.13 6.74
C ARG D 18 -2.34 33.67 6.96
N VAL D 19 -3.36 33.23 6.23
CA VAL D 19 -4.02 31.95 6.43
C VAL D 19 -3.95 31.17 5.14
N THR D 20 -3.74 29.87 5.26
CA THR D 20 -3.74 28.98 4.13
C THR D 20 -4.62 27.78 4.44
N ILE D 21 -5.42 27.42 3.44
CA ILE D 21 -6.24 26.24 3.44
C ILE D 21 -5.76 25.37 2.30
N THR D 22 -5.78 24.07 2.51
CA THR D 22 -5.37 23.16 1.45
C THR D 22 -6.53 22.22 1.10
N CYS D 23 -6.64 21.95 -0.20
CA CYS D 23 -7.59 21.01 -0.77
C CYS D 23 -6.79 19.94 -1.49
N GLN D 24 -7.13 18.70 -1.25
CA GLN D 24 -6.46 17.57 -1.86
C GLN D 24 -7.48 16.66 -2.50
N ALA D 25 -7.33 16.37 -3.79
CA ALA D 25 -8.25 15.49 -4.49
C ALA D 25 -7.55 14.16 -4.76
N SER D 26 -7.76 13.19 -3.89
CA SER D 26 -7.08 11.90 -4.04
C SER D 26 -7.39 11.09 -5.29
N GLN D 27 -8.67 11.02 -5.67
CA GLN D 27 -9.08 10.19 -6.80
C GLN D 27 -8.47 10.54 -8.16
N ASP D 28 -8.31 11.81 -8.47
CA ASP D 28 -7.76 12.20 -9.75
C ASP D 28 -7.08 13.55 -9.69
N ILE D 29 -6.28 13.86 -10.70
CA ILE D 29 -5.58 15.12 -10.74
C ILE D 29 -6.09 16.10 -11.79
N SER D 30 -6.47 17.28 -11.33
CA SER D 30 -6.93 18.36 -12.22
C SER D 30 -8.38 18.24 -12.67
N ASN D 31 -8.87 19.25 -13.39
CA ASN D 31 -8.16 20.49 -13.68
C ASN D 31 -8.88 21.74 -13.19
N TYR D 32 -10.19 21.65 -13.00
CA TYR D 32 -10.95 22.80 -12.56
C TYR D 32 -11.29 22.68 -11.11
N LEU D 33 -10.82 23.63 -10.31
CA LEU D 33 -11.04 23.65 -8.88
C LEU D 33 -11.53 25.03 -8.47
N ASN D 34 -12.67 25.08 -7.80
CA ASN D 34 -13.24 26.35 -7.40
C ASN D 34 -13.34 26.35 -5.88
N TRP D 35 -13.29 27.56 -5.30
CA TRP D 35 -13.35 27.80 -3.86
C TRP D 35 -14.55 28.67 -3.55
N TYR D 36 -15.30 28.30 -2.52
CA TYR D 36 -16.45 29.07 -2.10
C TYR D 36 -16.25 29.49 -0.64
N GLN D 37 -16.93 30.59 -0.29
CA GLN D 37 -17.07 31.08 1.07
C GLN D 37 -18.55 30.99 1.45
N GLN D 38 -18.83 30.48 2.64
CA GLN D 38 -20.20 30.42 3.17
C GLN D 38 -20.24 30.97 4.57
N LYS D 39 -20.77 32.19 4.71
CA LYS D 39 -20.97 32.72 6.04
C LYS D 39 -22.21 32.07 6.67
N PRO D 40 -22.25 31.97 8.00
CA PRO D 40 -23.38 31.28 8.67
C PRO D 40 -24.70 31.84 8.23
N GLY D 41 -25.60 30.94 7.86
CA GLY D 41 -26.94 31.32 7.51
C GLY D 41 -27.12 31.82 6.09
N LYS D 42 -26.05 31.83 5.30
CA LYS D 42 -26.00 32.38 3.95
C LYS D 42 -25.65 31.29 2.94
N ALA D 43 -26.01 31.51 1.68
CA ALA D 43 -25.65 30.59 0.64
C ALA D 43 -24.16 30.69 0.36
N PRO D 44 -23.62 29.74 -0.38
CA PRO D 44 -22.21 29.83 -0.74
C PRO D 44 -21.97 31.00 -1.65
N LYS D 45 -20.72 31.45 -1.63
CA LYS D 45 -20.28 32.57 -2.44
C LYS D 45 -19.01 32.15 -3.14
N LEU D 46 -19.01 32.27 -4.47
CA LEU D 46 -17.81 31.94 -5.24
C LEU D 46 -16.78 33.06 -5.07
N LEU D 47 -15.53 32.66 -4.78
CA LEU D 47 -14.35 33.49 -4.66
C LEU D 47 -13.29 33.21 -5.70
N ILE D 48 -13.08 31.93 -6.08
CA ILE D 48 -11.97 31.51 -6.92
C ILE D 48 -12.44 30.44 -7.93
N TYR D 49 -12.07 30.60 -9.18
CA TYR D 49 -12.41 29.64 -10.21
C TYR D 49 -11.16 29.23 -10.96
N ASP D 50 -11.13 28.00 -11.40
CA ASP D 50 -9.99 27.46 -12.10
C ASP D 50 -8.72 27.57 -11.30
N ALA D 51 -8.82 27.33 -10.02
CA ALA D 51 -7.66 27.34 -9.14
C ALA D 51 -7.09 28.68 -8.80
N SER D 52 -6.68 29.46 -9.78
CA SER D 52 -6.09 30.76 -9.48
C SER D 52 -6.90 31.98 -9.83
N ASN D 53 -7.87 31.84 -10.72
CA ASN D 53 -8.66 32.99 -11.13
C ASN D 53 -9.57 33.46 -10.02
N LEU D 54 -9.57 34.77 -9.81
CA LEU D 54 -10.30 35.42 -8.75
C LEU D 54 -11.56 36.05 -9.33
N GLU D 55 -12.71 35.70 -8.76
CA GLU D 55 -13.97 36.20 -9.29
C GLU D 55 -14.00 37.70 -9.11
N THR D 56 -14.60 38.38 -10.07
CA THR D 56 -14.80 39.82 -10.03
C THR D 56 -15.55 40.22 -8.78
N GLY D 57 -15.03 41.26 -8.11
CA GLY D 57 -15.63 41.81 -6.91
C GLY D 57 -15.11 41.24 -5.60
N VAL D 58 -14.37 40.16 -5.65
CA VAL D 58 -13.77 39.56 -4.48
C VAL D 58 -12.47 40.28 -4.13
N PRO D 59 -12.24 40.60 -2.85
CA PRO D 59 -11.03 41.32 -2.46
C PRO D 59 -9.78 40.58 -2.89
N SER D 60 -8.77 41.39 -3.26
CA SER D 60 -7.50 40.88 -3.76
C SER D 60 -6.74 40.10 -2.71
N ARG D 61 -7.14 40.16 -1.43
CA ARG D 61 -6.42 39.41 -0.41
C ARG D 61 -6.60 37.91 -0.57
N PHE D 62 -7.59 37.50 -1.37
CA PHE D 62 -7.84 36.10 -1.64
C PHE D 62 -7.15 35.62 -2.90
N SER D 63 -6.48 34.49 -2.79
CA SER D 63 -5.75 33.94 -3.91
C SER D 63 -5.85 32.43 -3.88
N GLY D 64 -5.45 31.81 -4.98
CA GLY D 64 -5.44 30.36 -5.03
C GLY D 64 -4.32 29.86 -5.91
N SER D 65 -3.76 28.71 -5.53
CA SER D 65 -2.69 28.07 -6.30
C SER D 65 -2.80 26.55 -6.21
N GLY D 66 -2.08 25.89 -7.10
CA GLY D 66 -1.94 24.45 -7.06
C GLY D 66 -2.21 23.74 -8.37
N SER D 67 -1.81 22.47 -8.45
CA SER D 67 -2.08 21.65 -9.62
C SER D 67 -2.10 20.19 -9.20
N GLY D 68 -2.58 19.35 -10.13
CA GLY D 68 -2.66 17.92 -9.91
C GLY D 68 -3.64 17.51 -8.83
N THR D 69 -3.13 17.28 -7.63
CA THR D 69 -3.98 16.89 -6.50
C THR D 69 -3.75 17.71 -5.23
N ASP D 70 -2.99 18.79 -5.28
CA ASP D 70 -2.74 19.63 -4.12
C ASP D 70 -3.02 21.07 -4.50
N PHE D 71 -3.96 21.71 -3.80
CA PHE D 71 -4.33 23.08 -4.10
C PHE D 71 -4.28 23.86 -2.79
N THR D 72 -4.06 25.18 -2.88
CA THR D 72 -4.00 26.01 -1.69
C THR D 72 -4.83 27.26 -1.90
N PHE D 73 -5.55 27.62 -0.86
CA PHE D 73 -6.33 28.84 -0.81
C PHE D 73 -5.64 29.69 0.25
N THR D 74 -5.40 30.96 -0.05
CA THR D 74 -4.61 31.78 0.86
C THR D 74 -5.34 33.09 1.06
N ILE D 75 -5.42 33.51 2.33
CA ILE D 75 -5.91 34.83 2.72
C ILE D 75 -4.70 35.61 3.25
N SER D 76 -4.29 36.66 2.52
CA SER D 76 -3.10 37.41 2.91
C SER D 76 -3.27 38.11 4.26
N SER D 77 -4.43 38.72 4.49
CA SER D 77 -4.68 39.50 5.70
C SER D 77 -6.10 39.23 6.14
N LEU D 78 -6.23 38.29 7.06
CA LEU D 78 -7.54 37.88 7.51
C LEU D 78 -8.28 39.05 8.10
N GLN D 79 -9.48 39.31 7.58
CA GLN D 79 -10.38 40.35 8.10
C GLN D 79 -11.54 39.73 8.88
N PRO D 80 -12.18 40.51 9.75
CA PRO D 80 -13.27 39.94 10.55
C PRO D 80 -14.42 39.38 9.71
N GLU D 81 -14.74 40.05 8.59
CA GLU D 81 -15.82 39.59 7.73
C GLU D 81 -15.45 38.38 6.90
N ASP D 82 -14.28 37.80 7.15
CA ASP D 82 -13.82 36.60 6.48
C ASP D 82 -14.06 35.35 7.32
N ILE D 83 -14.53 35.50 8.55
CA ILE D 83 -14.89 34.31 9.32
C ILE D 83 -16.03 33.60 8.62
N ALA D 84 -15.75 32.38 8.18
CA ALA D 84 -16.67 31.59 7.37
C ALA D 84 -16.09 30.20 7.22
N THR D 85 -16.84 29.33 6.57
CA THR D 85 -16.34 28.04 6.13
C THR D 85 -16.00 28.07 4.63
N TYR D 86 -14.87 27.50 4.24
CA TYR D 86 -14.40 27.58 2.86
C TYR D 86 -14.44 26.17 2.31
N TYR D 87 -15.02 26.04 1.12
CA TYR D 87 -15.17 24.75 0.44
C TYR D 87 -14.41 24.79 -0.88
N CYS D 88 -13.61 23.77 -1.15
CA CYS D 88 -13.12 23.59 -2.51
C CYS D 88 -14.09 22.68 -3.27
N GLN D 89 -14.00 22.74 -4.61
CA GLN D 89 -14.93 21.98 -5.43
C GLN D 89 -14.34 21.72 -6.81
N GLN D 90 -14.53 20.49 -7.31
CA GLN D 90 -14.24 20.06 -8.68
C GLN D 90 -15.47 19.34 -9.16
N TYR D 91 -16.17 19.93 -10.12
CA TYR D 91 -17.35 19.23 -10.67
C TYR D 91 -18.34 19.00 -9.53
N GLU D 92 -18.89 17.81 -9.40
CA GLU D 92 -19.96 17.56 -8.44
C GLU D 92 -19.44 17.31 -7.04
N PHE D 93 -18.15 17.37 -6.86
CA PHE D 93 -17.57 16.81 -5.66
C PHE D 93 -17.04 17.98 -4.86
N ILE D 94 -17.47 18.08 -3.60
CA ILE D 94 -17.15 19.21 -2.76
C ILE D 94 -16.42 18.68 -1.55
N GLY D 95 -15.41 19.42 -1.14
CA GLY D 95 -14.68 19.17 0.07
C GLY D 95 -15.50 19.38 1.30
N PRO D 96 -15.05 18.75 2.39
CA PRO D 96 -15.81 18.80 3.64
C PRO D 96 -15.85 20.16 4.28
N GLY D 97 -15.06 21.11 3.82
CA GLY D 97 -15.14 22.45 4.33
C GLY D 97 -14.10 22.72 5.40
N THR D 98 -13.67 23.98 5.49
CA THR D 98 -12.74 24.42 6.51
C THR D 98 -13.32 25.64 7.19
N LYS D 99 -13.55 25.56 8.50
CA LYS D 99 -14.14 26.66 9.24
C LYS D 99 -13.01 27.52 9.79
N VAL D 100 -13.10 28.83 9.56
CA VAL D 100 -12.12 29.80 10.01
C VAL D 100 -12.74 30.70 11.06
N ASP D 101 -12.06 30.87 12.19
CA ASP D 101 -12.50 31.82 13.21
C ASP D 101 -11.31 32.68 13.64
N ILE D 102 -11.64 33.76 14.31
CA ILE D 102 -10.65 34.70 14.80
C ILE D 102 -9.99 34.14 16.05
N LYS D 103 -8.71 34.47 16.22
CA LYS D 103 -7.91 34.05 17.36
C LYS D 103 -7.90 35.18 18.39
N ARG D 104 -7.86 34.78 19.66
CA ARG D 104 -7.72 35.70 20.79
C ARG D 104 -7.08 34.90 21.90
N THR D 105 -6.75 35.57 23.00
CA THR D 105 -6.08 34.89 24.11
C THR D 105 -6.98 33.86 24.77
N VAL D 106 -6.39 32.71 25.10
CA VAL D 106 -7.17 31.65 25.72
C VAL D 106 -7.92 32.19 26.93
N ALA D 107 -9.23 31.91 26.99
CA ALA D 107 -10.10 32.29 28.09
C ALA D 107 -10.78 31.06 28.63
N ALA D 108 -10.73 30.90 29.93
CA ALA D 108 -11.38 29.79 30.57
C ALA D 108 -12.90 30.00 30.63
N PRO D 109 -13.68 28.94 30.51
CA PRO D 109 -15.13 29.11 30.60
C PRO D 109 -15.55 29.21 32.05
N SER D 110 -16.44 30.17 32.33
CA SER D 110 -17.27 30.03 33.51
C SER D 110 -18.18 28.83 33.29
N VAL D 111 -18.38 28.01 34.33
CA VAL D 111 -19.24 26.83 34.23
C VAL D 111 -20.38 26.87 35.26
N PHE D 112 -21.56 26.47 34.79
CA PHE D 112 -22.77 26.56 35.59
C PHE D 112 -23.61 25.31 35.35
N ILE D 113 -24.23 24.86 36.42
CA ILE D 113 -25.09 23.69 36.36
C ILE D 113 -26.47 24.12 36.81
N PHE D 114 -27.49 23.62 36.12
CA PHE D 114 -28.89 23.94 36.40
C PHE D 114 -29.70 22.70 36.67
N PRO D 115 -30.18 22.50 37.91
CA PRO D 115 -31.09 21.42 38.19
C PRO D 115 -32.42 21.64 37.52
N PRO D 116 -33.14 20.56 37.20
CA PRO D 116 -34.48 20.71 36.62
C PRO D 116 -35.40 21.54 37.51
N SER D 117 -36.31 22.27 36.88
CA SER D 117 -37.30 23.07 37.58
C SER D 117 -38.38 22.17 38.15
N ASP D 118 -39.11 22.68 39.14
CA ASP D 118 -40.22 21.89 39.66
C ASP D 118 -41.33 21.74 38.63
N GLU D 119 -41.56 22.79 37.82
CA GLU D 119 -42.54 22.70 36.74
C GLU D 119 -42.26 21.52 35.85
N GLN D 120 -41.03 21.45 35.38
CA GLN D 120 -40.73 20.37 34.46
C GLN D 120 -40.91 19.02 35.15
N LEU D 121 -40.55 18.94 36.42
CA LEU D 121 -40.76 17.69 37.13
C LEU D 121 -42.24 17.31 37.11
N LYS D 122 -43.12 18.26 37.45
CA LYS D 122 -44.56 17.99 37.44
C LYS D 122 -44.96 17.37 36.11
N SER D 123 -44.34 17.78 35.01
CA SER D 123 -44.68 17.25 33.70
C SER D 123 -44.07 15.88 33.42
N GLY D 124 -43.31 15.30 34.37
CA GLY D 124 -42.79 13.94 34.23
C GLY D 124 -41.42 13.79 33.59
N THR D 125 -40.76 14.90 33.21
CA THR D 125 -39.46 14.96 32.54
C THR D 125 -38.50 15.84 33.32
N ALA D 126 -37.21 15.45 33.33
CA ALA D 126 -36.15 16.16 34.06
C ALA D 126 -35.03 16.47 33.09
N SER D 127 -34.72 17.76 32.97
CA SER D 127 -33.68 18.27 32.08
C SER D 127 -32.61 18.96 32.94
N VAL D 128 -31.39 18.45 32.92
CA VAL D 128 -30.27 19.06 33.67
C VAL D 128 -29.40 19.72 32.60
N VAL D 129 -28.84 20.91 32.89
CA VAL D 129 -28.16 21.69 31.86
C VAL D 129 -26.85 22.22 32.41
N CYS D 130 -25.78 21.95 31.68
CA CYS D 130 -24.45 22.42 32.01
C CYS D 130 -24.03 23.48 31.00
N LEU D 131 -23.70 24.69 31.48
CA LEU D 131 -23.37 25.83 30.62
C LEU D 131 -21.89 26.24 30.68
N LEU D 132 -21.22 26.35 29.52
CA LEU D 132 -19.84 26.84 29.44
C LEU D 132 -19.80 28.20 28.80
N ASN D 133 -19.45 29.22 29.55
CA ASN D 133 -19.71 30.59 29.15
C ASN D 133 -18.44 31.37 28.83
N ASN D 134 -18.43 31.91 27.64
CA ASN D 134 -17.42 32.87 27.21
C ASN D 134 -16.02 32.25 27.34
N PHE D 135 -15.74 31.39 26.35
CA PHE D 135 -14.47 30.68 26.31
C PHE D 135 -13.89 30.60 24.90
N TYR D 136 -12.55 30.62 24.85
CA TYR D 136 -11.77 30.40 23.65
C TYR D 136 -10.53 29.52 23.96
N PRO D 137 -10.22 28.57 23.08
CA PRO D 137 -10.92 28.33 21.81
C PRO D 137 -12.18 27.46 21.89
N ARG D 138 -12.72 27.17 20.72
CA ARG D 138 -14.01 26.49 20.68
C ARG D 138 -13.93 25.07 21.23
N GLU D 139 -12.80 24.40 21.04
CA GLU D 139 -12.74 23.02 21.46
C GLU D 139 -12.88 22.90 22.98
N ALA D 140 -13.79 22.03 23.42
CA ALA D 140 -14.02 21.85 24.84
C ALA D 140 -14.56 20.43 25.07
N LYS D 141 -14.29 19.89 26.27
CA LYS D 141 -14.78 18.57 26.62
C LYS D 141 -15.76 18.72 27.79
N VAL D 142 -16.98 18.20 27.62
CA VAL D 142 -17.96 18.11 28.70
C VAL D 142 -18.47 16.67 28.79
N GLN D 143 -18.39 16.08 29.99
CA GLN D 143 -19.04 14.79 30.22
C GLN D 143 -19.78 14.81 31.56
N TRP D 144 -20.90 14.11 31.59
CA TRP D 144 -21.70 14.07 32.79
C TRP D 144 -21.25 12.92 33.71
N LYS D 145 -21.44 13.12 35.02
CA LYS D 145 -21.26 12.05 36.00
C LYS D 145 -22.54 11.98 36.82
N VAL D 146 -23.20 10.81 36.78
CA VAL D 146 -24.43 10.56 37.51
C VAL D 146 -24.10 9.53 38.57
N ASP D 147 -23.94 10.01 39.80
CA ASP D 147 -23.42 9.23 40.92
C ASP D 147 -22.06 8.64 40.53
N ASN D 148 -21.19 9.52 40.04
CA ASN D 148 -19.86 9.12 39.60
C ASN D 148 -19.85 8.05 38.52
N ALA D 149 -20.99 7.76 37.93
CA ALA D 149 -21.02 6.91 36.76
C ALA D 149 -20.86 7.84 35.56
N LEU D 150 -19.75 7.69 34.84
CA LEU D 150 -19.49 8.52 33.68
C LEU D 150 -20.50 8.22 32.58
N GLN D 151 -20.95 9.27 31.88
CA GLN D 151 -21.91 9.18 30.79
C GLN D 151 -21.23 9.70 29.53
N SER D 152 -21.54 9.10 28.37
CA SER D 152 -20.86 9.44 27.13
C SER D 152 -21.78 9.84 25.99
N GLY D 153 -22.81 9.04 25.68
CA GLY D 153 -23.69 9.39 24.57
C GLY D 153 -25.01 10.04 24.94
N ASN D 154 -25.28 10.29 26.23
CA ASN D 154 -26.62 10.65 26.71
C ASN D 154 -26.98 12.11 26.51
N SER D 155 -26.00 12.98 26.36
CA SER D 155 -26.25 14.42 26.37
C SER D 155 -26.42 14.95 24.94
N GLN D 156 -27.03 16.11 24.87
CA GLN D 156 -27.10 16.93 23.68
C GLN D 156 -26.48 18.29 23.98
N GLU D 157 -25.65 18.75 23.07
CA GLU D 157 -25.05 20.06 23.25
C GLU D 157 -25.27 20.94 22.02
N SER D 158 -24.95 22.23 22.19
CA SER D 158 -25.21 23.29 21.23
C SER D 158 -24.20 24.41 21.48
N VAL D 159 -23.74 25.06 20.42
CA VAL D 159 -22.70 26.08 20.56
C VAL D 159 -23.12 27.35 19.87
N THR D 160 -22.87 28.47 20.53
CA THR D 160 -23.13 29.76 19.94
C THR D 160 -22.10 30.07 18.86
N GLU D 161 -22.46 31.00 17.99
CA GLU D 161 -21.48 31.48 17.02
C GLU D 161 -20.46 32.38 17.73
N GLN D 162 -19.26 32.44 17.17
CA GLN D 162 -18.21 33.23 17.79
C GLN D 162 -18.64 34.68 18.04
N ASP D 163 -18.51 35.14 19.29
CA ASP D 163 -19.06 36.43 19.67
C ASP D 163 -18.43 37.58 18.89
N SER D 164 -19.28 38.42 18.32
CA SER D 164 -18.80 39.44 17.41
C SER D 164 -17.93 40.48 18.10
N LYS D 165 -18.18 40.74 19.40
CA LYS D 165 -17.46 41.75 20.19
C LYS D 165 -16.20 41.20 20.89
N ASP D 166 -16.31 40.08 21.62
CA ASP D 166 -15.18 39.59 22.39
C ASP D 166 -14.68 38.25 21.91
N SER D 167 -15.24 37.71 20.83
CA SER D 167 -14.68 36.54 20.18
C SER D 167 -14.74 35.27 21.02
N THR D 168 -15.64 35.18 22.00
CA THR D 168 -15.71 33.96 22.78
C THR D 168 -16.84 33.07 22.26
N TYR D 169 -16.86 31.86 22.77
CA TYR D 169 -17.94 30.92 22.52
C TYR D 169 -18.66 30.60 23.82
N SER D 170 -19.87 30.06 23.68
CA SER D 170 -20.60 29.46 24.78
C SER D 170 -21.23 28.17 24.30
N LEU D 171 -21.33 27.23 25.22
CA LEU D 171 -21.76 25.89 24.91
C LEU D 171 -22.70 25.45 26.01
N SER D 172 -23.76 24.81 25.57
CA SER D 172 -24.80 24.24 26.41
C SER D 172 -24.79 22.73 26.30
N SER D 173 -24.76 22.04 27.41
CA SER D 173 -24.98 20.59 27.39
C SER D 173 -26.22 20.26 28.17
N THR D 174 -27.09 19.45 27.57
CA THR D 174 -28.34 19.07 28.22
C THR D 174 -28.48 17.57 28.36
N LEU D 175 -28.60 17.11 29.59
CA LEU D 175 -28.91 15.72 29.92
C LEU D 175 -30.37 15.63 30.36
N THR D 176 -31.20 14.89 29.60
CA THR D 176 -32.65 14.81 29.82
C THR D 176 -33.03 13.36 30.09
N LEU D 177 -33.90 13.17 31.08
CA LEU D 177 -34.42 11.85 31.41
C LEU D 177 -35.79 12.00 32.07
N SER D 178 -36.48 10.88 32.17
CA SER D 178 -37.79 10.84 32.82
C SER D 178 -37.68 11.10 34.33
N LYS D 179 -38.71 11.75 34.88
CA LYS D 179 -38.76 11.98 36.33
C LYS D 179 -38.57 10.66 37.09
N ALA D 180 -38.94 9.53 36.46
CA ALA D 180 -38.70 8.22 37.06
C ALA D 180 -37.22 7.93 37.17
N ASP D 181 -36.53 8.05 36.04
CA ASP D 181 -35.10 7.79 36.02
C ASP D 181 -34.31 8.88 36.76
N TYR D 182 -34.81 10.10 36.78
CA TYR D 182 -34.12 11.15 37.52
C TYR D 182 -34.03 10.79 38.98
N GLU D 183 -35.12 10.31 39.57
CA GLU D 183 -35.20 10.11 41.01
C GLU D 183 -34.53 8.82 41.46
N LYS D 184 -33.92 8.09 40.53
CA LYS D 184 -33.15 6.91 40.84
C LYS D 184 -31.67 7.20 41.10
N HIS D 185 -31.27 8.49 41.14
CA HIS D 185 -29.89 8.91 41.42
C HIS D 185 -29.87 10.10 42.37
N LYS D 186 -28.68 10.50 42.83
CA LYS D 186 -28.54 11.60 43.78
C LYS D 186 -27.61 12.70 43.28
N VAL D 187 -26.41 12.34 42.84
CA VAL D 187 -25.35 13.26 42.45
C VAL D 187 -25.33 13.38 40.94
N TYR D 188 -25.48 14.62 40.47
CA TYR D 188 -25.39 14.97 39.06
C TYR D 188 -24.31 15.99 38.90
N ALA D 189 -23.34 15.68 38.06
CA ALA D 189 -22.19 16.53 37.84
C ALA D 189 -21.81 16.56 36.37
N CYS D 190 -21.22 17.69 35.95
CA CYS D 190 -20.58 17.78 34.65
C CYS D 190 -19.13 18.18 34.84
N GLU D 191 -18.26 17.54 34.08
CA GLU D 191 -16.83 17.77 34.20
C GLU D 191 -16.33 18.34 32.87
N VAL D 192 -15.67 19.50 32.95
CA VAL D 192 -15.30 20.31 31.80
C VAL D 192 -13.81 20.25 31.57
N THR D 193 -13.41 20.04 30.32
CA THR D 193 -12.01 20.04 29.93
C THR D 193 -11.80 21.16 28.91
N HIS D 194 -10.80 22.00 29.19
CA HIS D 194 -10.52 23.12 28.29
C HIS D 194 -9.15 23.66 28.60
N GLN D 195 -8.59 24.40 27.64
CA GLN D 195 -7.21 24.90 27.73
C GLN D 195 -7.03 25.94 28.82
N GLY D 196 -8.00 26.84 28.98
CA GLY D 196 -7.99 27.84 30.05
C GLY D 196 -8.10 27.24 31.44
N LEU D 197 -8.38 25.95 31.52
CA LEU D 197 -8.43 25.21 32.77
C LEU D 197 -7.11 24.48 32.98
N SER D 198 -6.34 24.93 33.96
CA SER D 198 -5.23 24.13 34.44
C SER D 198 -5.71 22.74 34.82
N SER D 199 -6.77 22.68 35.64
CA SER D 199 -7.39 21.44 36.12
C SER D 199 -8.86 21.37 35.72
N PRO D 200 -9.33 20.24 35.20
CA PRO D 200 -10.72 20.18 34.71
C PRO D 200 -11.70 20.44 35.86
N VAL D 201 -12.73 21.28 35.57
CA VAL D 201 -13.71 21.76 36.56
C VAL D 201 -14.93 20.85 36.56
N THR D 202 -15.48 20.67 37.75
CA THR D 202 -16.71 19.90 37.95
C THR D 202 -17.69 20.78 38.70
N LYS D 203 -18.93 20.78 38.28
CA LYS D 203 -19.96 21.49 38.97
C LYS D 203 -20.99 20.43 39.23
N SER D 204 -21.66 20.47 40.36
CA SER D 204 -22.61 19.42 40.67
C SER D 204 -23.58 19.89 41.74
N PHE D 205 -24.62 19.09 41.91
CA PHE D 205 -25.62 19.33 42.91
C PHE D 205 -26.20 17.99 43.27
N ASN D 206 -26.86 17.94 44.41
CA ASN D 206 -27.63 16.79 44.84
C ASN D 206 -29.10 17.18 44.68
N ARG D 207 -29.97 16.20 44.47
CA ARG D 207 -31.38 16.47 44.18
C ARG D 207 -32.09 17.32 45.25
N GLY D 208 -31.80 17.10 46.54
CA GLY D 208 -32.25 18.06 47.54
C GLY D 208 -31.52 19.38 47.43
N GLU D 209 -32.20 20.46 47.75
CA GLU D 209 -31.54 21.76 47.56
C GLU D 209 -32.43 23.00 47.82
N VAL E 1 2.84 -3.46 -11.75
CA VAL E 1 4.19 -4.02 -11.41
C VAL E 1 4.36 -4.54 -9.98
N TRP E 2 3.53 -5.49 -9.54
CA TRP E 2 3.41 -5.69 -8.09
C TRP E 2 4.71 -6.20 -7.45
N LYS E 3 5.33 -7.25 -8.03
CA LYS E 3 6.57 -7.79 -7.49
C LYS E 3 7.47 -8.32 -8.62
N GLU E 4 8.78 -8.09 -8.51
CA GLU E 4 9.68 -8.71 -9.47
C GLU E 4 9.74 -10.24 -9.20
N ALA E 5 9.77 -11.06 -10.26
CA ALA E 5 9.71 -12.52 -10.14
C ALA E 5 10.55 -13.20 -11.20
N LYS E 6 10.98 -14.43 -10.91
CA LYS E 6 11.70 -15.29 -11.85
C LYS E 6 10.85 -16.52 -12.03
N THR E 7 10.50 -16.82 -13.27
CA THR E 7 9.66 -17.97 -13.57
C THR E 7 9.99 -18.43 -14.97
N THR E 8 9.29 -19.46 -15.42
CA THR E 8 9.47 -20.04 -16.72
C THR E 8 8.51 -19.35 -17.66
N LEU E 9 9.04 -18.53 -18.57
CA LEU E 9 8.20 -17.96 -19.62
C LEU E 9 7.98 -19.04 -20.67
N PHE E 10 7.03 -18.80 -21.57
CA PHE E 10 6.78 -19.64 -22.74
C PHE E 10 6.78 -18.81 -24.03
N CYS E 11 7.18 -19.42 -25.12
CA CYS E 11 7.35 -18.74 -26.40
C CYS E 11 6.16 -18.94 -27.35
N ALA E 12 5.83 -17.90 -28.07
CA ALA E 12 4.81 -17.98 -29.08
C ALA E 12 5.31 -17.39 -30.39
N SER E 13 4.88 -17.99 -31.48
CA SER E 13 5.42 -17.63 -32.77
C SER E 13 4.38 -17.91 -33.83
N ASP E 14 4.66 -17.42 -35.04
CA ASP E 14 3.80 -17.68 -36.18
C ASP E 14 4.30 -18.80 -37.07
N ALA E 15 5.11 -19.69 -36.51
CA ALA E 15 5.69 -20.77 -37.28
C ALA E 15 4.61 -21.49 -38.07
N LYS E 16 5.01 -22.15 -39.14
CA LYS E 16 4.07 -22.85 -40.00
C LYS E 16 4.32 -24.36 -39.96
N ALA E 17 3.23 -25.09 -39.77
CA ALA E 17 3.35 -26.53 -39.59
C ALA E 17 3.86 -27.23 -40.82
N TYR E 18 3.64 -26.63 -41.98
CA TYR E 18 4.04 -27.19 -43.25
C TYR E 18 5.45 -26.82 -43.62
N GLU E 19 6.10 -25.98 -42.84
CA GLU E 19 7.37 -25.41 -43.21
C GLU E 19 8.50 -26.34 -42.83
N LYS E 20 9.44 -26.55 -43.74
CA LYS E 20 10.62 -27.39 -43.52
C LYS E 20 11.82 -26.61 -42.95
N GLU E 21 11.79 -25.28 -43.00
CA GLU E 21 12.80 -24.45 -42.37
C GLU E 21 12.83 -24.70 -40.86
N CYS E 22 14.01 -24.90 -40.30
CA CYS E 22 14.12 -25.43 -38.93
C CYS E 22 13.71 -24.43 -37.83
N HIS E 23 13.89 -23.12 -38.01
CA HIS E 23 13.27 -22.24 -37.00
C HIS E 23 11.74 -22.49 -36.89
N ASN E 24 11.06 -22.64 -38.02
CA ASN E 24 9.67 -23.05 -37.97
C ASN E 24 9.53 -24.44 -37.33
N VAL E 25 10.35 -25.41 -37.76
CA VAL E 25 10.27 -26.76 -37.21
C VAL E 25 10.42 -26.73 -35.70
N TRP E 26 11.37 -25.93 -35.21
CA TRP E 26 11.60 -25.86 -33.78
C TRP E 26 10.45 -25.15 -33.05
N ALA E 27 9.98 -24.02 -33.61
CA ALA E 27 8.97 -23.21 -32.95
C ALA E 27 7.61 -23.88 -32.94
N THR E 28 7.28 -24.67 -33.97
CA THR E 28 6.01 -25.42 -33.93
C THR E 28 5.99 -26.40 -32.76
N HIS E 29 7.13 -27.04 -32.43
CA HIS E 29 7.20 -27.91 -31.26
C HIS E 29 7.36 -27.15 -29.95
N ALA E 30 8.14 -26.07 -29.95
CA ALA E 30 8.49 -25.30 -28.77
C ALA E 30 7.43 -24.27 -28.36
N CYS E 31 6.69 -23.72 -29.32
CA CYS E 31 5.90 -22.51 -29.13
C CYS E 31 4.42 -22.76 -29.36
N VAL E 32 3.60 -21.96 -28.71
CA VAL E 32 2.20 -21.90 -29.04
C VAL E 32 1.94 -20.85 -30.12
N PRO E 33 0.73 -20.80 -30.67
CA PRO E 33 0.43 -19.79 -31.69
C PRO E 33 0.37 -18.42 -31.08
N THR E 34 0.60 -17.42 -31.92
CA THR E 34 0.53 -16.03 -31.48
C THR E 34 -0.91 -15.62 -31.23
N ASP E 35 -1.09 -14.72 -30.28
CA ASP E 35 -2.43 -14.18 -30.04
C ASP E 35 -2.80 -13.21 -31.16
N PRO E 36 -3.89 -13.45 -31.89
CA PRO E 36 -4.20 -12.52 -33.00
C PRO E 36 -4.41 -11.09 -32.52
N ASN E 37 -5.09 -10.90 -31.39
CA ASN E 37 -5.39 -9.58 -30.86
C ASN E 37 -4.81 -9.46 -29.45
N PRO E 38 -3.59 -8.93 -29.27
CA PRO E 38 -3.04 -8.80 -27.92
C PRO E 38 -3.63 -7.62 -27.18
N GLN E 39 -3.72 -7.75 -25.85
CA GLN E 39 -4.27 -6.74 -24.96
C GLN E 39 -3.15 -6.11 -24.16
N GLU E 40 -3.04 -4.80 -24.24
CA GLU E 40 -2.06 -3.98 -23.51
C GLU E 40 -2.77 -3.04 -22.56
N VAL E 41 -2.38 -3.06 -21.29
CA VAL E 41 -3.00 -2.25 -20.26
C VAL E 41 -1.98 -1.19 -19.83
N VAL E 42 -2.20 0.04 -20.30
CA VAL E 42 -1.30 1.15 -20.01
C VAL E 42 -1.44 1.58 -18.56
N LEU E 43 -0.32 1.93 -17.96
CA LEU E 43 -0.32 2.58 -16.67
C LEU E 43 0.53 3.84 -16.76
N GLU E 44 -0.04 4.97 -16.40
CA GLU E 44 0.66 6.24 -16.42
C GLU E 44 0.86 6.75 -15.00
N ASN E 45 1.97 7.45 -14.79
CA ASN E 45 2.35 7.96 -13.48
C ASN E 45 2.84 6.84 -12.57
N VAL E 46 3.10 5.68 -13.14
CA VAL E 46 3.63 4.53 -12.43
C VAL E 46 5.08 4.40 -12.86
N THR E 47 5.95 4.01 -11.93
CA THR E 47 7.37 3.94 -12.23
C THR E 47 8.04 2.66 -11.71
N GLU E 48 8.83 2.02 -12.57
CA GLU E 48 9.45 0.76 -12.23
C GLU E 48 10.92 0.74 -12.65
N ASN E 49 11.69 -0.02 -11.89
CA ASN E 49 13.09 -0.20 -12.22
C ASN E 49 13.25 -1.39 -13.13
N PHE E 50 13.96 -1.18 -14.24
CA PHE E 50 14.34 -2.26 -15.14
C PHE E 50 15.85 -2.31 -15.12
N ASN E 51 16.41 -3.51 -15.21
CA ASN E 51 17.86 -3.65 -15.33
C ASN E 51 18.12 -4.66 -16.43
N MET E 52 18.43 -4.12 -17.61
CA MET E 52 18.60 -4.99 -18.76
C MET E 52 19.79 -5.89 -18.59
N TRP E 53 20.68 -5.54 -17.68
CA TRP E 53 21.90 -6.30 -17.45
C TRP E 53 21.78 -7.39 -16.40
N LYS E 54 20.69 -7.40 -15.61
CA LYS E 54 20.37 -8.50 -14.66
C LYS E 54 18.90 -8.86 -14.89
N ASN E 55 18.62 -9.53 -16.02
CA ASN E 55 17.27 -9.85 -16.47
C ASN E 55 17.22 -11.32 -16.84
N ASP E 56 16.43 -12.10 -16.12
CA ASP E 56 16.34 -13.53 -16.40
C ASP E 56 15.77 -13.82 -17.78
N MET E 57 15.02 -12.92 -18.39
CA MET E 57 14.51 -13.22 -19.72
C MET E 57 15.67 -13.49 -20.67
N VAL E 58 16.76 -12.76 -20.52
CA VAL E 58 17.92 -12.93 -21.38
C VAL E 58 18.51 -14.33 -21.27
N ASP E 59 18.66 -14.82 -20.06
CA ASP E 59 19.19 -16.17 -19.89
C ASP E 59 18.26 -17.25 -20.45
N GLN E 60 16.96 -16.97 -20.50
CA GLN E 60 16.02 -17.94 -21.05
C GLN E 60 16.05 -17.95 -22.58
N MET E 61 16.05 -16.78 -23.24
CA MET E 61 16.14 -16.80 -24.70
C MET E 61 17.42 -17.47 -25.12
N GLN E 62 18.50 -17.20 -24.39
CA GLN E 62 19.76 -17.85 -24.68
C GLN E 62 19.66 -19.37 -24.61
N GLU E 63 19.01 -19.89 -23.55
CA GLU E 63 18.84 -21.34 -23.48
C GLU E 63 18.04 -21.83 -24.69
N ASP E 64 17.10 -21.00 -25.18
CA ASP E 64 16.28 -21.35 -26.35
C ASP E 64 17.08 -21.27 -27.65
N VAL E 65 17.83 -20.20 -27.86
CA VAL E 65 18.57 -20.10 -29.12
C VAL E 65 19.61 -21.19 -29.22
N ILE E 66 20.29 -21.48 -28.13
CA ILE E 66 21.18 -22.63 -28.15
C ILE E 66 20.42 -23.85 -28.60
N SER E 67 19.23 -24.05 -28.05
CA SER E 67 18.41 -25.20 -28.41
C SER E 67 18.09 -25.20 -29.90
N ILE E 68 17.75 -24.05 -30.46
CA ILE E 68 17.45 -24.00 -31.89
C ILE E 68 18.67 -24.46 -32.67
N TRP E 69 19.81 -23.83 -32.39
CA TRP E 69 21.04 -24.06 -33.13
C TRP E 69 21.49 -25.50 -33.03
N ASP E 70 21.22 -26.15 -31.90
CA ASP E 70 21.59 -27.56 -31.77
C ASP E 70 20.80 -28.35 -32.78
N GLN E 71 19.56 -27.95 -33.01
CA GLN E 71 18.69 -28.65 -33.95
C GLN E 71 18.99 -28.24 -35.41
N CYS E 72 19.16 -26.94 -35.71
CA CYS E 72 19.45 -26.58 -37.12
C CYS E 72 20.89 -26.92 -37.49
N LEU E 73 21.87 -26.54 -36.63
CA LEU E 73 23.25 -26.55 -37.05
C LEU E 73 24.05 -27.63 -36.35
N LYS E 74 23.93 -28.84 -36.86
CA LYS E 74 24.61 -29.94 -36.22
C LYS E 74 25.95 -29.97 -36.98
N PRO E 75 27.07 -29.80 -36.28
CA PRO E 75 28.39 -29.87 -36.91
C PRO E 75 28.83 -31.30 -37.18
N CYS E 76 29.73 -31.43 -38.18
CA CYS E 76 30.28 -32.73 -38.48
C CYS E 76 31.17 -33.21 -37.36
N VAL E 77 31.95 -32.29 -36.81
CA VAL E 77 32.87 -32.57 -35.73
C VAL E 77 32.71 -31.48 -34.69
N LYS E 78 32.60 -31.89 -33.44
CA LYS E 78 32.46 -30.98 -32.32
C LYS E 78 33.63 -31.23 -31.39
N LEU E 79 34.37 -30.18 -31.07
CA LEU E 79 35.56 -30.31 -30.26
C LEU E 79 35.40 -29.61 -28.94
N THR E 80 35.61 -30.36 -27.87
CA THR E 80 35.59 -29.86 -26.50
C THR E 80 36.95 -30.19 -25.97
N GLY E 81 37.41 -29.41 -25.00
CA GLY E 81 38.77 -29.60 -24.57
C GLY E 81 38.97 -31.05 -24.20
N GLY E 82 37.99 -31.63 -23.51
CA GLY E 82 38.09 -33.01 -23.15
C GLY E 82 38.07 -33.93 -24.36
N SER E 83 37.21 -33.66 -25.35
CA SER E 83 36.88 -34.75 -26.23
C SER E 83 36.73 -34.28 -27.67
N THR E 84 36.40 -35.24 -28.54
CA THR E 84 36.02 -35.06 -29.94
C THR E 84 34.74 -35.84 -30.22
N LEU E 85 33.81 -35.22 -30.94
CA LEU E 85 32.55 -35.84 -31.34
C LEU E 85 32.36 -35.74 -32.86
N THR E 86 31.81 -36.80 -33.45
CA THR E 86 31.48 -36.85 -34.88
C THR E 86 30.01 -37.21 -35.03
N GLN E 87 29.34 -36.60 -36.01
CA GLN E 87 27.93 -36.86 -36.23
C GLN E 87 27.53 -36.46 -37.66
N ALA E 88 26.30 -36.85 -38.00
CA ALA E 88 25.65 -36.42 -39.23
C ALA E 88 25.64 -34.89 -39.35
N CYS E 89 25.86 -34.42 -40.54
CA CYS E 89 26.15 -33.02 -40.72
C CYS E 89 25.20 -32.32 -41.67
N PRO E 90 23.96 -32.75 -41.73
CA PRO E 90 23.10 -32.38 -42.85
C PRO E 90 22.94 -30.88 -42.96
N LYS E 91 23.02 -30.40 -44.19
CA LYS E 91 22.60 -29.05 -44.45
C LYS E 91 21.09 -28.93 -44.29
N VAL E 92 20.64 -27.76 -43.89
CA VAL E 92 19.24 -27.51 -43.65
C VAL E 92 18.93 -26.08 -44.02
N THR E 93 17.63 -25.81 -44.17
CA THR E 93 17.08 -24.51 -44.50
C THR E 93 17.00 -23.61 -43.27
N PHE E 94 17.57 -22.42 -43.38
CA PHE E 94 17.82 -21.63 -42.20
C PHE E 94 17.49 -20.16 -42.36
N ASP E 95 16.35 -19.73 -41.78
CA ASP E 95 15.93 -18.34 -41.77
C ASP E 95 15.22 -18.00 -40.45
N PRO E 96 15.85 -17.21 -39.59
CA PRO E 96 15.25 -16.86 -38.29
C PRO E 96 13.84 -16.26 -38.37
N ILE E 97 12.96 -16.73 -37.48
CA ILE E 97 11.58 -16.21 -37.45
C ILE E 97 11.37 -15.51 -36.13
N PRO E 98 10.48 -14.52 -36.07
CA PRO E 98 10.24 -13.81 -34.80
C PRO E 98 9.64 -14.75 -33.76
N ILE E 99 10.17 -14.64 -32.54
CA ILE E 99 9.70 -15.36 -31.36
C ILE E 99 9.17 -14.33 -30.37
N HIS E 100 8.06 -14.65 -29.73
CA HIS E 100 7.50 -13.84 -28.65
C HIS E 100 7.71 -14.58 -27.33
N TYR E 101 8.04 -13.87 -26.26
CA TYR E 101 8.13 -14.50 -24.93
C TYR E 101 6.93 -14.05 -24.13
N CYS E 102 6.24 -15.01 -23.52
CA CYS E 102 4.96 -14.76 -22.90
C CYS E 102 4.94 -15.17 -21.45
N ALA E 103 4.17 -14.39 -20.63
CA ALA E 103 4.05 -14.72 -19.21
C ALA E 103 2.94 -15.76 -18.99
N PRO E 104 3.18 -16.79 -18.19
CA PRO E 104 2.16 -17.79 -17.86
C PRO E 104 1.19 -17.28 -16.79
N ALA E 105 0.24 -18.15 -16.42
CA ALA E 105 -0.80 -17.75 -15.47
C ALA E 105 -0.25 -17.22 -14.15
N GLY E 106 -0.78 -16.08 -13.72
CA GLY E 106 -0.34 -15.43 -12.51
C GLY E 106 0.83 -14.51 -12.64
N TYR E 107 1.36 -14.32 -13.84
CA TYR E 107 2.49 -13.48 -14.08
C TYR E 107 2.15 -12.57 -15.24
N ALA E 108 2.95 -11.53 -15.38
CA ALA E 108 2.85 -10.56 -16.47
C ALA E 108 4.22 -10.07 -16.92
N ILE E 109 4.24 -9.41 -18.07
CA ILE E 109 5.45 -8.75 -18.57
C ILE E 109 5.25 -7.24 -18.53
N LEU E 110 6.07 -6.54 -17.76
CA LEU E 110 6.08 -5.08 -17.85
C LEU E 110 6.83 -4.65 -19.07
N LYS E 111 6.35 -3.58 -19.69
CA LYS E 111 6.94 -3.03 -20.90
C LYS E 111 7.23 -1.56 -20.65
N CYS E 112 8.47 -1.14 -20.85
CA CYS E 112 8.81 0.28 -20.72
C CYS E 112 8.46 1.01 -21.99
N ASN E 113 7.59 2.04 -21.87
CA ASN E 113 7.16 2.84 -23.00
C ASN E 113 7.93 4.13 -23.16
N GLN E 114 8.85 4.43 -22.26
CA GLN E 114 9.68 5.60 -22.43
C GLN E 114 10.46 5.51 -23.75
N LYS E 115 10.40 6.60 -24.49
CA LYS E 115 10.99 6.69 -25.80
C LYS E 115 12.53 6.63 -25.76
N THR E 116 13.19 6.98 -24.65
CA THR E 116 14.65 6.96 -24.58
C THR E 116 15.16 6.32 -23.27
N PHE E 117 14.53 5.26 -22.80
CA PHE E 117 15.04 4.58 -21.63
C PHE E 117 16.40 3.95 -21.93
N ASN E 118 17.40 4.26 -21.10
CA ASN E 118 18.73 3.68 -21.30
C ASN E 118 18.81 2.21 -20.90
N GLY E 119 17.85 1.68 -20.14
CA GLY E 119 17.75 0.27 -19.85
C GLY E 119 18.14 -0.15 -18.44
N LYS E 120 18.81 0.69 -17.68
CA LYS E 120 19.07 0.42 -16.25
C LYS E 120 18.65 1.69 -15.53
N GLY E 121 17.62 1.57 -14.71
CA GLY E 121 17.09 2.71 -14.03
C GLY E 121 15.57 2.74 -14.00
N PRO E 122 15.01 3.89 -13.62
CA PRO E 122 13.56 4.05 -13.53
C PRO E 122 12.91 4.37 -14.87
N CYS E 123 11.77 3.71 -15.12
CA CYS E 123 10.93 3.92 -16.29
C CYS E 123 9.60 4.50 -15.82
N ASN E 124 9.19 5.64 -16.38
CA ASN E 124 7.96 6.31 -15.99
C ASN E 124 6.69 5.85 -16.73
N ASN E 125 6.70 5.67 -18.06
CA ASN E 125 5.50 5.24 -18.81
C ASN E 125 5.56 3.73 -19.00
N VAL E 126 4.86 3.00 -18.14
CA VAL E 126 4.89 1.53 -18.12
C VAL E 126 3.53 1.00 -18.49
N SER E 127 3.53 -0.17 -19.11
CA SER E 127 2.30 -0.87 -19.44
C SER E 127 2.49 -2.37 -19.20
N THR E 128 1.37 -3.09 -19.14
CA THR E 128 1.40 -4.54 -18.98
C THR E 128 0.99 -5.27 -20.24
N VAL E 129 1.74 -6.33 -20.56
CA VAL E 129 1.45 -7.16 -21.70
C VAL E 129 1.64 -8.63 -21.33
N GLN E 130 1.02 -9.50 -22.12
CA GLN E 130 1.24 -10.93 -21.92
C GLN E 130 2.52 -11.41 -22.56
N CYS E 131 2.88 -10.82 -23.72
CA CYS E 131 3.98 -11.28 -24.55
C CYS E 131 4.83 -10.10 -24.98
N THR E 132 6.09 -10.41 -25.25
CA THR E 132 6.99 -9.46 -25.88
C THR E 132 6.60 -9.30 -27.32
N HIS E 133 7.23 -8.33 -27.95
CA HIS E 133 7.08 -8.25 -29.38
C HIS E 133 7.82 -9.44 -30.00
N GLY E 134 7.70 -9.57 -31.32
CA GLY E 134 8.35 -10.64 -32.03
C GLY E 134 9.83 -10.33 -32.09
N ILE E 135 10.67 -11.26 -31.61
CA ILE E 135 12.12 -11.11 -31.58
C ILE E 135 12.74 -12.22 -32.42
N LYS E 136 13.58 -11.85 -33.37
CA LYS E 136 14.29 -12.84 -34.20
C LYS E 136 15.64 -13.26 -33.56
N PRO E 137 15.90 -14.50 -33.34
CA PRO E 137 17.20 -14.90 -32.73
C PRO E 137 18.36 -14.88 -33.72
N VAL E 138 18.70 -13.69 -34.18
CA VAL E 138 19.81 -13.50 -35.12
C VAL E 138 21.13 -13.47 -34.35
N VAL E 139 21.97 -14.45 -34.60
CA VAL E 139 23.28 -14.51 -33.95
C VAL E 139 24.27 -13.73 -34.82
N SER E 140 24.93 -12.75 -34.23
CA SER E 140 25.87 -11.97 -35.00
C SER E 140 26.81 -11.29 -34.02
N THR E 141 27.90 -10.74 -34.56
CA THR E 141 28.86 -9.99 -33.77
C THR E 141 29.03 -8.64 -34.47
N GLN E 142 29.47 -7.65 -33.70
CA GLN E 142 29.73 -6.30 -34.20
C GLN E 142 28.48 -5.49 -34.51
N LEU E 143 27.72 -5.95 -35.49
CA LEU E 143 26.51 -5.29 -35.97
C LEU E 143 25.30 -6.08 -35.57
N LEU E 144 24.32 -5.39 -35.03
CA LEU E 144 23.04 -5.98 -34.68
C LEU E 144 22.11 -5.87 -35.86
N LEU E 145 21.61 -7.00 -36.28
CA LEU E 145 20.86 -7.13 -37.51
C LEU E 145 19.39 -7.44 -37.24
N ASN E 146 18.56 -7.04 -38.21
CA ASN E 146 17.15 -7.40 -38.23
C ASN E 146 16.46 -7.14 -36.89
N GLY E 147 16.93 -6.17 -36.09
CA GLY E 147 16.33 -5.87 -34.81
C GLY E 147 15.44 -4.65 -34.88
N SER E 148 15.17 -4.05 -33.71
CA SER E 148 14.28 -2.89 -33.62
C SER E 148 15.08 -1.61 -33.48
N LEU E 149 14.44 -0.53 -33.90
CA LEU E 149 15.06 0.79 -33.91
C LEU E 149 14.52 1.66 -32.78
N ALA E 150 15.33 2.65 -32.43
CA ALA E 150 14.96 3.64 -31.43
C ALA E 150 13.94 4.61 -32.02
N GLU E 151 12.95 4.94 -31.19
CA GLU E 151 11.85 5.85 -31.57
C GLU E 151 12.33 7.30 -31.72
N GLU E 152 13.13 7.79 -30.76
CA GLU E 152 13.54 9.19 -30.75
C GLU E 152 14.93 9.40 -31.31
N GLU E 153 15.94 9.10 -30.49
CA GLU E 153 17.32 9.38 -30.84
C GLU E 153 18.17 8.19 -30.36
N ILE E 154 19.38 8.07 -30.91
CA ILE E 154 20.22 6.90 -30.67
C ILE E 154 20.48 6.76 -29.18
N VAL E 155 20.44 5.50 -28.71
CA VAL E 155 20.59 5.21 -27.30
C VAL E 155 21.88 4.41 -27.10
N ILE E 156 22.70 4.83 -26.13
CA ILE E 156 23.89 4.11 -25.68
C ILE E 156 23.57 3.39 -24.39
N ARG E 157 23.83 2.10 -24.35
CA ARG E 157 23.47 1.28 -23.22
C ARG E 157 24.69 0.55 -22.73
N SER E 158 24.97 0.70 -21.44
CA SER E 158 26.07 -0.01 -20.84
C SER E 158 25.72 -0.26 -19.39
N LYS E 159 26.23 -1.36 -18.89
CA LYS E 159 26.10 -1.62 -17.47
C LYS E 159 26.84 -0.53 -16.70
N ASN E 160 27.98 -0.05 -17.24
CA ASN E 160 28.72 1.09 -16.73
C ASN E 160 29.51 1.67 -17.90
N LEU E 161 29.20 2.88 -18.32
CA LEU E 161 30.02 3.45 -19.40
C LEU E 161 31.44 3.75 -18.94
N ARG E 162 31.62 4.12 -17.67
CA ARG E 162 32.92 4.46 -17.09
C ARG E 162 33.89 3.28 -17.08
N ASP E 163 33.38 2.06 -17.04
CA ASP E 163 34.17 0.82 -17.02
C ASP E 163 34.36 0.35 -18.47
N ASN E 164 35.58 0.50 -18.98
CA ASN E 164 35.84 0.21 -20.39
C ASN E 164 35.64 -1.25 -20.72
N ALA E 165 35.63 -2.13 -19.72
CA ALA E 165 35.51 -3.56 -19.97
C ALA E 165 34.08 -3.98 -20.29
N LYS E 166 33.11 -3.13 -19.99
CA LYS E 166 31.72 -3.46 -20.21
C LYS E 166 31.28 -3.11 -21.63
N ILE E 167 30.61 -4.07 -22.27
CA ILE E 167 30.16 -3.89 -23.63
C ILE E 167 29.25 -2.66 -23.67
N ILE E 168 29.26 -1.98 -24.82
CA ILE E 168 28.38 -0.87 -25.14
C ILE E 168 27.41 -1.34 -26.19
N ILE E 169 26.13 -1.27 -25.90
CA ILE E 169 25.11 -1.59 -26.89
C ILE E 169 24.53 -0.28 -27.41
N VAL E 170 24.61 -0.08 -28.72
CA VAL E 170 24.05 1.08 -29.39
C VAL E 170 22.78 0.67 -30.11
N GLN E 171 21.73 1.45 -29.94
CA GLN E 171 20.49 1.23 -30.69
C GLN E 171 20.32 2.35 -31.68
N LEU E 172 20.15 1.98 -32.93
CA LEU E 172 20.17 2.97 -33.97
C LEU E 172 18.83 3.70 -34.14
N ASN E 173 18.94 4.94 -34.62
CA ASN E 173 17.89 5.87 -35.01
C ASN E 173 17.26 5.45 -36.34
N LYS E 174 18.11 5.09 -37.28
CA LYS E 174 17.73 4.83 -38.66
C LYS E 174 18.55 3.65 -39.15
N SER E 175 17.88 2.62 -39.65
CA SER E 175 18.60 1.42 -40.04
C SER E 175 19.44 1.66 -41.29
N VAL E 176 20.50 0.88 -41.43
CA VAL E 176 21.38 0.89 -42.60
C VAL E 176 21.36 -0.49 -43.24
N GLU E 177 21.13 -0.53 -44.54
CA GLU E 177 21.04 -1.81 -45.23
C GLU E 177 22.42 -2.36 -45.52
N ILE E 178 22.53 -3.68 -45.45
CA ILE E 178 23.75 -4.40 -45.81
C ILE E 178 23.36 -5.66 -46.56
N VAL E 179 24.06 -5.95 -47.65
CA VAL E 179 23.80 -7.16 -48.41
C VAL E 179 25.09 -7.90 -48.60
N CYS E 180 25.15 -9.14 -48.13
CA CYS E 180 26.31 -10.00 -48.28
C CYS E 180 25.95 -11.14 -49.20
N THR E 181 26.86 -11.47 -50.10
CA THR E 181 26.57 -12.46 -51.10
C THR E 181 27.76 -13.37 -51.32
N ARG E 182 27.47 -14.65 -51.56
CA ARG E 182 28.45 -15.53 -52.18
C ARG E 182 27.93 -15.81 -53.58
N PRO E 183 28.51 -15.25 -54.66
CA PRO E 183 27.87 -15.40 -55.96
C PRO E 183 27.90 -16.86 -56.35
N ASN E 184 26.96 -17.25 -57.20
CA ASN E 184 26.94 -18.61 -57.71
C ASN E 184 28.17 -18.93 -58.56
N ASN E 185 28.68 -20.16 -58.43
CA ASN E 185 29.83 -20.63 -59.24
C ASN E 185 29.42 -20.93 -60.70
N GLY E 192 36.47 -20.25 -59.57
CA GLY E 192 36.02 -19.36 -58.51
C GLY E 192 36.17 -20.02 -57.15
N ASP E 193 36.31 -19.19 -56.11
CA ASP E 193 36.51 -19.64 -54.75
C ASP E 193 35.16 -19.75 -54.06
N ILE E 194 34.73 -20.97 -53.76
CA ILE E 194 33.40 -21.18 -53.20
C ILE E 194 33.27 -20.50 -51.84
N ARG E 195 34.38 -20.35 -51.13
CA ARG E 195 34.44 -19.64 -49.85
C ARG E 195 34.33 -18.13 -50.03
N GLN E 196 34.72 -17.61 -51.20
CA GLN E 196 34.84 -16.17 -51.40
C GLN E 196 33.46 -15.52 -51.40
N ALA E 197 33.32 -14.43 -50.65
CA ALA E 197 32.06 -13.67 -50.60
C ALA E 197 32.37 -12.20 -50.35
N TYR E 198 31.32 -11.37 -50.41
CA TYR E 198 31.48 -9.94 -50.25
C TYR E 198 30.17 -9.36 -49.72
N CYS E 199 30.25 -8.15 -49.18
CA CYS E 199 29.12 -7.38 -48.69
C CYS E 199 29.15 -5.98 -49.31
N GLN E 200 27.96 -5.43 -49.56
CA GLN E 200 27.78 -4.06 -50.02
C GLN E 200 27.02 -3.23 -49.01
N ILE E 201 27.48 -2.02 -48.80
CA ILE E 201 26.82 -1.02 -47.95
C ILE E 201 26.94 0.36 -48.58
N SER E 202 25.87 1.14 -48.54
CA SER E 202 25.96 2.53 -48.94
C SER E 202 26.88 3.28 -47.98
N GLY E 203 27.99 3.74 -48.50
CA GLY E 203 28.92 4.47 -47.66
C GLY E 203 28.34 5.75 -47.11
N ARG E 204 27.51 6.45 -47.90
CA ARG E 204 26.94 7.70 -47.41
C ARG E 204 26.01 7.41 -46.24
N GLN E 205 25.17 6.40 -46.39
CA GLN E 205 24.25 6.00 -45.33
C GLN E 205 25.01 5.58 -44.08
N TRP E 206 26.11 4.82 -44.24
CA TRP E 206 26.91 4.36 -43.09
C TRP E 206 27.66 5.50 -42.43
N SER E 207 28.32 6.34 -43.23
CA SER E 207 29.06 7.47 -42.70
C SER E 207 28.14 8.37 -41.90
N GLU E 208 26.91 8.61 -42.39
CA GLU E 208 26.01 9.45 -41.64
C GLU E 208 25.69 8.79 -40.32
N ALA E 209 25.35 7.51 -40.36
CA ALA E 209 25.03 6.79 -39.14
C ALA E 209 26.16 6.90 -38.13
N VAL E 210 27.39 6.69 -38.57
CA VAL E 210 28.53 6.75 -37.64
C VAL E 210 28.61 8.11 -36.96
N ASN E 211 28.54 9.19 -37.73
CA ASN E 211 28.64 10.52 -37.14
C ASN E 211 27.57 10.71 -36.09
N GLN E 212 26.37 10.18 -36.36
CA GLN E 212 25.25 10.38 -35.46
C GLN E 212 25.50 9.72 -34.13
N VAL E 213 26.13 8.54 -34.14
CA VAL E 213 26.45 7.83 -32.92
C VAL E 213 27.72 8.39 -32.28
N LYS E 214 28.69 8.76 -33.10
CA LYS E 214 29.82 9.47 -32.54
C LYS E 214 29.33 10.68 -31.76
N LYS E 215 28.34 11.42 -32.29
CA LYS E 215 27.84 12.59 -31.56
C LYS E 215 27.15 12.17 -30.24
N LYS E 216 26.29 11.14 -30.26
CA LYS E 216 25.70 10.70 -28.99
C LYS E 216 26.79 10.20 -28.04
N LEU E 217 27.82 9.55 -28.58
CA LEU E 217 28.90 9.09 -27.73
C LEU E 217 29.65 10.24 -27.11
N LYS E 218 29.75 11.35 -27.85
CA LYS E 218 30.43 12.54 -27.37
C LYS E 218 29.70 13.13 -26.17
N GLU E 219 28.39 12.93 -26.08
CA GLU E 219 27.64 13.45 -24.94
C GLU E 219 28.03 12.79 -23.64
N HIS E 220 28.41 11.52 -23.69
CA HIS E 220 28.81 10.81 -22.47
C HIS E 220 30.28 11.01 -22.18
N PHE E 221 31.06 11.44 -23.16
CA PHE E 221 32.50 11.69 -22.99
C PHE E 221 32.76 13.11 -23.48
N PRO E 222 32.37 14.10 -22.70
CA PRO E 222 32.48 15.48 -23.17
C PRO E 222 33.94 15.89 -23.30
N HIS E 223 34.20 16.81 -24.23
CA HIS E 223 35.56 17.33 -24.43
C HIS E 223 36.51 16.29 -25.04
N LYS E 224 36.01 15.11 -25.44
CA LYS E 224 36.82 14.03 -26.01
C LYS E 224 36.45 13.85 -27.48
N GLN E 225 37.43 13.58 -28.32
CA GLN E 225 37.12 13.19 -29.69
C GLN E 225 36.78 11.71 -29.71
N ILE E 226 35.97 11.34 -30.67
CA ILE E 226 35.49 9.97 -30.76
C ILE E 226 36.15 9.35 -31.97
N SER E 227 36.92 8.27 -31.72
CA SER E 227 37.62 7.53 -32.76
C SER E 227 37.10 6.10 -32.82
N PHE E 228 36.80 5.67 -34.05
CA PHE E 228 36.35 4.31 -34.34
C PHE E 228 37.48 3.56 -35.04
N GLN E 229 37.86 2.43 -34.47
CA GLN E 229 38.94 1.68 -35.07
C GLN E 229 38.68 0.20 -34.93
N SER E 230 39.36 -0.59 -35.77
CA SER E 230 39.18 -2.03 -35.77
C SER E 230 39.80 -2.64 -34.51
N SER E 231 39.44 -3.91 -34.24
CA SER E 231 39.87 -4.63 -33.04
C SER E 231 41.36 -4.87 -33.10
N SER E 232 41.99 -4.80 -31.94
CA SER E 232 43.43 -5.04 -31.89
C SER E 232 43.77 -6.50 -32.26
N GLY E 233 42.83 -7.42 -32.10
CA GLY E 233 43.05 -8.84 -32.34
C GLY E 233 42.24 -9.65 -31.35
N GLY E 234 42.20 -10.98 -31.58
CA GLY E 234 41.35 -11.93 -30.86
C GLY E 234 40.73 -12.94 -31.84
N ASP E 235 39.69 -13.66 -31.41
CA ASP E 235 39.06 -14.66 -32.28
C ASP E 235 38.37 -14.03 -33.48
N LEU E 236 38.41 -14.73 -34.61
CA LEU E 236 37.81 -14.23 -35.84
C LEU E 236 36.32 -13.99 -35.69
N GLU E 237 35.64 -14.76 -34.84
CA GLU E 237 34.22 -14.55 -34.63
C GLU E 237 33.95 -13.14 -34.15
N ILE E 238 34.91 -12.59 -33.40
CA ILE E 238 34.79 -11.30 -32.73
C ILE E 238 35.48 -10.19 -33.51
N THR E 239 36.57 -10.52 -34.21
CA THR E 239 37.30 -9.48 -34.94
C THR E 239 36.65 -9.10 -36.25
N THR E 240 35.80 -9.96 -36.79
CA THR E 240 35.03 -9.66 -37.99
C THR E 240 33.55 -9.64 -37.59
N HIS E 241 32.69 -9.17 -38.51
CA HIS E 241 31.23 -9.27 -38.41
C HIS E 241 30.79 -10.65 -38.87
N SER E 242 30.45 -11.48 -37.91
CA SER E 242 30.21 -12.88 -38.10
C SER E 242 28.71 -13.12 -38.00
N PHE E 243 28.22 -14.02 -38.83
CA PHE E 243 26.81 -14.35 -38.75
C PHE E 243 26.59 -15.60 -39.57
N ASN E 244 25.36 -16.08 -39.52
CA ASN E 244 25.00 -17.24 -40.30
C ASN E 244 23.89 -16.83 -41.26
N CYS E 245 24.08 -17.17 -42.52
CA CYS E 245 23.12 -16.84 -43.56
C CYS E 245 22.84 -18.09 -44.39
N GLY E 246 21.59 -18.52 -44.42
CA GLY E 246 21.25 -19.75 -45.13
C GLY E 246 22.01 -20.98 -44.64
N GLY E 247 22.37 -21.04 -43.36
CA GLY E 247 23.09 -22.16 -42.82
C GLY E 247 24.60 -22.05 -42.93
N GLU E 248 25.11 -21.05 -43.66
CA GLU E 248 26.55 -20.91 -43.88
C GLU E 248 27.09 -19.79 -43.01
N PHE E 249 28.26 -20.00 -42.43
CA PHE E 249 28.83 -19.06 -41.49
C PHE E 249 29.68 -18.00 -42.20
N PHE E 250 29.22 -16.77 -42.17
CA PHE E 250 29.93 -15.69 -42.82
C PHE E 250 30.84 -14.99 -41.82
N TYR E 251 32.00 -14.60 -42.32
CA TYR E 251 32.96 -13.80 -41.56
C TYR E 251 33.40 -12.67 -42.48
N CYS E 252 33.14 -11.41 -42.07
CA CYS E 252 33.28 -10.26 -42.95
C CYS E 252 34.17 -9.18 -42.36
N ASN E 253 35.12 -8.70 -43.15
CA ASN E 253 36.11 -7.76 -42.71
C ASN E 253 35.43 -6.41 -42.59
N THR E 254 35.36 -5.87 -41.39
CA THR E 254 34.76 -4.56 -41.23
C THR E 254 35.80 -3.46 -41.09
N SER E 255 37.00 -3.64 -41.63
CA SER E 255 37.98 -2.56 -41.56
C SER E 255 37.44 -1.29 -42.17
N GLY E 256 36.70 -1.42 -43.27
CA GLY E 256 36.13 -0.29 -43.97
C GLY E 256 34.95 0.35 -43.31
N LEU E 257 34.44 -0.29 -42.26
CA LEU E 257 33.26 0.21 -41.58
C LEU E 257 33.63 1.05 -40.38
N PHE E 258 34.56 0.57 -39.57
CA PHE E 258 34.96 1.20 -38.30
C PHE E 258 36.29 1.89 -38.48
N ASN E 259 36.19 3.09 -39.05
CA ASN E 259 37.30 3.91 -39.49
C ASN E 259 36.95 5.38 -39.32
N ASP E 260 37.95 6.16 -38.97
CA ASP E 260 37.68 7.57 -38.74
C ASP E 260 37.49 8.31 -40.06
N THR E 261 37.87 7.70 -41.19
CA THR E 261 37.59 8.23 -42.52
C THR E 261 36.78 7.20 -43.30
N ILE E 262 35.58 7.54 -43.73
CA ILE E 262 34.74 6.54 -44.36
C ILE E 262 34.38 6.98 -45.76
N SER E 263 34.35 6.01 -46.68
CA SER E 263 34.10 6.30 -48.08
C SER E 263 32.70 6.82 -48.27
N ASN E 264 32.52 7.92 -49.10
CA ASN E 264 31.15 8.45 -49.39
C ASN E 264 30.36 7.56 -50.23
N ALA E 265 30.84 6.36 -50.48
CA ALA E 265 30.60 5.65 -51.72
C ALA E 265 30.08 4.26 -51.39
N THR E 266 29.83 3.47 -52.41
CA THR E 266 29.46 2.10 -52.13
C THR E 266 30.66 1.38 -51.55
N ILE E 267 30.42 0.57 -50.53
CA ILE E 267 31.50 -0.11 -49.84
C ILE E 267 31.37 -1.60 -50.05
N MET E 268 32.51 -2.23 -50.31
CA MET E 268 32.54 -3.67 -50.46
C MET E 268 33.42 -4.22 -49.35
N LEU E 269 32.84 -5.18 -48.55
CA LEU E 269 33.53 -5.89 -47.49
C LEU E 269 33.90 -7.28 -47.98
N PRO E 270 35.12 -7.74 -47.74
CA PRO E 270 35.44 -9.13 -48.09
C PRO E 270 34.93 -10.10 -47.04
N CYS E 271 34.37 -11.21 -47.49
CA CYS E 271 33.90 -12.24 -46.57
C CYS E 271 34.36 -13.61 -47.04
N ARG E 272 34.45 -14.52 -46.07
CA ARG E 272 34.78 -15.92 -46.30
C ARG E 272 33.76 -16.79 -45.62
N ILE E 273 33.39 -17.90 -46.26
CA ILE E 273 32.58 -18.92 -45.60
C ILE E 273 33.57 -19.82 -44.88
N LYS E 274 33.40 -19.97 -43.58
CA LYS E 274 34.32 -20.75 -42.77
C LYS E 274 33.61 -22.01 -42.32
N GLN E 275 34.36 -23.13 -42.30
CA GLN E 275 33.84 -24.39 -41.79
C GLN E 275 34.12 -24.60 -40.30
N ILE E 276 35.20 -24.04 -39.78
CA ILE E 276 35.61 -24.18 -38.38
C ILE E 276 35.32 -22.89 -37.66
N ILE E 277 34.50 -22.95 -36.63
CA ILE E 277 34.10 -21.77 -35.89
C ILE E 277 34.39 -22.02 -34.42
N ASN E 278 34.56 -20.94 -33.70
CA ASN E 278 34.58 -20.99 -32.26
C ASN E 278 33.12 -20.80 -31.84
N MET E 279 32.62 -21.74 -31.05
CA MET E 279 31.21 -21.73 -30.67
C MET E 279 30.93 -20.62 -29.68
N TRP E 280 29.76 -20.03 -29.84
CA TRP E 280 29.27 -19.12 -28.81
C TRP E 280 28.44 -19.85 -27.74
N GLN E 281 27.90 -21.03 -28.08
CA GLN E 281 27.07 -21.80 -27.15
C GLN E 281 27.87 -22.32 -25.97
N GLU E 282 29.13 -22.73 -26.21
CA GLU E 282 30.01 -23.30 -25.20
C GLU E 282 31.44 -23.09 -25.69
N VAL E 283 32.39 -23.33 -24.81
CA VAL E 283 33.79 -23.29 -25.24
C VAL E 283 34.10 -24.55 -26.03
N GLY E 284 34.57 -24.34 -27.26
CA GLY E 284 34.88 -25.44 -28.15
C GLY E 284 34.84 -24.94 -29.57
N LYS E 285 35.15 -25.86 -30.46
CA LYS E 285 35.23 -25.59 -31.88
C LYS E 285 34.32 -26.57 -32.61
N ALA E 286 33.66 -26.07 -33.66
CA ALA E 286 32.78 -26.86 -34.48
C ALA E 286 33.33 -26.85 -35.90
N ILE E 287 33.16 -27.96 -36.58
CA ILE E 287 33.54 -28.09 -37.98
C ILE E 287 32.30 -28.48 -38.79
N TYR E 288 31.95 -27.65 -39.75
CA TYR E 288 30.78 -27.83 -40.56
C TYR E 288 31.22 -28.18 -41.98
N ALA E 289 30.28 -28.68 -42.76
CA ALA E 289 30.53 -29.15 -44.11
C ALA E 289 30.78 -27.98 -45.09
N PRO E 290 31.47 -28.24 -46.19
CA PRO E 290 31.70 -27.20 -47.18
C PRO E 290 30.38 -26.63 -47.66
N PRO E 291 30.42 -25.42 -48.19
CA PRO E 291 29.20 -24.69 -48.53
C PRO E 291 28.38 -25.35 -49.62
N ILE E 292 27.11 -25.01 -49.61
CA ILE E 292 26.20 -25.47 -50.61
C ILE E 292 26.48 -24.79 -51.94
N LYS E 293 25.94 -25.39 -53.00
CA LYS E 293 26.03 -24.85 -54.33
C LYS E 293 24.91 -23.78 -54.49
N GLY E 294 25.19 -22.78 -55.31
CA GLY E 294 24.27 -21.70 -55.59
C GLY E 294 24.64 -20.40 -54.89
N GLN E 295 23.81 -19.41 -55.16
CA GLN E 295 23.98 -18.06 -54.65
C GLN E 295 23.35 -17.93 -53.27
N ILE E 296 24.15 -17.46 -52.34
CA ILE E 296 23.72 -17.25 -50.97
C ILE E 296 23.76 -15.76 -50.71
N THR E 297 22.61 -15.20 -50.33
CA THR E 297 22.50 -13.78 -50.14
C THR E 297 21.70 -13.49 -48.88
N CYS E 298 22.13 -12.47 -48.14
CA CYS E 298 21.36 -11.92 -47.02
C CYS E 298 21.27 -10.40 -47.13
N LYS E 299 20.03 -9.86 -47.30
CA LYS E 299 19.78 -8.42 -47.24
C LYS E 299 19.24 -8.11 -45.86
N SER E 300 20.05 -7.46 -45.02
CA SER E 300 19.73 -7.26 -43.61
C SER E 300 19.81 -5.78 -43.22
N ASP E 301 19.06 -5.43 -42.16
CA ASP E 301 19.02 -4.07 -41.64
C ASP E 301 19.90 -3.95 -40.40
N ILE E 302 20.95 -3.13 -40.48
CA ILE E 302 21.76 -2.84 -39.30
C ILE E 302 20.98 -1.89 -38.41
N THR E 303 20.57 -2.37 -37.25
CA THR E 303 19.73 -1.60 -36.34
C THR E 303 20.38 -1.24 -35.02
N GLY E 304 21.62 -1.70 -34.77
CA GLY E 304 22.34 -1.44 -33.52
C GLY E 304 23.76 -1.94 -33.64
N LEU E 305 24.60 -1.51 -32.68
CA LEU E 305 26.04 -1.79 -32.68
C LEU E 305 26.52 -2.35 -31.36
N LEU E 306 27.55 -3.19 -31.41
CA LEU E 306 28.21 -3.69 -30.21
C LEU E 306 29.66 -3.19 -30.20
N LEU E 307 29.97 -2.28 -29.27
CA LEU E 307 31.22 -1.57 -29.20
C LEU E 307 31.91 -1.82 -27.88
N LEU E 308 33.24 -1.70 -27.91
CA LEU E 308 34.06 -1.72 -26.72
C LEU E 308 34.97 -0.51 -26.70
N ARG E 309 34.98 0.21 -25.58
CA ARG E 309 35.79 1.40 -25.43
C ARG E 309 37.17 1.04 -24.89
N ASP E 310 38.20 1.61 -25.50
CA ASP E 310 39.58 1.29 -25.14
C ASP E 310 39.88 1.78 -23.72
N GLY E 311 40.63 0.97 -22.98
CA GLY E 311 40.93 1.33 -21.62
C GLY E 311 42.09 2.31 -21.49
N GLY E 312 42.23 2.82 -20.28
CA GLY E 312 43.38 3.59 -19.90
C GLY E 312 43.33 5.03 -20.38
N ASP E 313 44.34 5.79 -19.96
CA ASP E 313 44.42 7.23 -20.25
C ASP E 313 44.68 7.46 -21.74
N THR E 314 43.99 8.46 -22.31
CA THR E 314 44.09 8.84 -23.71
C THR E 314 44.91 10.12 -23.84
N THR E 315 46.11 10.01 -24.45
CA THR E 315 47.00 11.16 -24.54
C THR E 315 46.44 12.19 -25.56
N ASP E 316 45.69 11.76 -26.59
CA ASP E 316 45.18 12.69 -27.57
C ASP E 316 43.79 13.24 -27.25
N ASN E 317 43.30 13.06 -26.01
CA ASN E 317 41.96 13.50 -25.68
C ASN E 317 40.94 12.91 -26.67
N THR E 318 41.24 11.71 -27.13
CA THR E 318 40.39 10.95 -28.04
C THR E 318 40.10 9.65 -27.30
N GLU E 319 38.83 9.24 -27.37
CA GLU E 319 38.33 7.96 -26.85
C GLU E 319 38.17 7.05 -28.05
N ILE E 320 38.57 5.79 -27.90
CA ILE E 320 38.51 4.82 -29.00
C ILE E 320 37.45 3.79 -28.68
N PHE E 321 36.62 3.49 -29.69
CA PHE E 321 35.61 2.44 -29.62
C PHE E 321 35.91 1.47 -30.75
N ARG E 322 35.82 0.17 -30.45
CA ARG E 322 36.07 -0.90 -31.40
C ARG E 322 34.92 -1.92 -31.38
N PRO E 323 34.61 -2.51 -32.53
CA PRO E 323 33.49 -3.46 -32.57
C PRO E 323 33.78 -4.67 -31.70
N SER E 324 32.72 -5.20 -31.10
CA SER E 324 32.85 -6.35 -30.19
C SER E 324 31.60 -7.25 -30.30
N GLY E 325 31.43 -8.12 -29.32
CA GLY E 325 30.33 -9.06 -29.31
C GLY E 325 30.82 -10.41 -28.85
N GLY E 326 30.17 -11.48 -29.30
CA GLY E 326 30.65 -12.79 -28.95
C GLY E 326 29.80 -13.45 -27.87
N ASP E 327 29.37 -12.64 -26.88
CA ASP E 327 28.43 -13.06 -25.85
C ASP E 327 27.04 -12.79 -26.35
N MET E 328 26.37 -13.84 -26.85
CA MET E 328 25.10 -13.66 -27.54
C MET E 328 24.01 -13.19 -26.62
N ARG E 329 24.21 -13.32 -25.32
CA ARG E 329 23.26 -12.73 -24.40
C ARG E 329 23.11 -11.25 -24.67
N ASP E 330 24.21 -10.56 -24.92
CA ASP E 330 24.12 -9.13 -25.22
C ASP E 330 23.19 -8.88 -26.41
N ASN E 331 23.23 -9.76 -27.42
CA ASN E 331 22.32 -9.61 -28.58
C ASN E 331 20.86 -9.59 -28.14
N TRP E 332 20.49 -10.42 -27.18
CA TRP E 332 19.11 -10.45 -26.71
C TRP E 332 18.76 -9.21 -25.87
N ARG E 333 19.71 -8.72 -25.05
CA ARG E 333 19.48 -7.55 -24.21
C ARG E 333 19.08 -6.36 -25.06
N SER E 334 19.61 -6.29 -26.29
CA SER E 334 19.30 -5.16 -27.14
C SER E 334 17.82 -5.10 -27.43
N GLU E 335 17.13 -6.24 -27.26
CA GLU E 335 15.71 -6.31 -27.55
C GLU E 335 14.84 -6.46 -26.31
N LEU E 336 15.35 -7.11 -25.28
CA LEU E 336 14.57 -7.34 -24.10
C LEU E 336 14.74 -6.25 -23.04
N TYR E 337 15.56 -5.22 -23.31
CA TYR E 337 15.90 -4.26 -22.26
C TYR E 337 14.66 -3.69 -21.62
N LYS E 338 13.62 -3.51 -22.42
CA LYS E 338 12.43 -2.80 -22.00
C LYS E 338 11.43 -3.71 -21.31
N TYR E 339 11.76 -4.97 -21.08
CA TYR E 339 10.81 -5.90 -20.48
C TYR E 339 11.37 -6.40 -19.16
N LYS E 340 10.44 -6.68 -18.22
CA LYS E 340 10.75 -7.40 -17.00
C LYS E 340 9.54 -8.24 -16.60
N VAL E 341 9.78 -9.32 -15.85
CA VAL E 341 8.73 -10.25 -15.46
C VAL E 341 8.29 -9.93 -14.04
N VAL E 342 6.97 -9.86 -13.83
CA VAL E 342 6.40 -9.49 -12.55
C VAL E 342 5.32 -10.52 -12.20
N GLU E 343 5.08 -10.68 -10.90
CA GLU E 343 4.02 -11.56 -10.40
C GLU E 343 2.87 -10.74 -9.85
N ILE E 344 1.64 -11.10 -10.24
CA ILE E 344 0.45 -10.42 -9.78
C ILE E 344 0.25 -10.67 -8.29
N VAL F 1 -0.55 22.50 -43.25
CA VAL F 1 -0.23 23.07 -44.59
C VAL F 1 -0.24 24.64 -44.57
N TRP F 2 -1.01 25.21 -43.64
CA TRP F 2 -1.11 26.66 -43.49
C TRP F 2 -1.92 26.93 -42.23
N LYS F 3 -2.23 28.21 -41.99
CA LYS F 3 -2.99 28.62 -40.82
C LYS F 3 -4.43 28.05 -40.80
N GLU F 4 -4.93 27.75 -39.59
CA GLU F 4 -6.30 27.30 -39.44
C GLU F 4 -7.19 28.52 -39.71
N ALA F 5 -8.32 28.30 -40.38
CA ALA F 5 -9.14 29.42 -40.85
C ALA F 5 -10.62 29.10 -40.74
N LYS F 6 -11.41 30.17 -40.70
CA LYS F 6 -12.87 30.14 -40.70
C LYS F 6 -13.33 30.79 -42.00
N THR F 7 -14.21 30.13 -42.73
CA THR F 7 -14.72 30.62 -44.00
C THR F 7 -16.11 30.07 -44.23
N THR F 8 -16.67 30.39 -45.39
CA THR F 8 -17.92 29.78 -45.83
C THR F 8 -17.59 28.71 -46.86
N LEU F 9 -17.82 27.46 -46.51
CA LEU F 9 -17.64 26.35 -47.43
C LEU F 9 -18.83 26.24 -48.34
N PHE F 10 -18.65 25.49 -49.40
CA PHE F 10 -19.72 25.20 -50.32
C PHE F 10 -19.91 23.69 -50.37
N CYS F 11 -21.13 23.31 -50.64
CA CYS F 11 -21.58 21.94 -50.58
C CYS F 11 -21.69 21.35 -51.96
N ALA F 12 -21.45 20.04 -52.05
CA ALA F 12 -21.55 19.29 -53.29
C ALA F 12 -22.46 18.08 -53.08
N SER F 13 -23.15 17.67 -54.13
CA SER F 13 -24.08 16.56 -54.02
C SER F 13 -24.41 15.97 -55.38
N ASP F 14 -25.07 14.81 -55.34
CA ASP F 14 -25.57 14.09 -56.49
C ASP F 14 -27.06 14.28 -56.69
N ALA F 15 -27.58 15.41 -56.26
CA ALA F 15 -29.01 15.65 -56.43
C ALA F 15 -29.39 15.59 -57.90
N LYS F 16 -30.63 15.16 -58.16
CA LYS F 16 -31.18 15.03 -59.50
C LYS F 16 -32.24 16.13 -59.73
N ALA F 17 -32.05 16.94 -60.79
CA ALA F 17 -32.90 18.11 -61.07
C ALA F 17 -34.34 17.74 -61.40
N TYR F 18 -34.58 16.52 -61.81
CA TYR F 18 -35.94 16.10 -62.09
C TYR F 18 -36.64 15.58 -60.85
N GLU F 19 -35.95 15.49 -59.72
CA GLU F 19 -36.44 14.76 -58.56
C GLU F 19 -37.42 15.60 -57.73
N LYS F 20 -38.51 14.95 -57.30
CA LYS F 20 -39.51 15.58 -56.43
C LYS F 20 -39.13 15.56 -54.96
N GLU F 21 -38.25 14.64 -54.58
CA GLU F 21 -37.83 14.56 -53.18
C GLU F 21 -37.11 15.84 -52.76
N CYS F 22 -37.47 16.34 -51.56
CA CYS F 22 -37.14 17.72 -51.19
C CYS F 22 -35.66 17.93 -50.95
N HIS F 23 -34.96 16.93 -50.43
CA HIS F 23 -33.49 17.06 -50.28
C HIS F 23 -32.86 17.33 -51.64
N ASN F 24 -33.28 16.59 -52.66
CA ASN F 24 -32.82 16.84 -54.02
C ASN F 24 -33.25 18.23 -54.47
N VAL F 25 -34.54 18.54 -54.34
CA VAL F 25 -34.99 19.84 -54.78
C VAL F 25 -34.15 20.95 -54.13
N TRP F 26 -33.90 20.83 -52.83
CA TRP F 26 -33.13 21.81 -52.09
C TRP F 26 -31.66 21.81 -52.51
N ALA F 27 -31.11 20.64 -52.71
CA ALA F 27 -29.67 20.56 -53.01
C ALA F 27 -29.38 21.17 -54.36
N THR F 28 -30.31 21.02 -55.31
CA THR F 28 -30.09 21.47 -56.67
C THR F 28 -29.85 22.97 -56.73
N HIS F 29 -30.67 23.76 -56.03
CA HIS F 29 -30.43 25.20 -55.96
C HIS F 29 -29.23 25.47 -55.05
N ALA F 30 -29.08 24.69 -53.99
CA ALA F 30 -28.10 24.96 -52.92
C ALA F 30 -26.69 24.53 -53.28
N CYS F 31 -26.52 23.41 -54.01
CA CYS F 31 -25.22 22.74 -54.13
C CYS F 31 -24.70 22.62 -55.55
N VAL F 32 -23.38 22.58 -55.63
CA VAL F 32 -22.74 22.22 -56.88
C VAL F 32 -22.65 20.69 -57.00
N PRO F 33 -22.37 20.14 -58.20
CA PRO F 33 -22.21 18.68 -58.36
C PRO F 33 -20.93 18.12 -57.74
N THR F 34 -20.99 16.82 -57.52
CA THR F 34 -19.90 16.05 -56.97
C THR F 34 -18.85 15.74 -58.03
N ASP F 35 -17.57 15.89 -57.68
CA ASP F 35 -16.49 15.51 -58.56
C ASP F 35 -16.42 13.97 -58.55
N PRO F 36 -16.41 13.30 -59.69
CA PRO F 36 -16.42 11.82 -59.65
C PRO F 36 -15.21 11.26 -58.93
N ASN F 37 -14.02 11.84 -59.17
CA ASN F 37 -12.76 11.32 -58.68
C ASN F 37 -12.05 12.40 -57.87
N PRO F 38 -12.25 12.47 -56.55
CA PRO F 38 -11.50 13.44 -55.74
C PRO F 38 -10.11 12.89 -55.51
N GLN F 39 -9.14 13.78 -55.44
CA GLN F 39 -7.75 13.42 -55.19
C GLN F 39 -7.39 13.82 -53.77
N GLU F 40 -6.92 12.85 -53.00
CA GLU F 40 -6.55 13.05 -51.61
C GLU F 40 -5.04 13.01 -51.55
N VAL F 41 -4.45 14.06 -50.98
CA VAL F 41 -3.00 14.24 -50.98
C VAL F 41 -2.47 13.96 -49.59
N VAL F 42 -1.87 12.77 -49.41
CA VAL F 42 -1.34 12.47 -48.11
C VAL F 42 -0.19 13.41 -47.81
N LEU F 43 0.00 13.71 -46.52
CA LEU F 43 1.06 14.58 -46.06
C LEU F 43 2.02 13.80 -45.20
N GLU F 44 3.31 13.88 -45.54
CA GLU F 44 4.34 13.07 -44.90
C GLU F 44 5.00 13.91 -43.82
N ASN F 45 5.35 13.25 -42.70
CA ASN F 45 6.03 13.90 -41.56
C ASN F 45 5.29 15.18 -41.14
N VAL F 46 3.96 15.09 -41.05
CA VAL F 46 3.08 16.19 -40.65
C VAL F 46 2.27 15.76 -39.44
N THR F 47 2.10 16.67 -38.49
CA THR F 47 1.21 16.47 -37.36
C THR F 47 0.34 17.70 -37.23
N GLU F 48 -0.96 17.49 -37.04
CA GLU F 48 -1.91 18.57 -36.90
C GLU F 48 -2.84 18.29 -35.74
N ASN F 49 -3.29 19.36 -35.08
CA ASN F 49 -4.29 19.26 -34.02
C ASN F 49 -5.70 19.51 -34.59
N PHE F 50 -6.63 18.63 -34.22
CA PHE F 50 -8.03 18.74 -34.57
C PHE F 50 -8.83 18.89 -33.28
N ASN F 51 -9.89 19.67 -33.31
CA ASN F 51 -10.82 19.75 -32.18
C ASN F 51 -12.24 19.73 -32.70
N MET F 52 -12.89 18.58 -32.59
CA MET F 52 -14.25 18.45 -33.09
C MET F 52 -15.20 19.27 -32.25
N TRP F 53 -14.79 19.66 -31.06
CA TRP F 53 -15.70 20.35 -30.18
C TRP F 53 -15.70 21.86 -30.38
N LYS F 54 -14.70 22.36 -31.11
CA LYS F 54 -14.55 23.77 -31.51
C LYS F 54 -14.24 23.77 -33.00
N ASN F 55 -15.23 23.47 -33.83
CA ASN F 55 -15.05 23.36 -35.27
C ASN F 55 -16.14 24.16 -35.96
N ASP F 56 -15.76 25.23 -36.68
CA ASP F 56 -16.75 26.03 -37.40
C ASP F 56 -17.50 25.18 -38.43
N MET F 57 -16.91 24.09 -38.93
CA MET F 57 -17.62 23.32 -39.95
C MET F 57 -18.95 22.84 -39.43
N VAL F 58 -18.98 22.48 -38.14
CA VAL F 58 -20.19 21.98 -37.50
C VAL F 58 -21.30 23.03 -37.54
N ASP F 59 -20.97 24.28 -37.22
CA ASP F 59 -22.01 25.29 -37.20
C ASP F 59 -22.57 25.55 -38.59
N GLN F 60 -21.78 25.28 -39.63
CA GLN F 60 -22.26 25.53 -40.98
C GLN F 60 -23.26 24.47 -41.42
N MET F 61 -22.97 23.21 -41.11
CA MET F 61 -23.94 22.18 -41.45
C MET F 61 -25.25 22.45 -40.73
N GLN F 62 -25.15 22.86 -39.48
CA GLN F 62 -26.36 23.14 -38.73
C GLN F 62 -27.21 24.17 -39.45
N GLU F 63 -26.56 25.23 -39.97
CA GLU F 63 -27.26 26.27 -40.70
C GLU F 63 -27.95 25.71 -41.96
N ASP F 64 -27.32 24.74 -42.60
CA ASP F 64 -27.87 24.14 -43.82
C ASP F 64 -29.09 23.27 -43.50
N VAL F 65 -28.97 22.40 -42.48
CA VAL F 65 -30.06 21.48 -42.21
C VAL F 65 -31.32 22.22 -41.80
N ILE F 66 -31.15 23.32 -41.08
CA ILE F 66 -32.26 24.21 -40.81
C ILE F 66 -32.91 24.69 -42.10
N SER F 67 -32.07 25.15 -43.07
CA SER F 67 -32.60 25.66 -44.35
C SER F 67 -33.36 24.57 -45.08
N ILE F 68 -32.84 23.35 -45.04
CA ILE F 68 -33.53 22.23 -45.63
C ILE F 68 -34.90 22.10 -44.99
N TRP F 69 -34.91 22.03 -43.67
CA TRP F 69 -36.14 21.83 -42.94
C TRP F 69 -37.11 23.02 -43.12
N ASP F 70 -36.60 24.25 -43.27
CA ASP F 70 -37.53 25.35 -43.46
C ASP F 70 -38.33 25.12 -44.74
N GLN F 71 -37.66 24.60 -45.78
CA GLN F 71 -38.25 24.34 -47.09
C GLN F 71 -39.05 23.02 -47.21
N CYS F 72 -38.50 21.87 -46.78
CA CYS F 72 -39.22 20.59 -46.98
C CYS F 72 -40.31 20.39 -45.94
N LEU F 73 -40.03 20.71 -44.66
CA LEU F 73 -40.99 20.40 -43.60
C LEU F 73 -41.65 21.66 -43.07
N LYS F 74 -42.67 22.10 -43.75
CA LYS F 74 -43.24 23.38 -43.41
C LYS F 74 -44.41 23.11 -42.51
N PRO F 75 -44.38 23.51 -41.23
CA PRO F 75 -45.51 23.22 -40.34
C PRO F 75 -46.65 24.14 -40.69
N CYS F 76 -47.86 23.69 -40.38
CA CYS F 76 -49.03 24.54 -40.56
C CYS F 76 -48.97 25.73 -39.63
N VAL F 77 -48.51 25.53 -38.39
CA VAL F 77 -48.34 26.61 -37.43
C VAL F 77 -46.99 26.48 -36.73
N LYS F 78 -46.31 27.62 -36.51
CA LYS F 78 -45.05 27.65 -35.79
C LYS F 78 -45.19 28.62 -34.62
N LEU F 79 -44.91 28.13 -33.42
CA LEU F 79 -45.13 28.88 -32.19
C LEU F 79 -43.82 29.17 -31.49
N THR F 80 -43.59 30.46 -31.26
CA THR F 80 -42.45 30.97 -30.53
C THR F 80 -43.05 31.93 -29.52
N GLY F 81 -42.30 32.20 -28.46
CA GLY F 81 -42.81 33.12 -27.47
C GLY F 81 -43.05 34.47 -28.10
N GLY F 82 -42.11 34.89 -28.95
CA GLY F 82 -42.25 36.13 -29.70
C GLY F 82 -43.32 36.08 -30.78
N SER F 83 -43.47 34.94 -31.46
CA SER F 83 -44.12 34.97 -32.74
C SER F 83 -45.21 33.92 -32.84
N THR F 84 -45.98 34.06 -33.91
CA THR F 84 -46.88 33.07 -34.50
C THR F 84 -46.63 33.09 -35.99
N LEU F 85 -46.62 31.93 -36.61
CA LEU F 85 -46.52 31.83 -38.05
C LEU F 85 -47.54 30.82 -38.54
N THR F 86 -48.26 31.15 -39.63
CA THR F 86 -49.20 30.22 -40.25
C THR F 86 -48.82 30.09 -41.72
N GLN F 87 -48.80 28.87 -42.25
CA GLN F 87 -48.42 28.71 -43.64
C GLN F 87 -48.95 27.39 -44.17
N ALA F 88 -48.94 27.32 -45.50
CA ALA F 88 -49.27 26.08 -46.20
C ALA F 88 -48.42 24.95 -45.68
N CYS F 89 -49.04 23.83 -45.57
CA CYS F 89 -48.53 22.71 -44.82
C CYS F 89 -48.25 21.49 -45.69
N PRO F 90 -47.80 21.66 -46.93
CA PRO F 90 -47.86 20.56 -47.87
C PRO F 90 -47.03 19.39 -47.38
N LYS F 91 -47.61 18.18 -47.48
CA LYS F 91 -46.86 16.94 -47.28
C LYS F 91 -45.87 16.79 -48.45
N VAL F 92 -44.74 16.12 -48.19
CA VAL F 92 -43.64 16.11 -49.15
C VAL F 92 -42.97 14.74 -49.13
N THR F 93 -42.21 14.48 -50.20
CA THR F 93 -41.36 13.32 -50.31
C THR F 93 -40.01 13.61 -49.64
N PHE F 94 -39.63 12.80 -48.64
CA PHE F 94 -38.53 13.15 -47.76
C PHE F 94 -37.57 12.00 -47.50
N ASP F 95 -36.35 12.09 -48.07
CA ASP F 95 -35.30 11.10 -47.84
C ASP F 95 -33.91 11.74 -47.90
N PRO F 96 -33.26 11.92 -46.78
CA PRO F 96 -31.97 12.60 -46.76
C PRO F 96 -30.99 12.04 -47.76
N ILE F 97 -30.29 12.93 -48.45
CA ILE F 97 -29.25 12.55 -49.42
C ILE F 97 -27.86 13.00 -48.99
N PRO F 98 -26.82 12.28 -49.40
CA PRO F 98 -25.45 12.63 -48.94
C PRO F 98 -24.97 14.00 -49.39
N ILE F 99 -24.35 14.74 -48.47
CA ILE F 99 -23.81 16.06 -48.75
C ILE F 99 -22.32 16.04 -48.50
N HIS F 100 -21.57 16.69 -49.39
CA HIS F 100 -20.15 16.89 -49.25
C HIS F 100 -19.90 18.35 -48.96
N TYR F 101 -18.96 18.61 -48.09
CA TYR F 101 -18.58 19.97 -47.80
C TYR F 101 -17.20 20.23 -48.35
N CYS F 102 -17.04 21.31 -49.09
CA CYS F 102 -15.84 21.57 -49.87
C CYS F 102 -15.27 22.93 -49.53
N ALA F 103 -13.97 23.03 -49.65
CA ALA F 103 -13.22 24.28 -49.43
C ALA F 103 -13.28 25.13 -50.71
N PRO F 104 -13.52 26.43 -50.60
CA PRO F 104 -13.44 27.28 -51.78
C PRO F 104 -11.98 27.55 -52.11
N ALA F 105 -11.76 28.26 -53.21
CA ALA F 105 -10.40 28.54 -53.63
C ALA F 105 -9.69 29.36 -52.56
N GLY F 106 -8.40 29.07 -52.34
CA GLY F 106 -7.62 29.68 -51.29
C GLY F 106 -7.70 28.97 -49.96
N TYR F 107 -8.48 27.89 -49.88
CA TYR F 107 -8.66 27.14 -48.65
C TYR F 107 -8.58 25.65 -48.96
N ALA F 108 -8.25 24.87 -47.94
CA ALA F 108 -8.25 23.42 -48.05
C ALA F 108 -8.79 22.81 -46.76
N ILE F 109 -9.27 21.57 -46.89
CA ILE F 109 -9.80 20.81 -45.76
C ILE F 109 -8.80 19.72 -45.43
N LEU F 110 -8.21 19.82 -44.24
CA LEU F 110 -7.39 18.74 -43.74
C LEU F 110 -8.25 17.62 -43.23
N LYS F 111 -7.79 16.39 -43.45
CA LYS F 111 -8.46 15.16 -43.07
C LYS F 111 -7.48 14.30 -42.28
N CYS F 112 -7.91 13.87 -41.11
CA CYS F 112 -7.21 12.90 -40.29
C CYS F 112 -7.55 11.50 -40.80
N ASN F 113 -6.51 10.75 -41.17
CA ASN F 113 -6.68 9.39 -41.65
C ASN F 113 -6.48 8.37 -40.54
N GLN F 114 -6.17 8.81 -39.33
CA GLN F 114 -5.98 7.90 -38.22
C GLN F 114 -7.25 7.08 -38.01
N LYS F 115 -7.11 5.76 -37.91
CA LYS F 115 -8.25 4.86 -37.86
C LYS F 115 -9.03 4.99 -36.56
N THR F 116 -8.39 5.37 -35.45
CA THR F 116 -9.01 5.45 -34.13
C THR F 116 -8.74 6.78 -33.46
N PHE F 117 -8.80 7.86 -34.21
CA PHE F 117 -8.69 9.20 -33.63
C PHE F 117 -9.87 9.53 -32.74
N ASN F 118 -9.58 10.01 -31.52
CA ASN F 118 -10.63 10.43 -30.58
C ASN F 118 -11.21 11.81 -30.87
N GLY F 119 -10.61 12.60 -31.76
CA GLY F 119 -11.23 13.81 -32.30
C GLY F 119 -10.76 15.11 -31.68
N LYS F 120 -10.13 15.08 -30.50
CA LYS F 120 -9.50 16.26 -29.90
C LYS F 120 -8.12 15.82 -29.44
N GLY F 121 -7.11 16.33 -30.12
CA GLY F 121 -5.74 15.94 -29.88
C GLY F 121 -4.98 15.94 -31.19
N PRO F 122 -3.76 15.34 -31.20
CA PRO F 122 -2.93 15.37 -32.43
C PRO F 122 -3.23 14.22 -33.40
N CYS F 123 -3.24 14.55 -34.72
CA CYS F 123 -3.30 13.53 -35.77
C CYS F 123 -1.93 13.43 -36.42
N ASN F 124 -1.36 12.24 -36.39
CA ASN F 124 -0.04 12.01 -36.95
C ASN F 124 -0.15 11.91 -38.46
N ASN F 125 -1.13 11.18 -38.95
CA ASN F 125 -1.23 10.89 -40.36
C ASN F 125 -2.39 11.59 -41.05
N VAL F 126 -2.06 12.56 -41.91
CA VAL F 126 -3.00 13.55 -42.42
C VAL F 126 -3.01 13.53 -43.95
N SER F 127 -4.16 13.90 -44.50
CA SER F 127 -4.31 13.99 -45.94
C SER F 127 -5.04 15.28 -46.23
N THR F 128 -4.89 15.78 -47.47
CA THR F 128 -5.59 16.96 -47.98
C THR F 128 -6.65 16.52 -48.96
N VAL F 129 -7.85 17.10 -48.83
CA VAL F 129 -8.95 16.83 -49.73
C VAL F 129 -9.62 18.15 -50.11
N GLN F 130 -10.34 18.12 -51.24
CA GLN F 130 -11.19 19.25 -51.62
C GLN F 130 -12.52 19.20 -50.91
N CYS F 131 -13.04 18.00 -50.69
CA CYS F 131 -14.37 17.81 -50.16
C CYS F 131 -14.37 16.74 -49.07
N THR F 132 -15.30 16.88 -48.12
CA THR F 132 -15.57 15.83 -47.13
C THR F 132 -16.27 14.65 -47.80
N HIS F 133 -16.37 13.57 -47.05
CA HIS F 133 -17.16 12.45 -47.51
C HIS F 133 -18.64 12.84 -47.54
N GLY F 134 -19.45 11.92 -48.05
CA GLY F 134 -20.86 12.16 -48.15
C GLY F 134 -21.49 12.00 -46.79
N ILE F 135 -22.19 13.03 -46.33
CA ILE F 135 -22.85 13.03 -45.03
C ILE F 135 -24.36 13.19 -45.23
N LYS F 136 -25.11 12.28 -44.72
CA LYS F 136 -26.55 12.45 -44.77
C LYS F 136 -27.00 13.30 -43.59
N PRO F 137 -27.82 14.41 -43.82
CA PRO F 137 -28.27 15.30 -42.71
C PRO F 137 -29.43 14.68 -41.94
N VAL F 138 -29.13 13.57 -41.26
CA VAL F 138 -30.11 12.84 -40.48
C VAL F 138 -30.25 13.48 -39.09
N VAL F 139 -31.45 13.99 -38.81
CA VAL F 139 -31.79 14.56 -37.53
C VAL F 139 -32.42 13.47 -36.70
N SER F 140 -31.83 13.20 -35.54
CA SER F 140 -32.23 12.14 -34.64
C SER F 140 -31.64 12.37 -33.25
N THR F 141 -32.22 11.67 -32.27
CA THR F 141 -31.73 11.69 -30.89
C THR F 141 -31.51 10.27 -30.39
N GLN F 142 -30.61 10.18 -29.40
CA GLN F 142 -30.28 8.93 -28.75
C GLN F 142 -29.44 8.06 -29.65
N LEU F 143 -30.02 7.65 -30.78
CA LEU F 143 -29.34 6.80 -31.76
C LEU F 143 -28.92 7.65 -32.96
N LEU F 144 -27.69 7.46 -33.40
CA LEU F 144 -27.21 8.07 -34.63
C LEU F 144 -27.49 7.10 -35.78
N LEU F 145 -28.20 7.57 -36.80
CA LEU F 145 -28.65 6.71 -37.89
C LEU F 145 -27.88 7.04 -39.15
N ASN F 146 -27.75 6.03 -40.02
CA ASN F 146 -27.32 6.18 -41.40
C ASN F 146 -25.98 6.90 -41.53
N GLY F 147 -25.13 6.81 -40.51
CA GLY F 147 -23.85 7.47 -40.53
C GLY F 147 -22.75 6.51 -40.89
N SER F 148 -21.55 6.87 -40.48
CA SER F 148 -20.34 6.10 -40.76
C SER F 148 -19.91 5.28 -39.53
N LEU F 149 -19.19 4.19 -39.77
CA LEU F 149 -18.77 3.27 -38.73
C LEU F 149 -17.27 3.39 -38.45
N ALA F 150 -16.86 2.99 -37.26
CA ALA F 150 -15.45 3.00 -36.91
C ALA F 150 -14.71 1.89 -37.64
N GLU F 151 -13.53 2.21 -38.19
CA GLU F 151 -12.79 1.25 -39.01
C GLU F 151 -12.17 0.12 -38.16
N GLU F 152 -11.54 0.45 -37.02
CA GLU F 152 -10.87 -0.55 -36.18
C GLU F 152 -11.71 -0.94 -34.97
N GLU F 153 -11.84 -0.07 -33.98
CA GLU F 153 -12.50 -0.45 -32.74
C GLU F 153 -13.41 0.71 -32.33
N ILE F 154 -14.39 0.42 -31.46
CA ILE F 154 -15.36 1.44 -31.07
C ILE F 154 -14.64 2.69 -30.53
N VAL F 155 -15.22 3.85 -30.82
CA VAL F 155 -14.64 5.10 -30.35
C VAL F 155 -15.65 5.81 -29.45
N ILE F 156 -15.15 6.28 -28.31
CA ILE F 156 -15.86 7.11 -27.33
C ILE F 156 -15.32 8.52 -27.46
N ARG F 157 -16.21 9.47 -27.65
CA ARG F 157 -15.79 10.85 -27.80
C ARG F 157 -16.56 11.79 -26.89
N SER F 158 -15.83 12.59 -26.10
CA SER F 158 -16.45 13.57 -25.22
C SER F 158 -15.49 14.76 -25.12
N LYS F 159 -16.05 15.95 -24.92
CA LYS F 159 -15.23 17.13 -24.69
C LYS F 159 -14.43 16.95 -23.42
N ASN F 160 -15.08 16.42 -22.38
CA ASN F 160 -14.44 16.06 -21.12
C ASN F 160 -15.19 14.88 -20.50
N LEU F 161 -14.54 13.74 -20.41
CA LEU F 161 -15.20 12.57 -19.84
C LEU F 161 -15.51 12.77 -18.37
N ARG F 162 -14.69 13.56 -17.70
CA ARG F 162 -14.85 13.86 -16.28
C ARG F 162 -16.07 14.77 -16.06
N ASP F 163 -16.43 15.57 -17.06
CA ASP F 163 -17.59 16.46 -16.94
C ASP F 163 -18.82 15.69 -17.42
N ASN F 164 -19.64 15.24 -16.48
CA ASN F 164 -20.86 14.48 -16.76
C ASN F 164 -21.90 15.31 -17.51
N ALA F 165 -21.75 16.63 -17.53
CA ALA F 165 -22.73 17.47 -18.20
C ALA F 165 -22.53 17.49 -19.71
N LYS F 166 -21.33 17.10 -20.16
CA LYS F 166 -20.92 17.04 -21.56
C LYS F 166 -21.36 15.72 -22.18
N ILE F 167 -21.96 15.78 -23.37
CA ILE F 167 -22.46 14.60 -24.08
C ILE F 167 -21.33 13.66 -24.48
N ILE F 168 -21.66 12.38 -24.52
CA ILE F 168 -20.77 11.35 -25.01
C ILE F 168 -21.26 10.86 -26.37
N ILE F 169 -20.43 11.00 -27.41
CA ILE F 169 -20.78 10.50 -28.74
C ILE F 169 -20.02 9.20 -28.98
N VAL F 170 -20.78 8.12 -29.17
CA VAL F 170 -20.23 6.81 -29.43
C VAL F 170 -20.38 6.50 -30.91
N GLN F 171 -19.27 6.05 -31.52
CA GLN F 171 -19.27 5.59 -32.90
C GLN F 171 -19.01 4.08 -32.87
N LEU F 172 -19.94 3.30 -33.45
CA LEU F 172 -19.93 1.84 -33.40
C LEU F 172 -18.98 1.21 -34.42
N ASN F 173 -18.58 -0.05 -34.14
CA ASN F 173 -17.71 -0.84 -35.02
C ASN F 173 -18.50 -1.59 -36.10
N LYS F 174 -19.66 -2.07 -35.71
CA LYS F 174 -20.52 -2.84 -36.60
C LYS F 174 -21.93 -2.29 -36.43
N SER F 175 -22.54 -1.94 -37.54
CA SER F 175 -23.85 -1.32 -37.51
C SER F 175 -24.89 -2.28 -37.00
N VAL F 176 -25.97 -1.73 -36.46
CA VAL F 176 -27.13 -2.49 -36.03
C VAL F 176 -28.33 -1.97 -36.80
N GLU F 177 -29.10 -2.87 -37.38
CA GLU F 177 -30.28 -2.50 -38.15
C GLU F 177 -31.49 -2.27 -37.27
N ILE F 178 -32.28 -1.27 -37.66
CA ILE F 178 -33.52 -0.92 -36.98
C ILE F 178 -34.57 -0.58 -38.03
N VAL F 179 -35.77 -1.09 -37.84
CA VAL F 179 -36.89 -0.92 -38.75
C VAL F 179 -38.06 -0.37 -37.98
N CYS F 180 -38.51 0.80 -38.36
CA CYS F 180 -39.70 1.38 -37.75
C CYS F 180 -40.81 1.50 -38.80
N THR F 181 -42.02 1.10 -38.43
CA THR F 181 -43.11 0.99 -39.39
C THR F 181 -44.41 1.45 -38.76
N ARG F 182 -45.21 2.16 -39.56
CA ARG F 182 -46.62 2.38 -39.25
C ARG F 182 -47.48 1.66 -40.29
N PRO F 183 -48.21 0.60 -39.93
CA PRO F 183 -48.92 -0.21 -40.94
C PRO F 183 -50.07 0.50 -41.63
N ASN F 184 -50.45 -0.06 -42.79
CA ASN F 184 -51.55 0.44 -43.61
C ASN F 184 -52.89 0.40 -42.85
N ASN F 185 -53.79 1.33 -43.18
CA ASN F 185 -55.11 1.45 -42.51
C ASN F 185 -55.92 0.15 -42.62
N ASP F 193 -55.50 2.78 -35.55
CA ASP F 193 -54.85 3.99 -35.03
C ASP F 193 -53.64 4.37 -35.88
N ILE F 194 -53.87 5.47 -36.60
CA ILE F 194 -52.94 5.97 -37.60
C ILE F 194 -51.63 6.43 -36.98
N ARG F 195 -51.66 6.84 -35.71
CA ARG F 195 -50.46 7.28 -35.03
C ARG F 195 -49.63 6.08 -34.57
N GLN F 196 -50.26 4.94 -34.26
CA GLN F 196 -49.52 3.87 -33.59
C GLN F 196 -48.47 3.27 -34.54
N ALA F 197 -47.25 3.08 -34.03
CA ALA F 197 -46.14 2.53 -34.82
C ALA F 197 -45.22 1.67 -33.93
N TYR F 198 -44.25 1.01 -34.56
CA TYR F 198 -43.39 0.10 -33.83
C TYR F 198 -42.01 0.08 -34.50
N CYS F 199 -40.99 -0.36 -33.75
CA CYS F 199 -39.67 -0.60 -34.32
C CYS F 199 -39.24 -2.02 -33.99
N GLN F 200 -38.55 -2.66 -34.91
CA GLN F 200 -38.08 -4.02 -34.73
C GLN F 200 -36.55 -4.01 -34.76
N ILE F 201 -35.94 -4.64 -33.77
CA ILE F 201 -34.48 -4.73 -33.70
C ILE F 201 -34.06 -6.11 -33.26
N SER F 202 -33.02 -6.63 -33.92
CA SER F 202 -32.44 -7.89 -33.53
C SER F 202 -31.81 -7.81 -32.16
N GLY F 203 -32.42 -8.51 -31.19
CA GLY F 203 -31.91 -8.46 -29.84
C GLY F 203 -30.49 -8.96 -29.74
N ARG F 204 -30.14 -9.98 -30.53
CA ARG F 204 -28.78 -10.52 -30.48
C ARG F 204 -27.79 -9.50 -31.00
N GLN F 205 -28.14 -8.87 -32.13
CA GLN F 205 -27.29 -7.85 -32.73
C GLN F 205 -27.16 -6.66 -31.78
N TRP F 206 -28.28 -6.20 -31.21
CA TRP F 206 -28.23 -5.05 -30.34
C TRP F 206 -27.51 -5.36 -29.04
N SER F 207 -27.83 -6.49 -28.42
CA SER F 207 -27.17 -6.87 -27.18
C SER F 207 -25.66 -6.91 -27.36
N GLU F 208 -25.22 -7.36 -28.54
CA GLU F 208 -23.80 -7.46 -28.83
C GLU F 208 -23.17 -6.09 -28.86
N ALA F 209 -23.84 -5.15 -29.53
CA ALA F 209 -23.35 -3.78 -29.67
C ALA F 209 -23.20 -3.11 -28.32
N VAL F 210 -24.20 -3.25 -27.47
CA VAL F 210 -24.15 -2.65 -26.15
C VAL F 210 -22.95 -3.17 -25.39
N ASN F 211 -22.82 -4.49 -25.31
CA ASN F 211 -21.72 -5.05 -24.55
C ASN F 211 -20.40 -4.57 -25.13
N GLN F 212 -20.32 -4.45 -26.44
CA GLN F 212 -19.08 -3.99 -27.03
C GLN F 212 -18.79 -2.54 -26.65
N VAL F 213 -19.82 -1.68 -26.56
CA VAL F 213 -19.61 -0.30 -26.12
C VAL F 213 -19.37 -0.24 -24.62
N LYS F 214 -20.04 -1.10 -23.86
CA LYS F 214 -19.70 -1.23 -22.45
C LYS F 214 -18.23 -1.53 -22.27
N LYS F 215 -17.66 -2.38 -23.13
CA LYS F 215 -16.26 -2.75 -23.00
C LYS F 215 -15.34 -1.56 -23.23
N LYS F 216 -15.51 -0.85 -24.34
CA LYS F 216 -14.66 0.30 -24.57
C LYS F 216 -14.85 1.29 -23.46
N LEU F 217 -16.09 1.41 -22.99
CA LEU F 217 -16.39 2.35 -21.93
C LEU F 217 -15.65 1.99 -20.67
N LYS F 218 -15.51 0.71 -20.44
CA LYS F 218 -14.82 0.25 -19.25
C LYS F 218 -13.37 0.67 -19.31
N GLU F 219 -12.85 0.84 -20.53
CA GLU F 219 -11.47 1.29 -20.71
C GLU F 219 -11.26 2.70 -20.22
N HIS F 220 -12.28 3.54 -20.33
CA HIS F 220 -12.14 4.91 -19.85
C HIS F 220 -12.57 5.05 -18.41
N PHE F 221 -13.30 4.07 -17.88
CA PHE F 221 -13.77 4.07 -16.50
C PHE F 221 -13.39 2.77 -15.82
N PRO F 222 -12.12 2.62 -15.50
CA PRO F 222 -11.64 1.38 -14.90
C PRO F 222 -12.13 1.19 -13.48
N HIS F 223 -12.17 -0.08 -13.07
CA HIS F 223 -12.58 -0.48 -11.72
C HIS F 223 -14.06 -0.21 -11.54
N LYS F 224 -14.70 0.12 -12.63
CA LYS F 224 -16.11 0.44 -12.59
C LYS F 224 -16.83 -0.59 -13.44
N GLN F 225 -17.98 -1.03 -12.97
CA GLN F 225 -18.86 -1.85 -13.75
C GLN F 225 -19.71 -0.85 -14.56
N ILE F 226 -20.20 -1.25 -15.74
CA ILE F 226 -20.89 -0.34 -16.67
C ILE F 226 -22.36 -0.75 -16.75
N SER F 227 -23.25 0.19 -16.48
CA SER F 227 -24.70 0.01 -16.60
C SER F 227 -25.31 0.98 -17.60
N PHE F 228 -26.31 0.50 -18.36
CA PHE F 228 -27.09 1.28 -19.31
C PHE F 228 -28.54 1.43 -18.83
N GLN F 229 -29.08 2.67 -18.80
CA GLN F 229 -30.46 2.85 -18.36
C GLN F 229 -31.20 3.90 -19.18
N SER F 230 -32.52 3.95 -19.01
CA SER F 230 -33.37 4.89 -19.73
C SER F 230 -33.10 6.36 -19.35
N SER F 231 -33.65 7.26 -20.18
CA SER F 231 -33.40 8.69 -20.02
C SER F 231 -33.92 9.19 -18.69
N SER F 232 -33.16 10.11 -18.05
CA SER F 232 -33.60 10.66 -16.77
C SER F 232 -34.85 11.51 -16.89
N GLY F 233 -35.08 12.08 -18.05
CA GLY F 233 -36.24 12.90 -18.23
C GLY F 233 -35.91 14.01 -19.18
N GLY F 234 -36.93 14.72 -19.57
CA GLY F 234 -36.88 15.81 -20.50
C GLY F 234 -38.06 15.83 -21.43
N ASP F 235 -37.90 16.65 -22.45
CA ASP F 235 -38.89 16.74 -23.51
C ASP F 235 -38.93 15.41 -24.28
N LEU F 236 -40.13 15.06 -24.78
CA LEU F 236 -40.31 13.78 -25.44
C LEU F 236 -39.27 13.57 -26.53
N GLU F 237 -38.81 14.64 -27.14
CA GLU F 237 -37.76 14.53 -28.14
C GLU F 237 -36.51 13.83 -27.59
N ILE F 238 -36.19 14.02 -26.30
CA ILE F 238 -34.97 13.49 -25.70
C ILE F 238 -35.21 12.25 -24.86
N THR F 239 -36.39 12.16 -24.24
CA THR F 239 -36.65 10.95 -23.46
C THR F 239 -36.91 9.78 -24.37
N THR F 240 -37.22 10.02 -25.64
CA THR F 240 -37.45 8.96 -26.61
C THR F 240 -36.42 9.03 -27.74
N HIS F 241 -36.40 7.98 -28.57
CA HIS F 241 -35.65 8.05 -29.82
C HIS F 241 -36.47 8.78 -30.87
N SER F 242 -36.06 9.99 -31.19
CA SER F 242 -36.83 10.87 -32.04
C SER F 242 -36.14 10.99 -33.39
N PHE F 243 -36.93 10.94 -34.47
CA PHE F 243 -36.43 11.04 -35.83
C PHE F 243 -37.59 11.26 -36.79
N ASN F 244 -37.22 11.57 -38.04
CA ASN F 244 -38.17 11.81 -39.12
C ASN F 244 -37.99 10.79 -40.24
N CYS F 245 -39.11 10.17 -40.61
CA CYS F 245 -39.16 9.14 -41.64
C CYS F 245 -40.23 9.48 -42.67
N GLY F 246 -39.82 9.78 -43.90
CA GLY F 246 -40.78 10.16 -44.93
C GLY F 246 -41.65 11.35 -44.57
N GLY F 247 -41.09 12.33 -43.85
CA GLY F 247 -41.80 13.51 -43.46
C GLY F 247 -42.60 13.36 -42.17
N GLU F 248 -42.66 12.15 -41.62
CA GLU F 248 -43.45 11.92 -40.43
C GLU F 248 -42.51 11.86 -39.24
N PHE F 249 -42.97 12.44 -38.13
CA PHE F 249 -42.16 12.53 -36.93
C PHE F 249 -42.46 11.36 -36.00
N PHE F 250 -41.46 10.47 -35.82
CA PHE F 250 -41.54 9.27 -34.98
C PHE F 250 -40.91 9.52 -33.62
N TYR F 251 -41.57 9.03 -32.58
CA TYR F 251 -41.06 9.09 -31.20
C TYR F 251 -41.13 7.69 -30.63
N CYS F 252 -39.98 7.13 -30.29
CA CYS F 252 -39.93 5.70 -30.00
C CYS F 252 -39.33 5.44 -28.63
N ASN F 253 -40.17 4.88 -27.74
CA ASN F 253 -39.77 4.38 -26.44
C ASN F 253 -38.60 3.40 -26.50
N THR F 254 -37.42 3.78 -26.04
CA THR F 254 -36.25 2.92 -26.04
C THR F 254 -35.99 2.28 -24.71
N SER F 255 -36.99 2.15 -23.85
CA SER F 255 -36.74 1.45 -22.60
C SER F 255 -36.17 0.07 -22.84
N GLY F 256 -36.67 -0.63 -23.88
CA GLY F 256 -36.20 -1.96 -24.20
C GLY F 256 -34.81 -2.02 -24.81
N LEU F 257 -34.27 -0.86 -25.17
CA LEU F 257 -32.97 -0.85 -25.80
C LEU F 257 -31.88 -0.61 -24.78
N PHE F 258 -32.16 0.28 -23.82
CA PHE F 258 -31.16 0.69 -22.84
C PHE F 258 -31.45 0.02 -21.49
N ASN F 259 -30.85 -1.15 -21.30
CA ASN F 259 -31.27 -2.12 -20.31
C ASN F 259 -30.07 -3.02 -20.12
N ASP F 260 -29.80 -3.44 -18.91
CA ASP F 260 -28.61 -4.26 -18.71
C ASP F 260 -28.80 -5.73 -19.09
N THR F 261 -30.04 -6.22 -19.07
CA THR F 261 -30.38 -7.57 -19.47
C THR F 261 -31.31 -7.44 -20.65
N ILE F 262 -30.81 -7.61 -21.85
CA ILE F 262 -31.63 -7.49 -23.04
C ILE F 262 -32.02 -8.83 -23.60
N SER F 263 -33.32 -9.02 -23.75
CA SER F 263 -33.82 -10.26 -24.28
C SER F 263 -33.32 -10.39 -25.70
N ASN F 264 -33.09 -11.63 -26.11
CA ASN F 264 -32.63 -11.91 -27.45
C ASN F 264 -33.84 -11.90 -28.34
N ALA F 265 -33.64 -12.26 -29.59
CA ALA F 265 -34.72 -12.29 -30.54
C ALA F 265 -35.04 -10.87 -30.91
N THR F 266 -36.18 -10.71 -31.53
CA THR F 266 -36.63 -9.40 -31.94
C THR F 266 -37.07 -8.60 -30.73
N ILE F 267 -36.74 -7.32 -30.77
CA ILE F 267 -37.09 -6.39 -29.72
C ILE F 267 -38.08 -5.47 -30.36
N MET F 268 -39.16 -5.17 -29.69
CA MET F 268 -40.17 -4.31 -30.30
C MET F 268 -40.36 -3.06 -29.47
N LEU F 269 -40.18 -1.92 -30.10
CA LEU F 269 -40.35 -0.63 -29.44
C LEU F 269 -41.67 0.00 -29.80
N PRO F 270 -42.44 0.49 -28.86
CA PRO F 270 -43.63 1.25 -29.23
C PRO F 270 -43.30 2.68 -29.66
N CYS F 271 -43.97 3.12 -30.71
CA CYS F 271 -43.76 4.47 -31.24
C CYS F 271 -45.12 5.14 -31.47
N ARG F 272 -45.06 6.46 -31.52
CA ARG F 272 -46.16 7.30 -31.93
C ARG F 272 -45.67 8.29 -32.97
N ILE F 273 -46.53 8.51 -33.96
CA ILE F 273 -46.42 9.61 -34.93
C ILE F 273 -47.08 10.78 -34.26
N LYS F 274 -46.35 11.90 -34.14
CA LYS F 274 -46.78 13.10 -33.45
C LYS F 274 -46.95 14.27 -34.41
N GLN F 275 -48.02 15.07 -34.22
CA GLN F 275 -48.20 16.30 -35.00
C GLN F 275 -47.59 17.53 -34.35
N ILE F 276 -47.49 17.56 -33.02
CA ILE F 276 -46.95 18.70 -32.27
C ILE F 276 -45.57 18.34 -31.79
N ILE F 277 -44.59 19.14 -32.18
CA ILE F 277 -43.21 18.81 -31.84
C ILE F 277 -42.56 20.01 -31.18
N ASN F 278 -41.48 19.74 -30.47
CA ASN F 278 -40.55 20.76 -29.99
C ASN F 278 -39.43 20.94 -30.98
N MET F 279 -39.24 22.16 -31.46
CA MET F 279 -38.26 22.38 -32.50
C MET F 279 -36.86 22.27 -31.90
N TRP F 280 -35.97 21.63 -32.66
CA TRP F 280 -34.54 21.60 -32.38
C TRP F 280 -33.88 22.82 -32.96
N GLN F 281 -34.48 23.39 -34.02
CA GLN F 281 -33.88 24.51 -34.75
C GLN F 281 -33.86 25.76 -33.89
N GLU F 282 -34.95 26.01 -33.16
CA GLU F 282 -35.02 27.13 -32.24
C GLU F 282 -36.06 26.77 -31.19
N VAL F 283 -36.01 27.44 -30.05
CA VAL F 283 -37.00 27.12 -29.03
C VAL F 283 -38.37 27.58 -29.52
N GLY F 284 -39.30 26.63 -29.59
CA GLY F 284 -40.63 26.89 -30.12
C GLY F 284 -41.31 25.57 -30.38
N LYS F 285 -42.55 25.67 -30.80
CA LYS F 285 -43.36 24.48 -31.08
C LYS F 285 -43.91 24.55 -32.50
N ALA F 286 -43.92 23.40 -33.18
CA ALA F 286 -44.42 23.29 -34.53
C ALA F 286 -45.56 22.26 -34.62
N ILE F 287 -46.55 22.56 -35.44
CA ILE F 287 -47.73 21.72 -35.62
C ILE F 287 -47.79 21.24 -37.06
N TYR F 288 -48.06 19.96 -37.24
CA TYR F 288 -48.07 19.39 -38.58
C TYR F 288 -49.39 18.71 -38.87
N ALA F 289 -49.59 18.44 -40.16
CA ALA F 289 -50.82 17.79 -40.57
C ALA F 289 -50.80 16.31 -40.13
N PRO F 290 -51.96 15.70 -39.94
CA PRO F 290 -52.00 14.30 -39.60
C PRO F 290 -51.23 13.52 -40.63
N PRO F 291 -50.80 12.32 -40.27
CA PRO F 291 -49.96 11.51 -41.16
C PRO F 291 -50.68 11.06 -42.43
N ILE F 292 -49.88 10.76 -43.45
CA ILE F 292 -50.41 10.23 -44.70
C ILE F 292 -50.94 8.80 -44.54
N LYS F 293 -51.78 8.37 -45.51
CA LYS F 293 -52.30 6.99 -45.54
C LYS F 293 -51.25 6.00 -46.04
N GLY F 294 -51.36 4.74 -45.61
CA GLY F 294 -50.48 3.70 -46.11
C GLY F 294 -49.33 3.32 -45.20
N GLN F 295 -48.46 2.45 -45.73
CA GLN F 295 -47.29 1.97 -44.98
C GLN F 295 -46.18 2.99 -45.03
N ILE F 296 -45.73 3.37 -43.85
CA ILE F 296 -44.58 4.23 -43.69
C ILE F 296 -43.52 3.40 -42.99
N THR F 297 -42.37 3.26 -43.61
CA THR F 297 -41.35 2.40 -43.03
C THR F 297 -39.98 3.03 -43.24
N CYS F 298 -39.12 2.88 -42.24
CA CYS F 298 -37.71 3.26 -42.32
C CYS F 298 -36.86 2.08 -41.87
N LYS F 299 -35.98 1.57 -42.73
CA LYS F 299 -34.92 0.65 -42.28
C LYS F 299 -33.65 1.48 -42.23
N SER F 300 -33.11 1.66 -41.03
CA SER F 300 -31.95 2.50 -40.84
C SER F 300 -30.85 1.72 -40.18
N ASP F 301 -29.63 2.20 -40.30
CA ASP F 301 -28.47 1.58 -39.66
C ASP F 301 -28.01 2.43 -38.48
N ILE F 302 -28.13 1.89 -37.27
CA ILE F 302 -27.64 2.52 -36.04
C ILE F 302 -26.12 2.46 -36.05
N THR F 303 -25.47 3.59 -36.20
CA THR F 303 -24.03 3.62 -36.28
C THR F 303 -23.39 4.36 -35.13
N GLY F 304 -24.18 5.00 -34.27
CA GLY F 304 -23.55 5.73 -33.17
C GLY F 304 -24.58 6.02 -32.10
N LEU F 305 -24.06 6.45 -30.93
CA LEU F 305 -24.91 6.68 -29.78
C LEU F 305 -24.62 8.02 -29.13
N LEU F 306 -25.66 8.57 -28.50
CA LEU F 306 -25.54 9.81 -27.75
C LEU F 306 -25.83 9.53 -26.28
N LEU F 307 -24.78 9.57 -25.47
CA LEU F 307 -24.93 9.15 -24.10
C LEU F 307 -24.58 10.29 -23.14
N LEU F 308 -25.18 10.16 -21.96
CA LEU F 308 -24.94 11.02 -20.82
C LEU F 308 -24.71 10.12 -19.62
N ARG F 309 -23.59 10.35 -18.92
CA ARG F 309 -23.16 9.58 -17.73
C ARG F 309 -23.68 10.17 -16.42
N ASP F 310 -24.22 9.31 -15.58
CA ASP F 310 -24.75 9.78 -14.32
C ASP F 310 -23.65 10.29 -13.38
N GLY F 311 -23.92 11.45 -12.77
CA GLY F 311 -23.01 12.11 -11.86
C GLY F 311 -23.05 11.57 -10.43
N GLY F 312 -22.15 12.09 -9.62
CA GLY F 312 -22.15 11.77 -8.21
C GLY F 312 -21.29 10.59 -7.87
N ASP F 313 -21.30 10.26 -6.59
CA ASP F 313 -20.52 9.13 -6.09
C ASP F 313 -21.14 7.84 -6.59
N THR F 314 -20.28 6.90 -7.01
CA THR F 314 -20.75 5.69 -7.66
C THR F 314 -21.25 4.72 -6.62
N THR F 315 -22.50 4.30 -6.80
CA THR F 315 -23.18 3.62 -5.73
C THR F 315 -22.70 2.18 -5.62
N ASP F 316 -22.87 1.39 -6.66
CA ASP F 316 -22.46 -0.01 -6.63
C ASP F 316 -21.14 -0.24 -7.38
N ASN F 317 -20.29 0.79 -7.41
CA ASN F 317 -19.06 0.81 -8.25
C ASN F 317 -19.39 0.64 -9.73
N THR F 318 -20.56 1.09 -10.13
CA THR F 318 -21.00 1.03 -11.51
C THR F 318 -21.18 2.46 -11.99
N GLU F 319 -20.75 2.76 -13.21
CA GLU F 319 -21.01 4.04 -13.85
C GLU F 319 -22.19 3.84 -14.79
N ILE F 320 -23.21 4.72 -14.69
CA ILE F 320 -24.45 4.61 -15.47
C ILE F 320 -24.46 5.59 -16.63
N PHE F 321 -24.92 5.09 -17.77
CA PHE F 321 -25.11 5.86 -19.00
C PHE F 321 -26.55 5.69 -19.45
N ARG F 322 -27.09 6.83 -19.89
CA ARG F 322 -28.45 7.00 -20.39
C ARG F 322 -28.49 7.76 -21.70
N PRO F 323 -29.47 7.45 -22.55
CA PRO F 323 -29.58 8.11 -23.85
C PRO F 323 -29.92 9.59 -23.78
N SER F 324 -29.35 10.35 -24.71
CA SER F 324 -29.56 11.78 -24.69
C SER F 324 -29.61 12.33 -26.12
N GLY F 325 -29.38 13.63 -26.24
CA GLY F 325 -29.44 14.30 -27.53
C GLY F 325 -30.04 15.68 -27.46
N GLY F 326 -30.63 16.13 -28.56
CA GLY F 326 -31.29 17.42 -28.53
C GLY F 326 -30.55 18.53 -29.25
N ASP F 327 -29.22 18.56 -29.12
CA ASP F 327 -28.36 19.49 -29.85
C ASP F 327 -27.87 18.74 -31.08
N MET F 328 -28.44 19.08 -32.25
CA MET F 328 -28.12 18.37 -33.48
C MET F 328 -26.69 18.58 -33.93
N ARG F 329 -26.04 19.64 -33.48
CA ARG F 329 -24.63 19.85 -33.80
C ARG F 329 -23.83 18.62 -33.46
N ASP F 330 -24.18 17.94 -32.36
CA ASP F 330 -23.51 16.71 -31.99
C ASP F 330 -23.66 15.64 -33.07
N ASN F 331 -24.84 15.56 -33.67
CA ASN F 331 -25.03 14.59 -34.75
C ASN F 331 -24.05 14.87 -35.87
N TRP F 332 -23.86 16.14 -36.19
CA TRP F 332 -22.92 16.42 -37.26
C TRP F 332 -21.49 16.18 -36.79
N ARG F 333 -21.15 16.53 -35.55
CA ARG F 333 -19.80 16.29 -35.04
C ARG F 333 -19.39 14.82 -35.19
N SER F 334 -20.38 13.91 -35.10
CA SER F 334 -20.12 12.48 -35.22
C SER F 334 -19.58 12.13 -36.60
N GLU F 335 -19.77 13.00 -37.58
CA GLU F 335 -19.31 12.79 -38.93
C GLU F 335 -18.15 13.70 -39.33
N LEU F 336 -18.07 14.91 -38.77
CA LEU F 336 -17.09 15.93 -39.13
C LEU F 336 -15.91 15.90 -38.21
N TYR F 337 -15.86 14.96 -37.26
CA TYR F 337 -14.81 15.03 -36.26
C TYR F 337 -13.43 15.09 -36.89
N LYS F 338 -13.23 14.40 -38.03
CA LYS F 338 -11.91 14.20 -38.63
C LYS F 338 -11.51 15.30 -39.61
N TYR F 339 -12.24 16.40 -39.66
CA TYR F 339 -11.97 17.44 -40.64
C TYR F 339 -11.73 18.77 -39.95
N LYS F 340 -10.88 19.59 -40.58
CA LYS F 340 -10.69 20.99 -40.22
C LYS F 340 -10.42 21.82 -41.46
N VAL F 341 -10.72 23.13 -41.38
CA VAL F 341 -10.53 24.06 -42.47
C VAL F 341 -9.25 24.87 -42.27
N VAL F 342 -8.44 24.95 -43.32
CA VAL F 342 -7.20 25.70 -43.32
C VAL F 342 -7.15 26.56 -44.58
N GLU F 343 -6.44 27.69 -44.49
CA GLU F 343 -6.29 28.61 -45.61
C GLU F 343 -4.95 28.36 -46.29
N ILE F 344 -4.98 27.94 -47.56
CA ILE F 344 -3.77 27.55 -48.30
C ILE F 344 -3.23 28.78 -49.05
N TRP G 2 47.06 3.59 2.16
CA TRP G 2 47.06 4.92 2.78
C TRP G 2 47.91 4.96 4.05
N LYS G 3 47.32 5.30 5.19
CA LYS G 3 48.08 5.35 6.43
C LYS G 3 47.60 4.29 7.42
N GLU G 4 48.49 3.42 7.86
CA GLU G 4 48.12 2.37 8.80
C GLU G 4 47.73 2.97 10.13
N ALA G 5 46.66 2.47 10.73
CA ALA G 5 46.21 2.98 12.02
C ALA G 5 45.36 1.94 12.71
N LYS G 6 45.17 2.08 14.00
CA LYS G 6 44.36 1.13 14.74
C LYS G 6 43.19 1.80 15.41
N THR G 7 42.00 1.28 15.17
CA THR G 7 40.79 1.82 15.74
C THR G 7 39.72 0.76 15.98
N THR G 8 38.53 1.22 16.32
CA THR G 8 37.40 0.34 16.56
C THR G 8 36.57 0.24 15.29
N LEU G 9 36.56 -0.95 14.69
CA LEU G 9 35.75 -1.29 13.55
C LEU G 9 34.32 -1.65 14.01
N PHE G 10 33.41 -1.74 13.05
CA PHE G 10 32.06 -2.18 13.31
C PHE G 10 31.77 -3.36 12.42
N CYS G 11 30.87 -4.20 12.89
CA CYS G 11 30.52 -5.43 12.20
C CYS G 11 29.19 -5.24 11.48
N ALA G 12 29.05 -5.93 10.34
CA ALA G 12 27.80 -5.99 9.60
C ALA G 12 27.50 -7.44 9.26
N SER G 13 26.22 -7.77 9.24
CA SER G 13 25.83 -9.15 8.97
C SER G 13 24.42 -9.14 8.43
N ASP G 14 23.99 -10.30 7.96
CA ASP G 14 22.63 -10.45 7.44
C ASP G 14 21.68 -11.12 8.43
N ALA G 15 21.97 -10.99 9.73
CA ALA G 15 21.13 -11.56 10.77
C ALA G 15 19.71 -11.03 10.63
N LYS G 16 18.75 -11.86 11.02
CA LYS G 16 17.32 -11.55 10.94
C LYS G 16 16.67 -11.44 12.32
N ALA G 17 15.97 -10.32 12.54
CA ALA G 17 15.46 -9.99 13.87
C ALA G 17 14.50 -11.02 14.40
N TYR G 18 13.90 -11.79 13.53
CA TYR G 18 12.93 -12.78 13.89
C TYR G 18 13.57 -14.12 14.25
N GLU G 19 14.88 -14.32 14.00
CA GLU G 19 15.53 -15.65 14.07
C GLU G 19 16.01 -15.95 15.50
N LYS G 20 15.64 -17.13 16.01
CA LYS G 20 15.99 -17.45 17.41
C LYS G 20 17.43 -17.96 17.57
N GLU G 21 18.07 -18.38 16.47
CA GLU G 21 19.46 -18.83 16.47
C GLU G 21 20.39 -17.75 17.01
N CYS G 22 21.34 -18.23 17.81
CA CYS G 22 22.17 -17.50 18.73
C CYS G 22 23.13 -16.55 18.08
N HIS G 23 23.78 -16.98 17.01
CA HIS G 23 24.62 -16.07 16.23
C HIS G 23 23.78 -14.93 15.70
N ASN G 24 22.58 -15.22 15.21
CA ASN G 24 21.69 -14.16 14.75
C ASN G 24 21.36 -13.21 15.88
N VAL G 25 20.91 -13.76 17.01
CA VAL G 25 20.51 -12.98 18.18
C VAL G 25 21.66 -12.12 18.65
N TRP G 26 22.86 -12.65 18.63
CA TRP G 26 23.97 -11.81 19.04
C TRP G 26 24.20 -10.70 18.06
N ALA G 27 24.17 -11.04 16.77
CA ALA G 27 24.46 -10.11 15.70
C ALA G 27 23.37 -9.04 15.58
N THR G 28 22.09 -9.35 15.83
CA THR G 28 21.08 -8.31 15.58
C THR G 28 21.32 -7.10 16.46
N HIS G 29 21.84 -7.34 17.67
CA HIS G 29 22.26 -6.27 18.54
C HIS G 29 23.64 -5.74 18.21
N ALA G 30 24.52 -6.63 17.87
CA ALA G 30 25.92 -6.27 17.74
C ALA G 30 26.28 -5.58 16.44
N CYS G 31 25.55 -5.91 15.36
CA CYS G 31 25.91 -5.65 13.97
C CYS G 31 24.81 -4.90 13.25
N VAL G 32 25.24 -4.10 12.30
CA VAL G 32 24.34 -3.42 11.39
C VAL G 32 24.09 -4.29 10.15
N PRO G 33 23.14 -3.93 9.30
CA PRO G 33 22.90 -4.71 8.09
C PRO G 33 24.00 -4.50 7.04
N THR G 34 24.06 -5.49 6.17
CA THR G 34 24.99 -5.51 5.06
C THR G 34 24.62 -4.55 3.94
N ASP G 35 25.64 -3.94 3.36
CA ASP G 35 25.45 -3.12 2.18
C ASP G 35 25.24 -4.03 0.98
N PRO G 36 24.12 -3.92 0.27
CA PRO G 36 23.91 -4.83 -0.88
C PRO G 36 24.94 -4.66 -1.98
N ASN G 37 25.35 -3.42 -2.31
CA ASN G 37 26.35 -3.17 -3.37
C ASN G 37 27.51 -2.36 -2.80
N PRO G 38 28.61 -3.02 -2.37
CA PRO G 38 29.76 -2.32 -1.78
C PRO G 38 30.73 -1.80 -2.84
N GLN G 39 31.51 -0.78 -2.48
CA GLN G 39 32.46 -0.16 -3.41
C GLN G 39 33.91 -0.54 -3.06
N GLU G 40 34.60 -1.18 -4.02
CA GLU G 40 35.98 -1.62 -3.89
C GLU G 40 36.82 -0.82 -4.89
N VAL G 41 37.85 -0.14 -4.40
CA VAL G 41 38.66 0.77 -5.21
C VAL G 41 40.06 0.19 -5.37
N VAL G 42 40.36 -0.31 -6.57
CA VAL G 42 41.67 -0.90 -6.87
C VAL G 42 42.74 0.17 -7.00
N LEU G 43 43.97 -0.14 -6.59
CA LEU G 43 45.01 0.85 -6.70
C LEU G 43 46.02 0.65 -7.81
N GLU G 44 45.75 -0.29 -8.71
CA GLU G 44 46.69 -0.53 -9.79
C GLU G 44 47.99 -1.00 -9.17
N ASN G 45 49.12 -0.34 -9.46
CA ASN G 45 50.38 -0.77 -8.86
C ASN G 45 50.63 0.04 -7.61
N VAL G 46 50.64 -0.66 -6.48
CA VAL G 46 50.88 -0.04 -5.19
C VAL G 46 51.42 -1.06 -4.22
N THR G 47 52.12 -0.58 -3.20
CA THR G 47 52.69 -1.49 -2.23
C THR G 47 52.42 -1.11 -0.78
N GLU G 48 51.92 -2.08 -0.03
CA GLU G 48 51.69 -1.94 1.38
C GLU G 48 52.17 -3.21 2.05
N ASN G 49 52.51 -3.05 3.33
CA ASN G 49 52.98 -4.13 4.16
C ASN G 49 51.86 -4.61 5.09
N PHE G 50 51.65 -5.92 5.09
CA PHE G 50 50.64 -6.56 5.93
C PHE G 50 51.37 -7.43 6.95
N ASN G 51 50.83 -7.54 8.17
CA ASN G 51 51.35 -8.49 9.14
C ASN G 51 50.20 -9.26 9.79
N MET G 52 49.99 -10.49 9.34
CA MET G 52 48.85 -11.20 9.88
C MET G 52 49.04 -11.53 11.35
N TRP G 53 50.27 -11.54 11.81
CA TRP G 53 50.58 -11.94 13.17
C TRP G 53 50.52 -10.80 14.18
N LYS G 54 50.43 -9.56 13.72
CA LYS G 54 50.22 -8.40 14.57
C LYS G 54 49.13 -7.61 13.87
N ASN G 55 47.89 -8.07 13.99
CA ASN G 55 46.77 -7.46 13.29
C ASN G 55 45.71 -7.16 14.35
N ASP G 56 45.43 -5.88 14.57
CA ASP G 56 44.45 -5.59 15.59
C ASP G 56 43.08 -6.16 15.20
N MET G 57 42.82 -6.40 13.91
CA MET G 57 41.53 -6.99 13.53
C MET G 57 41.37 -8.40 14.12
N VAL G 58 42.45 -9.18 14.18
CA VAL G 58 42.36 -10.53 14.72
C VAL G 58 41.95 -10.48 16.19
N ASP G 59 42.54 -9.59 16.94
CA ASP G 59 42.25 -9.54 18.36
C ASP G 59 40.79 -9.13 18.60
N GLN G 60 40.19 -8.39 17.66
CA GLN G 60 38.81 -7.94 17.82
C GLN G 60 37.81 -9.06 17.63
N MET G 61 38.04 -9.89 16.63
CA MET G 61 37.17 -11.03 16.42
C MET G 61 37.23 -11.99 17.59
N GLN G 62 38.41 -12.17 18.16
CA GLN G 62 38.52 -13.04 19.32
C GLN G 62 37.65 -12.54 20.49
N GLU G 63 37.75 -11.25 20.79
CA GLU G 63 36.89 -10.72 21.83
C GLU G 63 35.44 -10.88 21.41
N ASP G 64 35.17 -10.83 20.11
CA ASP G 64 33.78 -10.97 19.69
C ASP G 64 33.25 -12.37 19.90
N VAL G 65 34.01 -13.40 19.48
CA VAL G 65 33.56 -14.79 19.59
C VAL G 65 33.40 -15.21 21.04
N ILE G 66 34.27 -14.69 21.93
CA ILE G 66 34.02 -14.87 23.36
C ILE G 66 32.65 -14.33 23.73
N SER G 67 32.33 -13.13 23.27
CA SER G 67 31.04 -12.55 23.59
C SER G 67 29.88 -13.41 23.08
N ILE G 68 30.01 -13.98 21.87
CA ILE G 68 28.98 -14.85 21.32
C ILE G 68 28.76 -16.06 22.25
N TRP G 69 29.84 -16.80 22.52
CA TRP G 69 29.80 -18.03 23.32
C TRP G 69 29.35 -17.75 24.75
N ASP G 70 29.64 -16.56 25.27
CA ASP G 70 29.18 -16.17 26.59
C ASP G 70 27.66 -16.21 26.66
N GLN G 71 27.01 -15.83 25.57
CA GLN G 71 25.57 -15.87 25.40
C GLN G 71 24.99 -17.18 24.87
N CYS G 72 25.62 -17.79 23.89
CA CYS G 72 25.06 -19.03 23.35
C CYS G 72 25.23 -20.23 24.21
N LEU G 73 26.45 -20.44 24.63
CA LEU G 73 26.81 -21.71 25.16
C LEU G 73 27.09 -21.50 26.62
N LYS G 74 26.05 -21.52 27.40
CA LYS G 74 26.28 -21.33 28.83
C LYS G 74 26.41 -22.71 29.48
N PRO G 75 27.56 -23.01 30.12
CA PRO G 75 27.72 -24.31 30.82
C PRO G 75 27.02 -24.43 32.17
N CYS G 76 26.67 -25.67 32.52
CA CYS G 76 26.01 -25.96 33.79
C CYS G 76 26.93 -25.66 34.94
N VAL G 77 28.19 -26.08 34.79
CA VAL G 77 29.20 -25.88 35.80
C VAL G 77 30.41 -25.32 35.10
N LYS G 78 30.97 -24.26 35.65
CA LYS G 78 32.18 -23.65 35.14
C LYS G 78 33.18 -23.76 36.27
N LEU G 79 34.33 -24.31 35.98
CA LEU G 79 35.35 -24.56 36.97
C LEU G 79 36.55 -23.70 36.65
N THR G 80 36.95 -22.93 37.64
CA THR G 80 38.14 -22.10 37.57
C THR G 80 38.93 -22.48 38.82
N GLY G 81 40.25 -22.33 38.76
CA GLY G 81 41.05 -22.84 39.85
C GLY G 81 40.58 -22.26 41.16
N GLY G 82 40.23 -20.98 41.14
CA GLY G 82 39.71 -20.35 42.33
C GLY G 82 38.37 -20.93 42.74
N SER G 83 37.49 -21.21 41.78
CA SER G 83 36.10 -21.40 42.09
C SER G 83 35.49 -22.52 41.25
N THR G 84 34.34 -22.98 41.72
CA THR G 84 33.40 -23.82 41.00
C THR G 84 32.05 -23.13 41.07
N LEU G 85 31.40 -22.99 39.88
CA LEU G 85 30.19 -22.21 39.64
C LEU G 85 29.12 -23.04 38.92
N THR G 86 27.87 -22.87 39.36
CA THR G 86 26.66 -23.45 38.76
C THR G 86 25.78 -22.38 38.12
N GLN G 87 25.20 -22.66 36.95
CA GLN G 87 24.30 -21.69 36.31
C GLN G 87 23.32 -22.42 35.41
N ALA G 88 22.34 -21.65 34.89
CA ALA G 88 21.39 -22.13 33.91
C ALA G 88 22.13 -22.73 32.70
N CYS G 89 21.52 -23.77 32.13
CA CYS G 89 22.11 -24.54 31.06
C CYS G 89 21.26 -24.65 29.81
N PRO G 90 20.57 -23.59 29.37
CA PRO G 90 19.60 -23.79 28.28
C PRO G 90 20.31 -24.26 27.01
N LYS G 91 19.72 -25.27 26.38
CA LYS G 91 20.11 -25.63 25.02
C LYS G 91 19.67 -24.52 24.07
N VAL G 92 20.38 -24.36 22.93
CA VAL G 92 20.11 -23.24 22.04
C VAL G 92 20.28 -23.66 20.59
N THR G 93 19.71 -22.88 19.66
CA THR G 93 19.90 -23.13 18.24
C THR G 93 21.18 -22.47 17.74
N PHE G 94 22.07 -23.27 17.13
CA PHE G 94 23.46 -22.82 16.96
C PHE G 94 23.93 -23.08 15.54
N ASP G 95 24.10 -22.01 14.71
CA ASP G 95 24.71 -22.18 13.38
C ASP G 95 25.49 -20.92 13.00
N PRO G 96 26.82 -20.96 13.02
CA PRO G 96 27.62 -19.74 12.77
C PRO G 96 27.24 -19.02 11.50
N ILE G 97 27.10 -17.71 11.61
CA ILE G 97 26.75 -16.89 10.45
C ILE G 97 27.81 -15.88 10.05
N PRO G 98 27.98 -15.61 8.76
CA PRO G 98 29.05 -14.73 8.31
C PRO G 98 28.99 -13.30 8.86
N ILE G 99 30.15 -12.87 9.35
CA ILE G 99 30.38 -11.58 9.95
C ILE G 99 31.32 -10.80 9.05
N HIS G 100 30.95 -9.54 8.80
CA HIS G 100 31.78 -8.56 8.11
C HIS G 100 32.27 -7.57 9.15
N TYR G 101 33.54 -7.20 9.05
CA TYR G 101 34.12 -6.18 9.88
C TYR G 101 34.41 -5.01 8.98
N CYS G 102 33.98 -3.86 9.42
CA CYS G 102 33.92 -2.70 8.56
C CYS G 102 34.61 -1.52 9.20
N ALA G 103 35.18 -0.64 8.35
CA ALA G 103 35.81 0.58 8.82
C ALA G 103 34.78 1.70 8.93
N PRO G 104 34.82 2.47 9.99
CA PRO G 104 33.96 3.66 10.11
C PRO G 104 34.46 4.82 9.24
N ALA G 105 33.80 5.99 9.38
CA ALA G 105 34.17 7.18 8.61
C ALA G 105 35.58 7.63 8.87
N GLY G 106 36.28 7.97 7.81
CA GLY G 106 37.65 8.44 7.88
C GLY G 106 38.71 7.38 7.87
N TYR G 107 38.31 6.11 7.89
CA TYR G 107 39.18 4.94 7.94
C TYR G 107 38.73 4.01 6.84
N ALA G 108 39.62 3.13 6.42
CA ALA G 108 39.32 2.18 5.37
C ALA G 108 39.97 0.87 5.73
N ILE G 109 39.54 -0.19 5.06
CA ILE G 109 40.18 -1.48 5.19
C ILE G 109 40.85 -1.78 3.87
N LEU G 110 42.19 -1.88 3.88
CA LEU G 110 42.93 -2.35 2.71
C LEU G 110 42.79 -3.85 2.56
N LYS G 111 42.69 -4.27 1.30
CA LYS G 111 42.54 -5.66 0.93
C LYS G 111 43.63 -6.01 -0.04
N CYS G 112 44.42 -7.00 0.33
CA CYS G 112 45.44 -7.51 -0.57
C CYS G 112 44.84 -8.43 -1.61
N ASN G 113 45.05 -8.12 -2.89
CA ASN G 113 44.58 -8.96 -3.98
C ASN G 113 45.66 -9.87 -4.51
N GLN G 114 46.86 -9.81 -3.97
CA GLN G 114 47.87 -10.73 -4.43
C GLN G 114 47.34 -12.13 -4.13
N LYS G 115 47.31 -12.97 -5.16
CA LYS G 115 46.63 -14.27 -5.14
C LYS G 115 47.27 -15.27 -4.19
N THR G 116 48.55 -15.13 -3.90
CA THR G 116 49.23 -16.08 -3.04
C THR G 116 50.10 -15.39 -1.99
N PHE G 117 49.61 -14.31 -1.38
CA PHE G 117 50.35 -13.61 -0.34
C PHE G 117 50.57 -14.48 0.88
N ASN G 118 51.84 -14.60 1.31
CA ASN G 118 52.17 -15.41 2.49
C ASN G 118 51.75 -14.73 3.80
N GLY G 119 51.42 -13.45 3.77
CA GLY G 119 50.75 -12.78 4.89
C GLY G 119 51.59 -11.88 5.77
N LYS G 120 52.91 -11.93 5.69
CA LYS G 120 53.74 -10.97 6.40
C LYS G 120 54.74 -10.47 5.37
N GLY G 121 54.66 -9.19 5.06
CA GLY G 121 55.48 -8.59 4.03
C GLY G 121 54.76 -7.59 3.16
N PRO G 122 55.33 -7.30 1.97
CA PRO G 122 54.71 -6.34 1.01
C PRO G 122 53.66 -6.97 0.10
N CYS G 123 52.56 -6.24 -0.15
CA CYS G 123 51.51 -6.67 -1.08
C CYS G 123 51.54 -5.93 -2.42
N ASN G 124 51.52 -6.70 -3.50
CA ASN G 124 51.64 -6.11 -4.83
C ASN G 124 50.33 -5.47 -5.29
N ASN G 125 49.18 -6.16 -5.14
CA ASN G 125 47.88 -5.65 -5.62
C ASN G 125 47.01 -5.25 -4.43
N VAL G 126 46.53 -4.03 -4.42
CA VAL G 126 45.80 -3.53 -3.26
C VAL G 126 44.51 -2.86 -3.69
N SER G 127 43.49 -2.99 -2.84
CA SER G 127 42.24 -2.31 -3.04
C SER G 127 41.77 -1.81 -1.69
N THR G 128 40.91 -0.81 -1.74
CA THR G 128 40.31 -0.26 -0.54
C THR G 128 38.86 -0.70 -0.53
N VAL G 129 38.40 -1.11 0.65
CA VAL G 129 37.04 -1.55 0.86
C VAL G 129 36.57 -1.00 2.19
N GLN G 130 35.25 -0.95 2.35
CA GLN G 130 34.64 -0.60 3.62
C GLN G 130 34.62 -1.79 4.58
N CYS G 131 34.36 -2.97 4.04
CA CYS G 131 34.12 -4.16 4.82
C CYS G 131 34.92 -5.36 4.31
N THR G 132 35.25 -6.23 5.23
CA THR G 132 35.78 -7.54 4.85
C THR G 132 34.69 -8.45 4.31
N HIS G 133 35.12 -9.59 3.78
CA HIS G 133 34.13 -10.54 3.36
C HIS G 133 33.44 -11.14 4.57
N GLY G 134 32.45 -11.97 4.29
CA GLY G 134 31.72 -12.60 5.36
C GLY G 134 32.51 -13.75 5.96
N ILE G 135 32.82 -13.66 7.24
CA ILE G 135 33.62 -14.64 7.92
C ILE G 135 32.74 -15.27 8.97
N LYS G 136 32.62 -16.59 8.92
CA LYS G 136 31.84 -17.36 9.91
C LYS G 136 32.71 -17.66 11.13
N PRO G 137 32.33 -17.25 12.27
CA PRO G 137 33.21 -17.53 13.44
C PRO G 137 33.17 -18.98 13.88
N VAL G 138 33.69 -19.88 13.03
CA VAL G 138 33.72 -21.31 13.33
C VAL G 138 34.87 -21.66 14.27
N VAL G 139 34.53 -22.18 15.45
CA VAL G 139 35.54 -22.58 16.43
C VAL G 139 35.88 -24.03 16.20
N SER G 140 37.15 -24.31 15.96
CA SER G 140 37.61 -25.66 15.63
C SER G 140 39.10 -25.83 15.84
N THR G 141 39.52 -27.08 15.90
CA THR G 141 40.93 -27.40 16.01
C THR G 141 41.25 -28.41 14.92
N GLN G 142 42.52 -28.44 14.54
CA GLN G 142 43.07 -29.37 13.58
C GLN G 142 42.63 -29.09 12.14
N LEU G 143 41.34 -29.17 11.84
CA LEU G 143 40.85 -28.90 10.50
C LEU G 143 40.16 -27.54 10.57
N LEU G 144 40.40 -26.71 9.57
CA LEU G 144 39.71 -25.42 9.43
C LEU G 144 38.49 -25.61 8.55
N LEU G 145 37.35 -25.20 9.06
CA LEU G 145 36.07 -25.52 8.45
C LEU G 145 35.36 -24.32 7.86
N ASN G 146 34.72 -24.56 6.73
CA ASN G 146 33.75 -23.64 6.23
C ASN G 146 34.36 -22.27 5.99
N GLY G 147 35.65 -22.24 5.70
CA GLY G 147 36.37 -21.02 5.42
C GLY G 147 36.58 -20.82 3.94
N SER G 148 37.50 -19.94 3.64
CA SER G 148 37.80 -19.57 2.27
C SER G 148 39.06 -20.30 1.78
N LEU G 149 39.12 -20.54 0.48
CA LEU G 149 40.17 -21.33 -0.13
C LEU G 149 41.17 -20.38 -0.80
N ALA G 150 42.39 -20.89 -1.00
CA ALA G 150 43.40 -20.14 -1.76
C ALA G 150 43.04 -20.18 -3.24
N GLU G 151 43.19 -19.03 -3.91
CA GLU G 151 42.80 -18.88 -5.31
C GLU G 151 43.72 -19.65 -6.24
N GLU G 152 45.02 -19.54 -6.03
CA GLU G 152 45.98 -20.13 -6.94
C GLU G 152 46.41 -21.49 -6.39
N GLU G 153 47.22 -21.46 -5.34
CA GLU G 153 47.85 -22.69 -4.88
C GLU G 153 47.89 -22.65 -3.37
N ILE G 154 48.15 -23.82 -2.78
CA ILE G 154 48.22 -23.94 -1.33
C ILE G 154 49.25 -22.95 -0.82
N VAL G 155 48.92 -22.32 0.30
CA VAL G 155 49.79 -21.37 0.95
C VAL G 155 50.05 -21.88 2.36
N ILE G 156 51.30 -21.78 2.81
CA ILE G 156 51.69 -22.08 4.18
C ILE G 156 51.98 -20.75 4.86
N ARG G 157 51.43 -20.56 6.05
CA ARG G 157 51.64 -19.32 6.78
C ARG G 157 52.06 -19.63 8.21
N SER G 158 53.15 -19.00 8.69
CA SER G 158 53.60 -19.17 10.05
C SER G 158 54.29 -17.88 10.48
N LYS G 159 54.27 -17.60 11.77
CA LYS G 159 55.03 -16.47 12.30
C LYS G 159 56.54 -16.71 12.18
N ASN G 160 56.98 -17.95 12.43
CA ASN G 160 58.39 -18.31 12.31
C ASN G 160 58.42 -19.78 11.91
N LEU G 161 58.68 -20.03 10.65
CA LEU G 161 58.74 -21.42 10.20
C LEU G 161 59.91 -22.18 10.81
N ARG G 162 61.05 -21.53 11.00
CA ARG G 162 62.21 -22.21 11.58
C ARG G 162 61.92 -22.60 13.03
N ASP G 163 61.03 -21.85 13.72
CA ASP G 163 60.63 -22.14 15.11
C ASP G 163 59.48 -23.16 15.13
N ASN G 164 59.77 -24.38 15.60
CA ASN G 164 58.79 -25.48 15.58
C ASN G 164 57.56 -25.18 16.44
N ALA G 165 57.73 -24.38 17.49
CA ALA G 165 56.68 -24.12 18.47
C ALA G 165 55.58 -23.23 17.93
N LYS G 166 55.84 -22.48 16.85
CA LYS G 166 54.87 -21.57 16.31
C LYS G 166 54.00 -22.35 15.32
N ILE G 167 52.69 -22.16 15.47
CA ILE G 167 51.71 -22.88 14.67
C ILE G 167 51.84 -22.57 13.17
N ILE G 168 51.47 -23.55 12.37
CA ILE G 168 51.41 -23.45 10.93
C ILE G 168 49.94 -23.44 10.48
N ILE G 169 49.54 -22.38 9.77
CA ILE G 169 48.21 -22.23 9.21
C ILE G 169 48.30 -22.56 7.73
N VAL G 170 47.57 -23.57 7.30
CA VAL G 170 47.57 -24.00 5.90
C VAL G 170 46.28 -23.58 5.23
N GLN G 171 46.38 -23.05 4.02
CA GLN G 171 45.19 -22.79 3.24
C GLN G 171 45.13 -23.70 2.04
N LEU G 172 44.03 -24.40 1.88
CA LEU G 172 43.92 -25.39 0.82
C LEU G 172 43.50 -24.75 -0.49
N ASN G 173 43.81 -25.47 -1.57
CA ASN G 173 43.46 -25.12 -2.95
C ASN G 173 42.08 -25.62 -3.28
N LYS G 174 41.76 -26.81 -2.84
CA LYS G 174 40.47 -27.40 -3.16
C LYS G 174 39.95 -27.80 -1.80
N SER G 175 38.70 -27.46 -1.50
CA SER G 175 38.13 -27.86 -0.22
C SER G 175 37.81 -29.37 -0.28
N VAL G 176 37.81 -30.00 0.89
CA VAL G 176 37.42 -31.41 1.03
C VAL G 176 36.21 -31.46 1.96
N GLU G 177 35.17 -32.20 1.55
CA GLU G 177 33.96 -32.32 2.35
C GLU G 177 34.18 -33.28 3.51
N ILE G 178 33.55 -32.98 4.64
CA ILE G 178 33.59 -33.84 5.80
C ILE G 178 32.21 -33.83 6.45
N VAL G 179 31.71 -35.01 6.81
CA VAL G 179 30.39 -35.12 7.43
C VAL G 179 30.50 -35.89 8.73
N CYS G 180 30.17 -35.22 9.82
CA CYS G 180 30.13 -35.86 11.13
C CYS G 180 28.68 -35.91 11.58
N THR G 181 28.28 -37.07 12.06
CA THR G 181 26.91 -37.35 12.40
C THR G 181 26.85 -38.21 13.65
N ARG G 182 25.94 -37.86 14.54
CA ARG G 182 25.54 -38.73 15.64
C ARG G 182 24.13 -39.23 15.37
N PRO G 183 23.92 -40.50 14.99
CA PRO G 183 22.60 -40.93 14.55
C PRO G 183 21.56 -40.87 15.66
N ASN G 184 20.29 -40.89 15.26
CA ASN G 184 19.23 -40.92 16.26
C ASN G 184 19.29 -42.18 17.13
N ASN G 185 18.92 -42.04 18.42
CA ASN G 185 18.98 -43.16 19.39
C ASN G 185 18.13 -44.33 18.96
N GLY G 192 21.66 -47.79 22.56
CA GLY G 192 22.80 -47.20 21.87
C GLY G 192 23.48 -46.16 22.75
N ASP G 193 24.71 -45.78 22.40
CA ASP G 193 25.49 -44.78 23.15
C ASP G 193 25.20 -43.40 22.58
N ILE G 194 24.51 -42.57 23.35
CA ILE G 194 24.15 -41.26 22.81
C ILE G 194 25.37 -40.35 22.62
N ARG G 195 26.47 -40.61 23.29
CA ARG G 195 27.69 -39.86 23.05
C ARG G 195 28.47 -40.31 21.80
N GLN G 196 28.22 -41.50 21.28
CA GLN G 196 29.00 -42.00 20.15
C GLN G 196 28.58 -41.33 18.85
N ALA G 197 29.55 -40.94 18.01
CA ALA G 197 29.31 -40.32 16.69
C ALA G 197 30.41 -40.74 15.71
N TYR G 198 30.28 -40.30 14.46
CA TYR G 198 31.29 -40.67 13.47
C TYR G 198 31.44 -39.56 12.41
N CYS G 199 32.55 -39.59 11.67
CA CYS G 199 32.77 -38.67 10.57
C CYS G 199 33.17 -39.42 9.32
N GLN G 200 32.71 -38.92 8.20
CA GLN G 200 32.99 -39.50 6.91
C GLN G 200 33.83 -38.55 6.06
N ILE G 201 34.89 -39.07 5.46
CA ILE G 201 35.78 -38.34 4.56
C ILE G 201 36.18 -39.24 3.40
N SER G 202 36.19 -38.66 2.19
CA SER G 202 36.72 -39.34 1.01
C SER G 202 38.24 -39.51 1.12
N GLY G 203 38.69 -40.75 1.29
CA GLY G 203 40.11 -40.98 1.44
C GLY G 203 40.89 -40.56 0.23
N ARG G 204 40.32 -40.73 -0.95
CA ARG G 204 41.06 -40.34 -2.15
C ARG G 204 41.25 -38.83 -2.15
N GLN G 205 40.17 -38.08 -1.91
CA GLN G 205 40.21 -36.62 -1.85
C GLN G 205 41.10 -36.10 -0.72
N TRP G 206 40.98 -36.69 0.48
CA TRP G 206 41.83 -36.28 1.58
C TRP G 206 43.27 -36.71 1.33
N SER G 207 43.48 -37.93 0.83
CA SER G 207 44.84 -38.37 0.53
C SER G 207 45.50 -37.43 -0.48
N GLU G 208 44.76 -37.04 -1.53
CA GLU G 208 45.30 -36.11 -2.50
C GLU G 208 45.58 -34.76 -1.83
N ALA G 209 44.65 -34.27 -1.01
CA ALA G 209 44.87 -33.01 -0.30
C ALA G 209 46.16 -33.04 0.50
N VAL G 210 46.41 -34.15 1.19
CA VAL G 210 47.62 -34.31 2.01
C VAL G 210 48.89 -34.20 1.17
N ASN G 211 48.92 -34.91 0.05
CA ASN G 211 50.10 -34.87 -0.80
C ASN G 211 50.40 -33.47 -1.26
N GLN G 212 49.36 -32.72 -1.61
CA GLN G 212 49.55 -31.36 -2.11
C GLN G 212 50.13 -30.46 -1.04
N VAL G 213 49.71 -30.66 0.21
CA VAL G 213 50.28 -29.87 1.30
C VAL G 213 51.64 -30.37 1.66
N LYS G 214 51.82 -31.70 1.63
CA LYS G 214 53.13 -32.28 1.84
C LYS G 214 54.13 -31.75 0.83
N LYS G 215 53.72 -31.67 -0.44
CA LYS G 215 54.61 -31.19 -1.49
C LYS G 215 54.93 -29.71 -1.28
N LYS G 216 53.93 -28.90 -0.93
CA LYS G 216 54.18 -27.51 -0.60
C LYS G 216 55.07 -27.38 0.62
N LEU G 217 54.90 -28.28 1.58
CA LEU G 217 55.75 -28.23 2.75
C LEU G 217 57.19 -28.53 2.41
N LYS G 218 57.41 -29.50 1.53
CA LYS G 218 58.77 -29.92 1.16
C LYS G 218 59.55 -28.76 0.56
N GLU G 219 58.86 -27.81 -0.06
CA GLU G 219 59.52 -26.63 -0.61
C GLU G 219 60.16 -25.78 0.48
N HIS G 220 59.55 -25.74 1.67
CA HIS G 220 60.06 -24.96 2.79
C HIS G 220 61.06 -25.73 3.63
N PHE G 221 61.11 -27.04 3.44
CA PHE G 221 62.11 -27.88 4.07
C PHE G 221 62.71 -28.76 2.98
N PRO G 222 63.53 -28.20 2.11
CA PRO G 222 63.94 -28.96 0.93
C PRO G 222 64.80 -30.14 1.26
N HIS G 223 65.57 -30.01 2.33
CA HIS G 223 66.45 -31.10 2.70
C HIS G 223 65.65 -32.35 3.05
N LYS G 224 64.60 -32.19 3.86
CA LYS G 224 63.95 -33.25 4.60
C LYS G 224 62.83 -33.93 3.83
N GLN G 225 62.55 -35.17 4.22
CA GLN G 225 61.32 -35.84 3.83
C GLN G 225 60.21 -35.39 4.80
N ILE G 226 58.95 -35.45 4.35
CA ILE G 226 57.82 -34.92 5.10
C ILE G 226 56.88 -36.01 5.58
N SER G 227 56.69 -36.09 6.90
CA SER G 227 55.85 -37.10 7.53
C SER G 227 54.67 -36.43 8.23
N PHE G 228 53.49 -37.05 8.09
CA PHE G 228 52.28 -36.66 8.83
C PHE G 228 52.00 -37.71 9.89
N GLN G 229 51.78 -37.26 11.13
CA GLN G 229 51.52 -38.17 12.23
C GLN G 229 50.52 -37.63 13.22
N SER G 230 49.96 -38.56 14.01
CA SER G 230 48.92 -38.29 14.96
C SER G 230 49.43 -37.34 16.04
N SER G 231 48.53 -36.69 16.75
CA SER G 231 48.97 -35.66 17.67
C SER G 231 49.80 -36.25 18.81
N SER G 232 50.85 -35.51 19.22
CA SER G 232 51.79 -36.03 20.24
C SER G 232 51.12 -36.09 21.58
N GLY G 233 50.26 -35.13 21.88
CA GLY G 233 49.61 -35.15 23.17
C GLY G 233 49.40 -33.76 23.69
N GLY G 234 48.69 -33.70 24.79
CA GLY G 234 48.20 -32.45 25.32
C GLY G 234 46.75 -32.62 25.72
N ASP G 235 46.05 -31.48 25.81
CA ASP G 235 44.64 -31.52 26.11
C ASP G 235 43.88 -32.07 24.90
N LEU G 236 42.77 -32.75 25.17
CA LEU G 236 42.00 -33.41 24.11
C LEU G 236 41.47 -32.47 23.08
N GLU G 237 41.15 -31.25 23.51
CA GLU G 237 40.66 -30.22 22.61
C GLU G 237 41.55 -30.12 21.40
N ILE G 238 42.86 -30.34 21.59
CA ILE G 238 43.90 -30.18 20.56
C ILE G 238 44.26 -31.51 19.93
N THR G 239 44.32 -32.57 20.74
CA THR G 239 44.72 -33.86 20.20
C THR G 239 43.64 -34.47 19.32
N THR G 240 42.42 -33.95 19.38
CA THR G 240 41.36 -34.36 18.48
C THR G 240 40.92 -33.18 17.62
N HIS G 241 40.19 -33.49 16.56
CA HIS G 241 39.51 -32.46 15.79
C HIS G 241 38.24 -32.05 16.53
N SER G 242 38.32 -30.94 17.24
CA SER G 242 37.30 -30.55 18.18
C SER G 242 36.50 -29.38 17.62
N PHE G 243 35.19 -29.42 17.75
CA PHE G 243 34.40 -28.34 17.16
C PHE G 243 33.03 -28.39 17.77
N ASN G 244 32.23 -27.40 17.45
CA ASN G 244 30.89 -27.40 17.96
C ASN G 244 29.87 -27.49 16.83
N CYS G 245 28.93 -28.43 16.95
CA CYS G 245 27.88 -28.61 15.95
C CYS G 245 26.51 -28.63 16.62
N GLY G 246 25.67 -27.64 16.31
CA GLY G 246 24.35 -27.58 16.95
C GLY G 246 24.38 -27.48 18.45
N GLY G 247 25.36 -26.77 18.96
CA GLY G 247 25.52 -26.56 20.37
C GLY G 247 26.25 -27.70 21.04
N GLU G 248 26.50 -28.79 20.34
CA GLU G 248 27.11 -29.93 20.95
C GLU G 248 28.55 -29.94 20.55
N PHE G 249 29.41 -30.31 21.50
CA PHE G 249 30.86 -30.32 21.32
C PHE G 249 31.27 -31.68 20.79
N PHE G 250 31.83 -31.69 19.60
CA PHE G 250 32.35 -32.90 19.01
C PHE G 250 33.86 -32.97 19.19
N TYR G 251 34.38 -34.19 19.42
CA TYR G 251 35.81 -34.50 19.53
C TYR G 251 36.10 -35.72 18.67
N CYS G 252 36.91 -35.56 17.63
CA CYS G 252 37.04 -36.55 16.57
C CYS G 252 38.48 -37.02 16.39
N ASN G 253 38.63 -38.32 16.23
CA ASN G 253 39.91 -38.96 16.11
C ASN G 253 40.44 -38.78 14.70
N THR G 254 41.49 -38.02 14.57
CA THR G 254 42.06 -37.81 13.26
C THR G 254 43.32 -38.66 13.04
N SER G 255 43.46 -39.78 13.73
CA SER G 255 44.59 -40.65 13.42
C SER G 255 44.52 -41.12 11.99
N GLY G 256 43.31 -41.38 11.48
CA GLY G 256 43.16 -41.81 10.10
C GLY G 256 43.36 -40.71 9.07
N LEU G 257 43.45 -39.47 9.53
CA LEU G 257 43.65 -38.35 8.63
C LEU G 257 45.12 -37.97 8.53
N PHE G 258 45.83 -37.98 9.65
CA PHE G 258 47.22 -37.57 9.69
C PHE G 258 48.14 -38.79 9.85
N ASN G 259 48.45 -39.39 8.72
CA ASN G 259 48.91 -40.76 8.54
C ASN G 259 49.74 -40.66 7.27
N ASP G 260 50.87 -41.34 7.23
CA ASP G 260 51.67 -41.29 6.01
C ASP G 260 51.13 -42.20 4.92
N THR G 261 50.35 -43.20 5.31
CA THR G 261 49.70 -44.12 4.39
C THR G 261 48.18 -44.01 4.56
N ILE G 262 47.55 -43.19 3.74
CA ILE G 262 46.12 -42.94 3.88
C ILE G 262 45.33 -43.80 2.92
N SER G 263 44.19 -44.28 3.40
CA SER G 263 43.33 -45.13 2.59
C SER G 263 42.67 -44.37 1.45
N ASN G 264 42.69 -44.90 0.21
CA ASN G 264 41.97 -44.28 -0.93
C ASN G 264 40.51 -44.64 -0.93
N ALA G 265 39.90 -44.71 0.24
CA ALA G 265 38.54 -45.17 0.38
C ALA G 265 37.80 -44.18 1.25
N THR G 266 36.55 -44.49 1.56
CA THR G 266 35.84 -43.64 2.50
C THR G 266 36.48 -43.90 3.85
N ILE G 267 36.65 -42.83 4.63
CA ILE G 267 37.28 -42.88 5.95
C ILE G 267 36.26 -42.58 7.03
N MET G 268 36.31 -43.35 8.12
CA MET G 268 35.41 -43.18 9.24
C MET G 268 36.20 -42.71 10.43
N LEU G 269 35.84 -41.58 10.93
CA LEU G 269 36.49 -41.12 12.12
C LEU G 269 35.55 -41.32 13.31
N PRO G 270 36.01 -41.93 14.40
CA PRO G 270 35.18 -41.98 15.59
C PRO G 270 35.20 -40.66 16.35
N CYS G 271 34.02 -40.28 16.85
CA CYS G 271 33.79 -39.04 17.64
C CYS G 271 32.98 -39.37 18.90
N ARG G 272 33.11 -38.50 19.91
CA ARG G 272 32.30 -38.51 21.12
C ARG G 272 31.73 -37.11 21.30
N ILE G 273 30.49 -37.00 21.74
CA ILE G 273 29.96 -35.73 22.20
C ILE G 273 30.41 -35.63 23.65
N LYS G 274 31.09 -34.55 24.00
CA LYS G 274 31.67 -34.42 25.31
C LYS G 274 30.95 -33.32 26.08
N GLN G 275 30.68 -33.60 27.35
CA GLN G 275 30.11 -32.62 28.25
C GLN G 275 31.19 -31.89 29.05
N ILE G 276 32.32 -32.55 29.30
CA ILE G 276 33.45 -31.97 30.06
C ILE G 276 34.48 -31.56 29.04
N ILE G 277 34.75 -30.24 28.98
CA ILE G 277 35.64 -29.63 27.99
C ILE G 277 36.57 -28.68 28.72
N ASN G 278 37.71 -28.39 28.05
CA ASN G 278 38.61 -27.30 28.40
C ASN G 278 38.24 -26.07 27.56
N MET G 279 38.01 -24.98 28.23
CA MET G 279 37.62 -23.76 27.54
C MET G 279 38.78 -23.16 26.77
N TRP G 280 38.49 -22.61 25.58
CA TRP G 280 39.49 -21.78 24.92
C TRP G 280 39.40 -20.34 25.37
N GLN G 281 38.22 -19.92 25.80
CA GLN G 281 37.95 -18.54 26.12
C GLN G 281 38.82 -18.09 27.27
N GLU G 282 39.02 -18.98 28.23
CA GLU G 282 39.82 -18.75 29.43
C GLU G 282 40.29 -20.11 29.91
N VAL G 283 41.28 -20.10 30.79
CA VAL G 283 41.80 -21.36 31.35
C VAL G 283 40.82 -21.83 32.41
N GLY G 284 40.31 -23.05 32.22
CA GLY G 284 39.31 -23.62 33.10
C GLY G 284 38.61 -24.77 32.41
N LYS G 285 37.67 -25.34 33.13
CA LYS G 285 36.89 -26.46 32.64
C LYS G 285 35.40 -26.11 32.76
N ALA G 286 34.61 -26.54 31.76
CA ALA G 286 33.16 -26.33 31.74
C ALA G 286 32.48 -27.69 31.58
N ILE G 287 31.29 -27.82 32.16
CA ILE G 287 30.42 -28.99 31.98
C ILE G 287 29.12 -28.53 31.30
N TYR G 288 28.78 -29.16 30.20
CA TYR G 288 27.58 -28.81 29.44
C TYR G 288 26.54 -29.91 29.53
N ALA G 289 25.33 -29.58 29.12
CA ALA G 289 24.23 -30.53 29.25
C ALA G 289 24.35 -31.71 28.28
N PRO G 290 23.71 -32.83 28.61
CA PRO G 290 23.71 -33.96 27.72
C PRO G 290 23.06 -33.59 26.41
N PRO G 291 23.42 -34.29 25.37
CA PRO G 291 23.00 -33.90 24.03
C PRO G 291 21.49 -33.90 23.84
N ILE G 292 21.06 -33.11 22.86
CA ILE G 292 19.68 -33.15 22.46
C ILE G 292 19.38 -34.49 21.80
N LYS G 293 18.08 -34.80 21.71
CA LYS G 293 17.66 -36.02 21.02
C LYS G 293 17.70 -35.82 19.49
N GLY G 294 17.76 -36.93 18.76
CA GLY G 294 17.63 -36.86 17.31
C GLY G 294 18.98 -36.96 16.59
N GLN G 295 18.90 -36.68 15.29
CA GLN G 295 20.02 -36.66 14.37
C GLN G 295 20.75 -35.33 14.43
N ILE G 296 22.04 -35.39 14.73
CA ILE G 296 22.93 -34.22 14.76
C ILE G 296 23.92 -34.41 13.62
N THR G 297 23.98 -33.43 12.71
CA THR G 297 24.85 -33.61 11.56
C THR G 297 25.50 -32.29 11.21
N CYS G 298 26.77 -32.36 10.79
CA CYS G 298 27.46 -31.22 10.21
C CYS G 298 28.15 -31.66 8.92
N LYS G 299 27.73 -31.08 7.79
CA LYS G 299 28.45 -31.22 6.52
C LYS G 299 29.22 -29.93 6.36
N SER G 300 30.55 -30.04 6.44
CA SER G 300 31.47 -28.91 6.49
C SER G 300 32.54 -29.01 5.40
N ASP G 301 33.09 -27.84 5.04
CA ASP G 301 34.16 -27.78 4.06
C ASP G 301 35.49 -27.62 4.78
N ILE G 302 36.36 -28.62 4.65
CA ILE G 302 37.73 -28.47 5.15
C ILE G 302 38.46 -27.60 4.15
N THR G 303 38.81 -26.38 4.58
CA THR G 303 39.47 -25.39 3.75
C THR G 303 40.85 -25.01 4.27
N GLY G 304 41.28 -25.56 5.39
CA GLY G 304 42.59 -25.22 5.93
C GLY G 304 42.96 -26.21 7.02
N LEU G 305 44.24 -26.12 7.47
CA LEU G 305 44.84 -26.99 8.49
C LEU G 305 45.57 -26.15 9.53
N LEU G 306 45.68 -26.70 10.73
CA LEU G 306 46.52 -26.14 11.79
C LEU G 306 47.53 -27.18 12.26
N LEU G 307 48.82 -26.96 11.98
CA LEU G 307 49.82 -27.99 12.25
C LEU G 307 50.88 -27.49 13.21
N LEU G 308 51.49 -28.42 13.92
CA LEU G 308 52.64 -28.14 14.75
C LEU G 308 53.76 -29.09 14.37
N ARG G 309 54.95 -28.52 14.14
CA ARG G 309 56.12 -29.29 13.74
C ARG G 309 56.89 -29.69 14.99
N ASP G 310 57.36 -30.93 14.99
CA ASP G 310 58.10 -31.51 16.11
C ASP G 310 59.45 -30.85 16.30
N GLY G 311 59.79 -30.59 17.55
CA GLY G 311 61.08 -30.04 17.86
C GLY G 311 62.19 -31.10 17.92
N GLY G 312 63.45 -30.64 18.01
CA GLY G 312 64.60 -31.50 18.22
C GLY G 312 65.20 -32.07 16.94
N ASP G 313 66.26 -32.85 17.12
CA ASP G 313 66.96 -33.44 15.97
C ASP G 313 66.09 -34.50 15.26
N THR G 314 66.07 -34.46 13.90
CA THR G 314 65.22 -35.36 13.11
C THR G 314 65.90 -36.72 12.96
N THR G 315 65.18 -37.79 13.30
CA THR G 315 65.81 -39.11 13.41
C THR G 315 66.14 -39.71 12.06
N ASP G 316 65.19 -39.65 11.13
CA ASP G 316 65.35 -40.25 9.82
C ASP G 316 65.53 -39.17 8.74
N ASN G 317 66.01 -37.98 9.12
CA ASN G 317 66.03 -36.86 8.18
C ASN G 317 64.61 -36.58 7.72
N THR G 318 63.67 -36.79 8.62
CA THR G 318 62.27 -36.58 8.36
C THR G 318 61.82 -35.48 9.30
N GLU G 319 60.98 -34.59 8.79
CA GLU G 319 60.29 -33.61 9.59
C GLU G 319 58.88 -34.14 9.79
N ILE G 320 58.46 -34.15 11.05
CA ILE G 320 57.16 -34.69 11.45
C ILE G 320 56.24 -33.54 11.80
N PHE G 321 55.05 -33.58 11.23
CA PHE G 321 54.01 -32.59 11.46
C PHE G 321 52.76 -33.28 11.98
N ARG G 322 52.19 -32.71 13.03
CA ARG G 322 51.02 -33.27 13.70
C ARG G 322 49.96 -32.18 13.84
N PRO G 323 48.67 -32.55 13.76
CA PRO G 323 47.61 -31.55 13.89
C PRO G 323 47.63 -30.93 15.29
N SER G 324 47.25 -29.65 15.35
CA SER G 324 47.32 -28.88 16.58
C SER G 324 46.21 -27.82 16.54
N GLY G 325 46.38 -26.74 17.33
CA GLY G 325 45.45 -25.63 17.44
C GLY G 325 45.34 -25.08 18.86
N GLY G 326 44.17 -24.52 19.19
CA GLY G 326 43.90 -24.07 20.54
C GLY G 326 43.79 -22.58 20.77
N ASP G 327 44.59 -21.79 20.07
CA ASP G 327 44.45 -20.34 20.13
C ASP G 327 43.62 -19.90 18.96
N MET G 328 42.34 -19.62 19.21
CA MET G 328 41.43 -19.39 18.09
C MET G 328 41.79 -18.16 17.27
N ARG G 329 42.59 -17.24 17.81
CA ARG G 329 43.05 -16.10 17.03
C ARG G 329 43.64 -16.58 15.73
N ASP G 330 44.41 -17.66 15.78
CA ASP G 330 44.93 -18.23 14.55
C ASP G 330 43.79 -18.58 13.59
N ASN G 331 42.65 -19.05 14.09
CA ASN G 331 41.55 -19.32 13.19
C ASN G 331 41.14 -18.05 12.49
N TRP G 332 41.13 -16.94 13.21
CA TRP G 332 40.71 -15.71 12.58
C TRP G 332 41.78 -15.21 11.62
N ARG G 333 43.05 -15.44 11.95
CA ARG G 333 44.14 -15.07 11.05
C ARG G 333 44.00 -15.77 9.72
N SER G 334 43.46 -17.01 9.72
CA SER G 334 43.36 -17.73 8.46
C SER G 334 42.46 -17.01 7.50
N GLU G 335 41.62 -16.13 8.02
CA GLU G 335 40.71 -15.37 7.18
C GLU G 335 41.06 -13.90 7.12
N LEU G 336 41.68 -13.37 8.15
CA LEU G 336 41.96 -11.95 8.22
C LEU G 336 43.35 -11.59 7.75
N TYR G 337 44.11 -12.54 7.19
CA TYR G 337 45.51 -12.26 6.86
C TYR G 337 45.64 -11.12 5.88
N LYS G 338 44.70 -11.02 4.91
CA LYS G 338 44.77 -10.08 3.79
C LYS G 338 44.13 -8.69 4.04
N TYR G 339 43.87 -8.29 5.28
CA TYR G 339 43.26 -7.02 5.62
C TYR G 339 44.10 -6.34 6.68
N LYS G 340 44.15 -5.01 6.62
CA LYS G 340 44.68 -4.14 7.67
C LYS G 340 43.85 -2.88 7.63
N VAL G 341 43.79 -2.21 8.75
CA VAL G 341 43.03 -0.96 8.83
C VAL G 341 43.96 0.21 8.65
N VAL G 342 43.56 1.12 7.78
CA VAL G 342 44.34 2.32 7.49
C VAL G 342 43.41 3.51 7.60
N GLU G 343 43.93 4.65 8.09
CA GLU G 343 43.15 5.88 8.24
C GLU G 343 43.46 6.77 7.05
N ILE G 344 42.43 7.06 6.26
CA ILE G 344 42.61 7.81 5.03
C ILE G 344 42.87 9.28 5.36
N LYS G 345 43.84 9.88 4.65
CA LYS G 345 44.19 11.27 4.80
C LYS G 345 44.70 11.80 3.46
N GLU H 4 -0.99 27.22 35.15
CA GLU H 4 0.12 26.43 34.62
C GLU H 4 0.52 26.97 33.25
N ALA H 5 1.82 26.98 32.99
CA ALA H 5 2.39 27.60 31.79
C ALA H 5 3.58 26.79 31.28
N LYS H 6 3.96 27.04 30.01
CA LYS H 6 5.11 26.39 29.39
C LYS H 6 6.19 27.45 29.21
N THR H 7 7.36 27.18 29.77
CA THR H 7 8.47 28.11 29.69
C THR H 7 9.76 27.31 29.76
N THR H 8 10.87 28.01 29.71
CA THR H 8 12.19 27.42 29.83
C THR H 8 12.67 27.61 31.26
N LEU H 9 12.80 26.50 31.99
CA LEU H 9 13.43 26.59 33.29
C LEU H 9 14.95 26.69 33.11
N PHE H 10 15.65 27.07 34.19
CA PHE H 10 17.10 27.09 34.23
C PHE H 10 17.59 26.22 35.36
N CYS H 11 18.73 25.61 35.17
CA CYS H 11 19.23 24.67 36.15
C CYS H 11 20.33 25.31 37.01
N ALA H 12 20.42 24.87 38.27
CA ALA H 12 21.50 25.25 39.18
C ALA H 12 22.05 23.99 39.84
N SER H 13 23.34 24.01 40.19
CA SER H 13 24.00 22.83 40.73
C SER H 13 25.12 23.21 41.69
N ASP H 14 25.64 22.19 42.38
CA ASP H 14 26.76 22.32 43.32
C ASP H 14 28.08 22.08 42.61
N ALA H 15 28.12 22.36 41.31
CA ALA H 15 29.30 22.09 40.51
C ALA H 15 30.49 22.84 41.07
N LYS H 16 31.66 22.23 40.96
CA LYS H 16 32.91 22.85 41.38
C LYS H 16 33.73 23.14 40.13
N ALA H 17 34.22 24.37 40.02
CA ALA H 17 34.95 24.77 38.81
C ALA H 17 36.24 23.99 38.62
N TYR H 18 36.82 23.48 39.71
CA TYR H 18 38.10 22.81 39.64
C TYR H 18 37.99 21.32 39.32
N GLU H 19 36.77 20.78 39.26
CA GLU H 19 36.56 19.33 39.20
C GLU H 19 36.68 18.83 37.76
N LYS H 20 37.44 17.73 37.57
CA LYS H 20 37.65 17.10 36.27
C LYS H 20 36.49 16.19 35.87
N GLU H 21 35.68 15.74 36.86
CA GLU H 21 34.47 14.95 36.61
C GLU H 21 33.48 15.72 35.77
N CYS H 22 32.97 15.03 34.75
CA CYS H 22 32.26 15.67 33.64
C CYS H 22 30.90 16.29 34.00
N HIS H 23 30.13 15.66 34.88
CA HIS H 23 28.87 16.28 35.30
C HIS H 23 29.11 17.65 35.91
N ASN H 24 30.17 17.80 36.70
CA ASN H 24 30.58 19.12 37.17
C ASN H 24 30.92 20.00 35.97
N VAL H 25 31.79 19.51 35.09
CA VAL H 25 32.26 20.30 33.94
C VAL H 25 31.10 20.81 33.11
N TRP H 26 30.13 19.94 32.83
CA TRP H 26 28.97 20.38 32.08
C TRP H 26 28.16 21.38 32.88
N ALA H 27 28.05 21.13 34.20
CA ALA H 27 27.18 21.92 35.06
C ALA H 27 27.65 23.36 35.18
N THR H 28 28.96 23.58 35.22
CA THR H 28 29.45 24.94 35.44
C THR H 28 29.09 25.86 34.27
N HIS H 29 29.33 25.40 33.03
CA HIS H 29 28.99 26.21 31.85
C HIS H 29 27.47 26.27 31.68
N ALA H 30 26.83 25.14 31.90
CA ALA H 30 25.39 25.04 31.69
C ALA H 30 24.59 25.59 32.88
N CYS H 31 25.10 25.43 34.11
CA CYS H 31 24.30 25.53 35.34
C CYS H 31 24.90 26.58 36.30
N VAL H 32 24.04 27.33 36.99
CA VAL H 32 24.38 28.35 37.99
C VAL H 32 24.59 27.68 39.35
N PRO H 33 25.09 28.37 40.39
CA PRO H 33 25.37 27.70 41.66
C PRO H 33 24.09 27.40 42.45
N THR H 34 24.21 26.47 43.39
CA THR H 34 23.08 26.13 44.24
C THR H 34 22.71 27.37 45.03
N ASP H 35 21.41 27.56 45.26
CA ASP H 35 20.99 28.69 46.08
C ASP H 35 21.25 28.39 47.57
N PRO H 36 22.07 29.19 48.26
CA PRO H 36 22.32 28.89 49.68
C PRO H 36 21.06 29.01 50.49
N ASN H 37 20.19 29.97 50.13
CA ASN H 37 18.98 30.29 50.87
C ASN H 37 17.77 29.93 50.03
N PRO H 38 17.26 28.71 50.15
CA PRO H 38 16.00 28.32 49.48
C PRO H 38 14.75 28.68 50.27
N GLN H 39 13.68 29.03 49.55
CA GLN H 39 12.41 29.41 50.16
C GLN H 39 11.31 28.44 49.76
N GLU H 40 10.64 27.84 50.75
CA GLU H 40 9.46 27.01 50.51
C GLU H 40 8.30 27.72 51.17
N VAL H 41 7.26 28.02 50.39
CA VAL H 41 6.10 28.77 50.86
C VAL H 41 4.88 27.85 50.78
N VAL H 42 4.37 27.40 51.92
CA VAL H 42 3.18 26.56 51.93
C VAL H 42 1.96 27.37 51.49
N LEU H 43 1.04 26.72 50.78
CA LEU H 43 -0.17 27.38 50.30
C LEU H 43 -1.42 26.82 50.96
N ASN H 49 -4.06 20.05 41.02
CA ASN H 49 -4.14 18.90 40.13
C ASN H 49 -2.89 18.83 39.26
N PHE H 50 -2.22 17.69 39.30
CA PHE H 50 -1.00 17.49 38.52
C PHE H 50 -1.03 16.23 37.67
N ASN H 51 -0.15 16.24 36.70
CA ASN H 51 0.12 15.12 35.80
C ASN H 51 1.63 14.97 35.61
N MET H 52 2.14 13.83 36.03
CA MET H 52 3.54 13.52 35.75
C MET H 52 3.74 13.03 34.32
N TRP H 53 2.69 12.55 33.67
CA TRP H 53 2.76 11.99 32.35
C TRP H 53 2.62 13.05 31.28
N LYS H 54 2.21 14.25 31.66
CA LYS H 54 2.08 15.37 30.74
C LYS H 54 2.73 16.57 31.40
N ASN H 55 4.05 16.51 31.49
CA ASN H 55 4.84 17.52 32.17
C ASN H 55 5.98 17.95 31.27
N ASP H 56 5.98 19.24 30.91
CA ASP H 56 7.02 19.78 30.05
C ASP H 56 8.41 19.71 30.69
N MET H 57 8.49 19.71 32.02
CA MET H 57 9.79 19.69 32.68
C MET H 57 10.60 18.44 32.32
N VAL H 58 9.90 17.31 32.15
CA VAL H 58 10.55 16.04 31.84
C VAL H 58 11.22 16.13 30.48
N ASP H 59 10.51 16.71 29.53
CA ASP H 59 11.07 16.86 28.19
C ASP H 59 12.27 17.76 28.21
N GLN H 60 12.27 18.77 29.11
CA GLN H 60 13.44 19.61 29.26
C GLN H 60 14.63 18.80 29.78
N MET H 61 14.45 18.11 30.90
CA MET H 61 15.58 17.42 31.49
C MET H 61 16.17 16.40 30.53
N GLN H 62 15.30 15.70 29.78
CA GLN H 62 15.77 14.71 28.81
C GLN H 62 16.77 15.33 27.86
N GLU H 63 16.47 16.54 27.37
CA GLU H 63 17.40 17.28 26.51
C GLU H 63 18.67 17.62 27.27
N ASP H 64 18.54 17.93 28.55
CA ASP H 64 19.75 18.25 29.30
C ASP H 64 20.65 17.03 29.38
N VAL H 65 20.05 15.89 29.76
CA VAL H 65 20.79 14.65 29.96
C VAL H 65 21.38 14.18 28.65
N ILE H 66 20.66 14.37 27.55
CA ILE H 66 21.27 14.15 26.25
C ILE H 66 22.48 15.05 26.11
N SER H 67 22.29 16.34 26.43
CA SER H 67 23.36 17.32 26.31
C SER H 67 24.57 16.92 27.17
N ILE H 68 24.31 16.45 28.39
CA ILE H 68 25.36 16.01 29.30
C ILE H 68 26.19 14.93 28.64
N TRP H 69 25.50 13.90 28.16
CA TRP H 69 26.12 12.74 27.59
C TRP H 69 26.86 13.10 26.31
N ASP H 70 26.32 14.04 25.54
CA ASP H 70 27.01 14.43 24.30
C ASP H 70 28.39 14.98 24.62
N GLN H 71 28.47 15.80 25.66
CA GLN H 71 29.75 16.31 26.12
C GLN H 71 30.51 15.24 26.93
N CYS H 72 29.87 14.54 27.88
CA CYS H 72 30.67 13.56 28.67
C CYS H 72 31.02 12.30 27.92
N LEU H 73 30.01 11.73 27.26
CA LEU H 73 30.11 10.34 26.77
C LEU H 73 30.07 10.32 25.25
N LYS H 74 31.21 10.58 24.66
CA LYS H 74 31.27 10.66 23.23
C LYS H 74 31.69 9.24 22.86
N PRO H 75 30.88 8.47 22.15
CA PRO H 75 31.31 7.15 21.68
C PRO H 75 32.32 7.28 20.56
N CYS H 76 33.14 6.24 20.42
CA CYS H 76 34.16 6.26 19.39
C CYS H 76 33.50 6.30 18.02
N VAL H 77 32.37 5.57 17.86
CA VAL H 77 31.59 5.52 16.63
C VAL H 77 30.12 5.63 17.00
N LYS H 78 29.36 6.37 16.18
CA LYS H 78 27.92 6.42 16.29
C LYS H 78 27.40 5.86 14.96
N LEU H 79 26.52 4.88 15.05
CA LEU H 79 26.05 4.14 13.90
C LEU H 79 24.62 4.52 13.67
N THR H 80 24.38 5.12 12.52
CA THR H 80 23.06 5.54 12.15
C THR H 80 22.86 5.01 10.77
N GLY H 81 21.61 4.79 10.45
CA GLY H 81 21.32 4.13 9.19
C GLY H 81 21.91 4.91 8.04
N GLY H 82 21.79 6.23 8.10
CA GLY H 82 22.37 7.02 7.05
C GLY H 82 23.87 6.88 7.06
N SER H 83 24.48 6.84 8.24
CA SER H 83 25.89 7.10 8.29
C SER H 83 26.63 6.45 9.46
N THR H 84 27.94 6.46 9.31
CA THR H 84 28.89 6.27 10.39
C THR H 84 29.50 7.63 10.74
N LEU H 85 29.68 7.85 12.04
CA LEU H 85 30.40 8.99 12.60
C LEU H 85 31.52 8.54 13.51
N THR H 86 32.70 9.13 13.35
CA THR H 86 33.86 8.82 14.15
C THR H 86 34.37 10.08 14.83
N GLN H 87 34.75 9.95 16.09
CA GLN H 87 35.13 11.13 16.82
C GLN H 87 36.11 10.74 17.91
N ALA H 88 36.71 11.76 18.51
CA ALA H 88 37.55 11.59 19.70
C ALA H 88 36.75 10.87 20.77
N CYS H 89 37.38 9.91 21.42
CA CYS H 89 36.66 8.99 22.31
C CYS H 89 37.20 8.92 23.72
N PRO H 90 37.72 10.01 24.27
CA PRO H 90 38.49 9.93 25.51
C PRO H 90 37.67 9.40 26.69
N LYS H 91 38.30 8.49 27.45
CA LYS H 91 37.71 8.00 28.69
C LYS H 91 37.60 9.19 29.66
N VAL H 92 36.63 9.14 30.55
CA VAL H 92 36.39 10.27 31.44
C VAL H 92 35.96 9.76 32.81
N THR H 93 36.08 10.64 33.79
CA THR H 93 35.62 10.38 35.16
C THR H 93 34.12 10.71 35.20
N PHE H 94 33.32 9.75 35.65
CA PHE H 94 31.88 9.86 35.48
C PHE H 94 31.16 9.55 36.78
N ASP H 95 30.56 10.57 37.38
CA ASP H 95 29.72 10.41 38.57
C ASP H 95 28.62 11.48 38.52
N PRO H 96 27.38 11.09 38.26
CA PRO H 96 26.31 12.08 38.17
C PRO H 96 26.21 12.91 39.44
N ILE H 97 26.02 14.21 39.25
CA ILE H 97 25.86 15.15 40.38
C ILE H 97 24.45 15.72 40.39
N PRO H 98 23.87 15.95 41.57
CA PRO H 98 22.49 16.43 41.63
C PRO H 98 22.33 17.77 40.94
N ILE H 99 21.26 17.89 40.13
CA ILE H 99 20.90 19.11 39.41
C ILE H 99 19.57 19.62 39.94
N HIS H 100 19.51 20.95 40.12
CA HIS H 100 18.30 21.67 40.50
C HIS H 100 17.88 22.47 39.29
N TYR H 101 16.64 22.28 38.85
CA TYR H 101 16.07 22.97 37.71
C TYR H 101 15.09 23.98 38.27
N CYS H 102 15.25 25.24 37.87
CA CYS H 102 14.58 26.35 38.52
C CYS H 102 13.80 27.15 37.50
N ALA H 103 12.74 27.84 37.97
CA ALA H 103 11.83 28.63 37.14
C ALA H 103 12.39 30.01 36.86
N PRO H 104 12.20 30.54 35.65
CA PRO H 104 12.63 31.90 35.38
C PRO H 104 11.65 32.89 36.02
N ALA H 105 12.09 34.15 36.06
CA ALA H 105 11.32 35.18 36.76
C ALA H 105 9.95 35.37 36.13
N GLY H 106 8.96 35.62 36.99
CA GLY H 106 7.57 35.71 36.60
C GLY H 106 6.89 34.38 36.59
N TYR H 107 7.64 33.33 36.93
CA TYR H 107 7.17 31.96 36.99
C TYR H 107 7.59 31.41 38.34
N ALA H 108 6.85 30.40 38.79
CA ALA H 108 7.15 29.72 40.04
C ALA H 108 6.94 28.23 39.82
N ILE H 109 7.50 27.42 40.70
CA ILE H 109 7.34 25.98 40.64
C ILE H 109 6.48 25.49 41.81
N LEU H 110 5.32 24.95 41.50
CA LEU H 110 4.48 24.38 42.54
C LEU H 110 5.06 23.06 43.03
N LYS H 111 4.86 22.78 44.33
CA LYS H 111 5.35 21.55 44.93
C LYS H 111 4.21 20.85 45.63
N CYS H 112 4.01 19.59 45.30
CA CYS H 112 3.05 18.76 45.99
C CYS H 112 3.71 18.23 47.25
N ASN H 113 3.16 18.57 48.41
CA ASN H 113 3.63 18.01 49.65
C ASN H 113 2.75 16.86 50.06
N GLN H 114 1.71 16.59 49.28
CA GLN H 114 0.76 15.51 49.55
C GLN H 114 1.46 14.31 50.08
N LYS H 115 0.85 13.63 51.02
CA LYS H 115 1.50 12.51 51.65
C LYS H 115 1.84 11.45 50.60
N THR H 116 0.86 11.06 49.74
CA THR H 116 1.07 9.96 48.77
C THR H 116 0.41 10.30 47.43
N PHE H 117 1.05 11.17 46.66
CA PHE H 117 0.50 11.57 45.36
C PHE H 117 0.73 10.49 44.31
N ASN H 118 -0.32 9.95 43.68
CA ASN H 118 -0.09 8.96 42.63
C ASN H 118 0.58 9.59 41.41
N GLY H 119 0.45 10.93 41.27
CA GLY H 119 1.04 11.72 40.19
C GLY H 119 0.08 12.09 39.07
N LYS H 120 -1.14 11.52 39.07
CA LYS H 120 -2.27 11.94 38.21
C LYS H 120 -3.48 12.07 39.14
N GLY H 121 -3.80 13.31 39.49
CA GLY H 121 -4.91 13.60 40.37
C GLY H 121 -4.75 14.94 41.05
N PRO H 122 -5.51 15.13 42.21
CA PRO H 122 -5.34 16.42 42.85
C PRO H 122 -4.53 16.36 44.13
N CYS H 123 -3.59 17.27 44.26
CA CYS H 123 -2.72 17.36 45.43
C CYS H 123 -3.28 18.41 46.37
N ASN H 124 -3.40 18.08 47.66
CA ASN H 124 -3.95 19.01 48.64
C ASN H 124 -2.93 19.91 49.34
N ASN H 125 -1.84 19.32 49.81
CA ASN H 125 -0.79 20.07 50.52
C ASN H 125 0.22 20.56 49.48
N VAL H 126 0.08 21.80 49.03
CA VAL H 126 0.93 22.37 48.00
C VAL H 126 1.81 23.46 48.60
N SER H 127 2.99 23.66 48.00
CA SER H 127 3.87 24.76 48.38
C SER H 127 4.52 25.30 47.11
N THR H 128 5.04 26.52 47.19
CA THR H 128 5.76 27.11 46.07
C THR H 128 7.24 27.17 46.40
N VAL H 129 8.08 26.79 45.44
CA VAL H 129 9.50 26.89 45.64
C VAL H 129 10.09 27.44 44.35
N GLN H 130 11.25 28.08 44.46
CA GLN H 130 11.91 28.52 43.24
C GLN H 130 12.53 27.33 42.52
N CYS H 131 13.08 26.35 43.26
CA CYS H 131 13.87 25.29 42.66
C CYS H 131 13.37 23.92 43.08
N THR H 132 13.56 22.96 42.18
CA THR H 132 13.42 21.56 42.54
C THR H 132 14.64 21.10 43.31
N HIS H 133 14.48 19.99 44.00
CA HIS H 133 15.61 19.42 44.70
C HIS H 133 16.61 18.89 43.71
N GLY H 134 17.75 18.47 44.26
CA GLY H 134 18.83 17.96 43.45
C GLY H 134 18.56 16.57 42.96
N ILE H 135 18.54 16.43 41.65
CA ILE H 135 18.21 15.16 41.03
C ILE H 135 19.42 14.67 40.27
N LYS H 136 19.83 13.43 40.56
CA LYS H 136 20.89 12.82 39.78
C LYS H 136 20.31 12.22 38.51
N PRO H 137 20.81 12.60 37.31
CA PRO H 137 20.33 12.05 36.03
C PRO H 137 20.91 10.66 35.78
N VAL H 138 20.44 9.70 36.57
CA VAL H 138 20.91 8.32 36.40
C VAL H 138 20.10 7.66 35.29
N VAL H 139 20.81 7.31 34.23
CA VAL H 139 20.22 6.65 33.08
C VAL H 139 20.29 5.16 33.39
N SER H 140 19.14 4.50 33.40
CA SER H 140 19.05 3.09 33.74
C SER H 140 17.73 2.50 33.27
N THR H 141 17.68 1.16 33.29
CA THR H 141 16.51 0.40 32.93
C THR H 141 16.23 -0.60 34.03
N GLN H 142 14.97 -1.03 34.13
CA GLN H 142 14.55 -2.07 35.09
C GLN H 142 14.57 -1.64 36.56
N LEU H 143 15.73 -1.20 37.03
CA LEU H 143 15.93 -0.72 38.38
C LEU H 143 16.22 0.77 38.29
N LEU H 144 15.60 1.55 39.17
CA LEU H 144 15.89 2.98 39.35
C LEU H 144 16.97 3.15 40.42
N LEU H 145 18.00 3.91 40.10
CA LEU H 145 19.14 4.04 40.98
C LEU H 145 19.28 5.46 41.52
N ASN H 146 19.79 5.55 42.75
CA ASN H 146 20.35 6.78 43.32
C ASN H 146 19.33 7.95 43.34
N GLY H 147 18.04 7.62 43.36
CA GLY H 147 16.98 8.59 43.34
C GLY H 147 16.40 8.81 44.70
N SER H 148 15.14 9.25 44.72
CA SER H 148 14.42 9.56 45.93
C SER H 148 13.44 8.45 46.28
N LEU H 149 13.18 8.31 47.57
CA LEU H 149 12.36 7.23 48.10
C LEU H 149 11.01 7.76 48.53
N ALA H 150 10.05 6.85 48.65
CA ALA H 150 8.74 7.23 49.16
C ALA H 150 8.77 7.44 50.66
N GLU H 151 8.12 8.54 51.11
CA GLU H 151 8.15 8.92 52.52
C GLU H 151 7.35 7.98 53.40
N GLU H 152 6.14 7.67 53.00
CA GLU H 152 5.26 6.90 53.85
C GLU H 152 5.40 5.43 53.43
N GLU H 153 4.89 5.11 52.25
CA GLU H 153 4.70 3.74 51.87
C GLU H 153 5.03 3.62 50.39
N ILE H 154 5.26 2.39 49.93
CA ILE H 154 5.59 2.18 48.52
C ILE H 154 4.44 2.69 47.66
N VAL H 155 4.80 3.40 46.59
CA VAL H 155 3.84 4.08 45.74
C VAL H 155 3.86 3.45 44.36
N ILE H 156 2.67 3.19 43.82
CA ILE H 156 2.45 2.71 42.47
C ILE H 156 2.00 3.87 41.62
N ARG H 157 2.64 4.08 40.49
CA ARG H 157 2.27 5.15 39.58
C ARG H 157 2.14 4.67 38.14
N SER H 158 1.03 5.00 37.51
CA SER H 158 0.81 4.65 36.11
C SER H 158 -0.11 5.68 35.45
N LYS H 159 0.01 5.86 34.13
CA LYS H 159 -1.01 6.63 33.43
C LYS H 159 -2.33 5.89 33.51
N ASN H 160 -2.29 4.58 33.38
CA ASN H 160 -3.44 3.71 33.59
C ASN H 160 -3.03 2.29 33.95
N LEU H 161 -3.37 1.85 35.16
CA LEU H 161 -3.07 0.49 35.58
C LEU H 161 -3.87 -0.56 34.82
N ARG H 162 -5.05 -0.19 34.36
CA ARG H 162 -5.90 -1.11 33.59
C ARG H 162 -5.30 -1.38 32.17
N ASP H 163 -4.54 -0.42 31.61
CA ASP H 163 -3.87 -0.53 30.31
C ASP H 163 -2.46 -1.11 30.48
N ASN H 164 -2.29 -2.40 30.17
CA ASN H 164 -1.02 -3.06 30.41
C ASN H 164 0.15 -2.48 29.62
N ALA H 165 -0.11 -1.72 28.55
CA ALA H 165 0.93 -1.14 27.69
C ALA H 165 1.59 0.09 28.29
N LYS H 166 1.02 0.60 29.37
CA LYS H 166 1.59 1.73 30.06
C LYS H 166 2.54 1.20 31.13
N ILE H 167 3.73 1.81 31.18
CA ILE H 167 4.75 1.42 32.15
C ILE H 167 4.17 1.63 33.55
N ILE H 168 4.67 0.84 34.51
CA ILE H 168 4.40 1.04 35.95
C ILE H 168 5.68 1.49 36.66
N ILE H 169 5.66 2.68 37.27
CA ILE H 169 6.80 3.18 38.02
C ILE H 169 6.52 2.94 39.49
N VAL H 170 7.37 2.14 40.14
CA VAL H 170 7.25 1.86 41.57
C VAL H 170 8.34 2.65 42.30
N GLN H 171 7.94 3.33 43.38
CA GLN H 171 8.84 4.05 44.27
C GLN H 171 8.84 3.32 45.61
N LEU H 172 10.04 3.00 46.07
CA LEU H 172 10.24 2.15 47.25
C LEU H 172 10.19 2.92 48.57
N ASN H 173 9.66 2.25 49.61
CA ASN H 173 9.77 2.73 50.98
C ASN H 173 11.24 2.80 51.39
N LYS H 174 11.93 1.65 51.30
CA LYS H 174 13.26 1.45 51.87
C LYS H 174 14.19 0.93 50.79
N SER H 175 15.31 1.61 50.60
CA SER H 175 16.22 1.29 49.51
C SER H 175 16.88 -0.04 49.75
N VAL H 176 17.28 -0.65 48.64
CA VAL H 176 18.06 -1.89 48.62
C VAL H 176 19.39 -1.53 47.97
N GLU H 177 20.48 -1.98 48.59
CA GLU H 177 21.82 -1.70 48.08
C GLU H 177 22.10 -2.64 46.90
N ILE H 178 22.87 -2.15 45.94
CA ILE H 178 23.39 -2.98 44.86
C ILE H 178 24.82 -2.58 44.54
N VAL H 179 25.71 -3.58 44.48
CA VAL H 179 27.12 -3.37 44.20
C VAL H 179 27.44 -4.21 42.99
N CYS H 180 27.88 -3.56 41.93
CA CYS H 180 28.31 -4.22 40.71
C CYS H 180 29.78 -3.95 40.48
N THR H 181 30.54 -4.99 40.15
CA THR H 181 31.98 -4.85 40.11
C THR H 181 32.59 -5.62 38.96
N ARG H 182 33.61 -5.02 38.37
CA ARG H 182 34.53 -5.75 37.51
C ARG H 182 35.87 -5.80 38.24
N PRO H 183 36.27 -6.94 38.77
CA PRO H 183 37.48 -6.96 39.59
C PRO H 183 38.72 -6.63 38.79
N ASN H 184 39.75 -6.22 39.53
CA ASN H 184 41.06 -6.02 38.92
C ASN H 184 41.55 -7.34 38.34
N ASN H 185 42.30 -7.23 37.23
CA ASN H 185 42.81 -8.41 36.47
C ASN H 185 43.65 -9.36 37.33
N GLY H 192 41.84 -13.43 32.41
CA GLY H 192 40.43 -13.26 32.75
C GLY H 192 39.69 -12.39 31.76
N ASP H 193 38.36 -12.51 31.69
CA ASP H 193 37.57 -11.77 30.71
C ASP H 193 37.27 -10.37 31.27
N ILE H 194 37.90 -9.35 30.69
CA ILE H 194 37.75 -8.02 31.26
C ILE H 194 36.31 -7.50 31.16
N ARG H 195 35.49 -8.07 30.26
CA ARG H 195 34.07 -7.74 30.15
C ARG H 195 33.25 -8.36 31.28
N GLN H 196 33.76 -9.40 31.91
CA GLN H 196 32.98 -10.09 32.92
C GLN H 196 32.81 -9.24 34.19
N ALA H 197 31.59 -9.17 34.71
CA ALA H 197 31.33 -8.42 35.92
C ALA H 197 30.19 -9.13 36.65
N TYR H 198 29.88 -8.63 37.86
CA TYR H 198 28.89 -9.23 38.76
C TYR H 198 28.26 -8.15 39.65
N CYS H 199 27.07 -8.47 40.18
CA CYS H 199 26.43 -7.57 41.13
C CYS H 199 26.10 -8.35 42.39
N GLN H 200 26.26 -7.70 43.54
CA GLN H 200 25.95 -8.35 44.80
C GLN H 200 24.76 -7.59 45.35
N ILE H 201 23.74 -8.36 45.74
CA ILE H 201 22.52 -7.86 46.41
C ILE H 201 22.13 -8.85 47.51
N SER H 202 21.77 -8.33 48.69
CA SER H 202 21.29 -9.17 49.79
C SER H 202 19.95 -9.85 49.45
N GLY H 203 19.97 -11.17 49.34
CA GLY H 203 18.75 -11.86 49.01
C GLY H 203 17.66 -11.64 50.04
N ARG H 204 18.05 -11.49 51.30
CA ARG H 204 17.04 -11.28 52.34
C ARG H 204 16.37 -9.92 52.15
N GLN H 205 17.20 -8.89 51.99
CA GLN H 205 16.68 -7.53 51.81
C GLN H 205 15.74 -7.46 50.61
N TRP H 206 16.17 -8.05 49.50
CA TRP H 206 15.39 -8.02 48.27
C TRP H 206 14.13 -8.88 48.42
N SER H 207 14.24 -10.08 49.00
CA SER H 207 13.05 -10.91 49.14
C SER H 207 11.95 -10.17 49.90
N GLU H 208 12.33 -9.46 50.98
CA GLU H 208 11.35 -8.69 51.73
C GLU H 208 10.79 -7.55 50.88
N ALA H 209 11.67 -6.83 50.19
CA ALA H 209 11.22 -5.74 49.33
C ALA H 209 10.17 -6.22 48.32
N VAL H 210 10.40 -7.35 47.67
CA VAL H 210 9.46 -7.90 46.69
C VAL H 210 8.11 -8.12 47.32
N ASN H 211 8.08 -8.79 48.47
CA ASN H 211 6.80 -9.01 49.11
C ASN H 211 6.08 -7.70 49.45
N GLN H 212 6.83 -6.67 49.88
CA GLN H 212 6.26 -5.36 50.24
C GLN H 212 5.75 -4.60 49.01
N VAL H 213 6.38 -4.83 47.86
CA VAL H 213 5.82 -4.34 46.60
C VAL H 213 4.79 -5.31 46.03
N LYS H 214 5.02 -6.63 46.14
CA LYS H 214 3.98 -7.58 45.78
C LYS H 214 2.70 -7.30 46.56
N LYS H 215 2.85 -6.92 47.84
CA LYS H 215 1.71 -6.64 48.71
C LYS H 215 0.94 -5.41 48.26
N LYS H 216 1.67 -4.32 48.01
CA LYS H 216 1.04 -3.09 47.54
C LYS H 216 0.29 -3.35 46.24
N LEU H 217 0.88 -4.16 45.37
CA LEU H 217 0.24 -4.46 44.08
C LEU H 217 -1.07 -5.21 44.28
N LYS H 218 -1.14 -6.12 45.25
CA LYS H 218 -2.38 -6.88 45.43
C LYS H 218 -3.54 -5.94 45.80
N GLU H 219 -3.22 -4.75 46.36
CA GLU H 219 -4.24 -3.75 46.67
C GLU H 219 -4.92 -3.22 45.42
N HIS H 220 -4.19 -3.06 44.32
CA HIS H 220 -4.81 -2.63 43.08
C HIS H 220 -5.38 -3.79 42.26
N PHE H 221 -4.95 -5.04 42.52
CA PHE H 221 -5.39 -6.21 41.78
C PHE H 221 -5.87 -7.26 42.76
N PRO H 222 -7.03 -7.05 43.34
CA PRO H 222 -7.55 -7.96 44.37
C PRO H 222 -7.91 -9.32 43.79
N HIS H 223 -7.89 -10.31 44.65
CA HIS H 223 -8.29 -11.66 44.31
C HIS H 223 -7.30 -12.31 43.35
N LYS H 224 -6.16 -11.68 43.08
CA LYS H 224 -5.15 -12.21 42.18
C LYS H 224 -3.84 -12.40 42.93
N GLN H 225 -3.09 -13.44 42.58
CA GLN H 225 -1.73 -13.58 43.08
C GLN H 225 -0.77 -12.76 42.24
N ILE H 226 0.29 -12.30 42.86
CA ILE H 226 1.27 -11.45 42.21
C ILE H 226 2.55 -12.25 41.96
N SER H 227 2.93 -12.37 40.69
CA SER H 227 4.11 -13.11 40.26
C SER H 227 5.12 -12.19 39.59
N PHE H 228 6.40 -12.41 39.87
CA PHE H 228 7.45 -11.65 39.19
C PHE H 228 8.18 -12.60 38.25
N GLN H 229 8.39 -12.13 37.01
CA GLN H 229 9.12 -12.92 36.03
C GLN H 229 9.99 -12.00 35.18
N SER H 230 10.95 -12.63 34.51
CA SER H 230 11.97 -11.98 33.70
C SER H 230 11.34 -11.27 32.51
N SER H 231 12.17 -10.47 31.83
CA SER H 231 11.68 -9.67 30.71
C SER H 231 11.14 -10.51 29.55
N SER H 232 10.04 -10.03 28.92
CA SER H 232 9.40 -10.73 27.78
C SER H 232 10.22 -10.70 26.51
N GLY H 233 11.05 -9.68 26.33
CA GLY H 233 11.87 -9.54 25.14
C GLY H 233 12.04 -8.10 24.77
N GLY H 234 12.92 -7.77 23.80
CA GLY H 234 13.20 -6.40 23.42
C GLY H 234 14.66 -6.15 23.22
N ASP H 235 15.02 -4.89 23.19
CA ASP H 235 16.41 -4.58 23.09
C ASP H 235 17.13 -5.09 24.34
N LEU H 236 18.43 -5.40 24.21
CA LEU H 236 19.19 -5.87 25.37
C LEU H 236 19.14 -4.85 26.47
N GLU H 237 19.12 -3.55 26.13
CA GLU H 237 19.04 -2.53 27.15
C GLU H 237 17.85 -2.75 28.07
N ILE H 238 16.78 -3.32 27.54
CA ILE H 238 15.54 -3.42 28.28
C ILE H 238 15.39 -4.79 28.92
N THR H 239 15.95 -5.81 28.29
CA THR H 239 15.83 -7.14 28.88
C THR H 239 16.78 -7.36 30.07
N THR H 240 17.79 -6.53 30.21
CA THR H 240 18.70 -6.58 31.32
C THR H 240 18.59 -5.28 32.07
N HIS H 241 19.14 -5.28 33.27
CA HIS H 241 19.30 -4.05 34.01
C HIS H 241 20.53 -3.31 33.52
N SER H 242 20.33 -2.26 32.78
CA SER H 242 21.43 -1.58 32.12
C SER H 242 21.66 -0.24 32.77
N PHE H 243 22.93 0.14 32.87
CA PHE H 243 23.35 1.42 33.45
C PHE H 243 24.80 1.70 33.09
N ASN H 244 25.25 2.89 33.48
CA ASN H 244 26.62 3.34 33.27
C ASN H 244 27.27 3.51 34.63
N CYS H 245 28.45 2.92 34.78
CA CYS H 245 29.22 3.02 36.01
C CYS H 245 30.64 3.40 35.69
N GLY H 246 31.05 4.57 36.14
CA GLY H 246 32.38 5.05 35.84
C GLY H 246 32.70 5.13 34.37
N GLY H 247 31.71 5.48 33.54
CA GLY H 247 31.89 5.65 32.11
C GLY H 247 31.75 4.37 31.33
N GLU H 248 31.58 3.24 32.01
CA GLU H 248 31.43 1.93 31.39
C GLU H 248 29.98 1.49 31.47
N PHE H 249 29.51 0.85 30.40
CA PHE H 249 28.13 0.44 30.31
C PHE H 249 27.92 -1.00 30.81
N PHE H 250 27.12 -1.16 31.88
CA PHE H 250 26.82 -2.46 32.46
C PHE H 250 25.48 -3.00 31.98
N TYR H 251 25.45 -4.30 31.73
CA TYR H 251 24.24 -5.03 31.39
C TYR H 251 24.22 -6.28 32.25
N CYS H 252 23.19 -6.38 33.10
CA CYS H 252 23.11 -7.36 34.18
C CYS H 252 21.85 -8.16 34.08
N ASN H 253 21.99 -9.48 34.21
CA ASN H 253 20.97 -10.50 34.01
C ASN H 253 20.13 -10.57 35.25
N THR H 254 18.89 -10.08 35.18
CA THR H 254 18.02 -9.99 36.35
C THR H 254 17.13 -11.21 36.48
N SER H 255 17.57 -12.35 35.94
CA SER H 255 16.76 -13.56 36.07
C SER H 255 16.55 -13.95 37.51
N GLY H 256 17.58 -13.73 38.35
CA GLY H 256 17.56 -14.05 39.77
C GLY H 256 16.80 -13.09 40.63
N LEU H 257 16.47 -11.92 40.09
CA LEU H 257 15.75 -10.91 40.84
C LEU H 257 14.24 -11.05 40.62
N PHE H 258 13.80 -11.31 39.39
CA PHE H 258 12.39 -11.36 39.06
C PHE H 258 12.04 -12.85 38.95
N ASN H 259 11.68 -13.43 40.08
CA ASN H 259 11.77 -14.86 40.32
C ASN H 259 10.77 -15.08 41.43
N ASP H 260 9.80 -15.97 41.26
CA ASP H 260 8.81 -16.06 42.33
C ASP H 260 9.45 -16.61 43.58
N THR H 261 10.59 -17.27 43.42
CA THR H 261 11.25 -17.96 44.51
C THR H 261 12.65 -17.37 44.72
N ILE H 262 12.72 -16.13 45.22
CA ILE H 262 14.02 -15.51 45.44
C ILE H 262 14.75 -16.14 46.62
N SER H 263 16.08 -16.23 46.51
CA SER H 263 16.89 -16.83 47.57
C SER H 263 16.90 -15.94 48.81
N ASN H 264 16.83 -16.58 49.97
CA ASN H 264 17.15 -15.90 51.21
C ASN H 264 18.63 -15.55 51.24
N ALA H 265 19.46 -16.34 50.53
CA ALA H 265 20.90 -16.20 50.56
C ALA H 265 21.35 -15.04 49.68
N THR H 266 22.66 -14.86 49.58
CA THR H 266 23.22 -13.77 48.78
C THR H 266 22.88 -13.99 47.32
N ILE H 267 22.65 -12.90 46.57
CA ILE H 267 22.30 -12.99 45.17
C ILE H 267 23.41 -12.36 44.33
N MET H 268 23.86 -13.11 43.30
CA MET H 268 24.90 -12.68 42.39
C MET H 268 24.31 -12.64 40.99
N LEU H 269 24.36 -11.45 40.36
CA LEU H 269 23.89 -11.25 39.01
C LEU H 269 25.06 -11.19 38.03
N PRO H 270 24.99 -11.92 36.91
CA PRO H 270 26.03 -11.81 35.88
C PRO H 270 25.85 -10.58 35.02
N CYS H 271 26.96 -9.90 34.75
CA CYS H 271 26.94 -8.66 33.97
C CYS H 271 27.99 -8.73 32.88
N ARG H 272 27.83 -7.86 31.88
CA ARG H 272 28.89 -7.66 30.90
C ARG H 272 29.12 -6.18 30.75
N ILE H 273 30.37 -5.79 30.61
CA ILE H 273 30.68 -4.43 30.19
C ILE H 273 30.61 -4.43 28.68
N LYS H 274 29.77 -3.58 28.12
CA LYS H 274 29.51 -3.61 26.71
C LYS H 274 30.02 -2.36 26.01
N GLN H 275 30.63 -2.56 24.85
CA GLN H 275 31.06 -1.43 24.04
C GLN H 275 29.99 -1.00 23.07
N ILE H 276 29.14 -1.93 22.61
CA ILE H 276 28.08 -1.64 21.64
C ILE H 276 26.74 -1.58 22.36
N ILE H 277 26.11 -0.42 22.29
CA ILE H 277 24.85 -0.16 22.93
C ILE H 277 23.90 0.40 21.91
N ASN H 278 22.63 0.25 22.20
CA ASN H 278 21.60 0.97 21.49
C ASN H 278 21.33 2.22 22.30
N MET H 279 21.43 3.37 21.66
CA MET H 279 21.23 4.67 22.30
C MET H 279 19.78 4.92 22.62
N TRP H 280 19.54 5.43 23.81
CA TRP H 280 18.23 5.92 24.25
C TRP H 280 18.01 7.37 23.86
N GLN H 281 19.09 8.10 23.62
CA GLN H 281 19.00 9.48 23.17
C GLN H 281 18.33 9.55 21.81
N GLU H 282 18.69 8.62 20.94
CA GLU H 282 18.16 8.58 19.59
C GLU H 282 18.26 7.15 19.11
N VAL H 283 17.55 6.89 18.04
CA VAL H 283 17.58 5.55 17.48
C VAL H 283 18.92 5.41 16.77
N GLY H 284 19.69 4.41 17.18
CA GLY H 284 21.00 4.19 16.61
C GLY H 284 21.87 3.39 17.57
N LYS H 285 23.10 3.14 17.12
CA LYS H 285 24.05 2.37 17.89
C LYS H 285 25.33 3.16 18.11
N ALA H 286 25.85 3.07 19.32
CA ALA H 286 27.09 3.73 19.69
C ALA H 286 28.06 2.66 20.13
N ILE H 287 29.31 2.85 19.77
CA ILE H 287 30.41 1.99 20.16
C ILE H 287 31.35 2.84 21.01
N TYR H 288 31.65 2.37 22.22
CA TYR H 288 32.51 3.06 23.17
C TYR H 288 33.85 2.34 23.32
N ALA H 289 34.82 3.01 23.92
CA ALA H 289 36.16 2.45 24.06
C ALA H 289 36.17 1.30 25.05
N PRO H 290 37.18 0.42 24.93
CA PRO H 290 37.27 -0.67 25.88
C PRO H 290 37.43 -0.19 27.25
N PRO H 291 37.02 -0.97 28.27
CA PRO H 291 36.99 -0.50 29.66
C PRO H 291 38.38 -0.17 30.19
N ILE H 292 38.37 0.69 31.20
CA ILE H 292 39.62 1.12 31.83
C ILE H 292 40.24 -0.03 32.63
N LYS H 293 41.53 0.14 32.93
CA LYS H 293 42.23 -0.78 33.78
C LYS H 293 41.84 -0.53 35.24
N GLY H 294 41.91 -1.57 36.03
CA GLY H 294 41.64 -1.46 37.44
C GLY H 294 40.27 -1.93 37.82
N GLN H 295 39.98 -1.78 39.10
CA GLN H 295 38.70 -2.21 39.64
C GLN H 295 37.63 -1.16 39.37
N ILE H 296 36.52 -1.62 38.81
CA ILE H 296 35.37 -0.80 38.50
C ILE H 296 34.22 -1.26 39.40
N THR H 297 33.68 -0.36 40.22
CA THR H 297 32.62 -0.74 41.12
C THR H 297 31.66 0.42 41.27
N CYS H 298 30.37 0.08 41.39
CA CYS H 298 29.31 1.03 41.72
C CYS H 298 28.46 0.45 42.83
N LYS H 299 28.43 1.15 43.96
CA LYS H 299 27.50 0.86 45.05
C LYS H 299 26.38 1.87 44.92
N SER H 300 25.18 1.38 44.60
CA SER H 300 24.01 2.21 44.32
C SER H 300 22.85 1.78 45.19
N ASP H 301 21.92 2.71 45.40
CA ASP H 301 20.71 2.44 46.17
C ASP H 301 19.53 2.29 45.22
N ILE H 302 18.96 1.07 45.18
CA ILE H 302 17.76 0.80 44.38
C ILE H 302 16.59 1.45 45.09
N THR H 303 16.04 2.50 44.47
CA THR H 303 14.96 3.29 45.05
C THR H 303 13.63 3.12 44.32
N GLY H 304 13.61 2.48 43.15
CA GLY H 304 12.37 2.30 42.41
C GLY H 304 12.46 1.27 41.32
N LEU H 305 11.30 0.91 40.79
CA LEU H 305 11.18 -0.14 39.80
C LEU H 305 10.42 0.37 38.58
N LEU H 306 10.68 -0.24 37.40
CA LEU H 306 9.94 -0.04 36.14
C LEU H 306 9.39 -1.40 35.72
N LEU H 307 8.09 -1.60 35.85
CA LEU H 307 7.46 -2.89 35.66
C LEU H 307 6.43 -2.84 34.54
N LEU H 308 6.14 -4.01 33.97
CA LEU H 308 5.13 -4.13 32.95
C LEU H 308 4.28 -5.32 33.32
N ARG H 309 2.96 -5.12 33.30
CA ARG H 309 2.01 -6.17 33.66
C ARG H 309 1.54 -6.98 32.47
N ASP H 310 1.52 -8.28 32.63
CA ASP H 310 1.11 -9.11 31.51
C ASP H 310 -0.37 -8.90 31.22
N GLY H 311 -0.70 -8.81 29.94
CA GLY H 311 -2.08 -8.73 29.52
C GLY H 311 -2.84 -10.09 29.39
N GLY H 312 -4.15 -9.99 29.15
CA GLY H 312 -4.95 -11.16 28.88
C GLY H 312 -5.62 -11.80 30.08
N ASP H 313 -6.35 -12.88 29.78
CA ASP H 313 -7.05 -13.61 30.83
C ASP H 313 -6.02 -14.30 31.70
N THR H 314 -6.22 -14.26 33.02
CA THR H 314 -5.23 -14.77 33.95
C THR H 314 -5.31 -16.29 34.06
N THR H 315 -4.16 -16.94 33.87
CA THR H 315 -3.96 -18.34 34.19
C THR H 315 -3.48 -18.46 35.64
N ASP H 316 -4.10 -19.37 36.40
CA ASP H 316 -3.80 -19.61 37.81
C ASP H 316 -4.15 -18.41 38.68
N ASN H 317 -5.02 -17.54 38.17
CA ASN H 317 -5.36 -16.33 38.90
C ASN H 317 -4.13 -15.56 39.37
N THR H 318 -3.05 -15.53 38.58
CA THR H 318 -1.86 -14.76 38.96
C THR H 318 -1.65 -13.64 37.94
N GLU H 319 -1.29 -12.47 38.44
CA GLU H 319 -0.93 -11.33 37.60
C GLU H 319 0.59 -11.25 37.53
N ILE H 320 1.14 -11.23 36.32
CA ILE H 320 2.57 -11.35 36.18
C ILE H 320 3.15 -9.99 35.87
N PHE H 321 4.27 -9.67 36.49
CA PHE H 321 4.96 -8.41 36.25
C PHE H 321 6.38 -8.68 35.80
N ARG H 322 6.86 -7.85 34.88
CA ARG H 322 8.22 -8.02 34.39
C ARG H 322 8.95 -6.71 34.25
N PRO H 323 10.25 -6.71 34.46
CA PRO H 323 10.99 -5.45 34.36
C PRO H 323 10.96 -4.85 32.96
N SER H 324 11.03 -3.53 32.87
CA SER H 324 10.98 -2.91 31.58
C SER H 324 11.79 -1.64 31.64
N GLY H 325 11.55 -0.72 30.71
CA GLY H 325 12.28 0.52 30.66
C GLY H 325 12.61 0.92 29.25
N GLY H 326 13.65 1.73 29.09
CA GLY H 326 14.09 2.12 27.77
C GLY H 326 13.80 3.56 27.48
N ASP H 327 12.64 4.04 27.95
CA ASP H 327 12.27 5.44 27.82
C ASP H 327 12.82 6.15 29.04
N MET H 328 13.92 6.89 28.83
CA MET H 328 14.55 7.55 29.98
C MET H 328 13.69 8.66 30.56
N ARG H 329 12.72 9.17 29.81
CA ARG H 329 11.77 10.11 30.37
C ARG H 329 11.02 9.49 31.57
N ASP H 330 10.66 8.21 31.47
CA ASP H 330 10.01 7.55 32.59
C ASP H 330 10.87 7.68 33.83
N ASN H 331 12.20 7.62 33.66
CA ASN H 331 13.13 7.76 34.79
C ASN H 331 13.00 9.12 35.45
N TRP H 332 12.91 10.18 34.65
CA TRP H 332 12.73 11.48 35.28
C TRP H 332 11.35 11.62 35.91
N ARG H 333 10.32 11.10 35.26
CA ARG H 333 8.99 11.20 35.84
C ARG H 333 9.00 10.60 37.25
N SER H 334 9.90 9.67 37.55
CA SER H 334 9.97 9.15 38.91
C SER H 334 10.41 10.21 39.92
N GLU H 335 11.06 11.28 39.45
CA GLU H 335 11.58 12.38 40.28
C GLU H 335 10.81 13.68 40.14
N LEU H 336 10.16 13.94 39.00
CA LEU H 336 9.52 15.22 38.78
C LEU H 336 8.05 15.21 39.06
N TYR H 337 7.50 14.11 39.55
CA TYR H 337 6.05 13.99 39.66
C TYR H 337 5.37 15.07 40.46
N LYS H 338 6.04 15.56 41.48
CA LYS H 338 5.48 16.47 42.47
C LYS H 338 5.66 17.92 42.09
N TYR H 339 6.11 18.19 40.87
CA TYR H 339 6.45 19.53 40.40
C TYR H 339 5.62 19.91 39.18
N LYS H 340 5.13 21.15 39.19
CA LYS H 340 4.46 21.77 38.05
C LYS H 340 4.96 23.20 37.92
N VAL H 341 4.93 23.70 36.69
CA VAL H 341 5.37 25.05 36.37
C VAL H 341 4.14 25.95 36.26
N VAL H 342 4.22 27.12 36.94
CA VAL H 342 3.12 28.10 36.97
C VAL H 342 3.62 29.48 36.58
N GLU H 343 2.74 30.21 35.89
CA GLU H 343 2.99 31.58 35.46
C GLU H 343 2.20 32.50 36.35
#